data_6HJ7
#
_entry.id   6HJ7
#
_entity_poly.entity_id   1
_entity_poly.type   'polypeptide(L)'
_entity_poly.pdbx_seq_one_letter_code
;MHHHHHHGSGSGLVPRGSMLYNVSKGVVYSDTALQGQDGDREGMWVGAGGALAPNTSSLFPPEPPGASSNIIPVYCALLA
TVILGLLAYVAFKCWRSHKQRQQLAKARTVELGDPDRDQRRGDSNVFVDSPPSLEPCIPSQGPHPDLGCQLYLHIPQQQQ
EEVQRLLMMGEPAKGWQELAGHLGYQAEAVETMACDQMPAYTLLRNWAAQEGNRATLRVLEDALAAIGREDVVQVLSSPA
ESSSVV
;
_entity_poly.pdbx_strand_id   A
#
# COMPACT_ATOMS: atom_id res chain seq x y z
N PRO A 145 22.42 -0.60 -13.18
CA PRO A 145 21.56 -1.48 -13.98
C PRO A 145 20.82 -2.50 -13.13
N ASP A 146 19.70 -3.00 -13.64
CA ASP A 146 18.89 -3.98 -12.92
C ASP A 146 19.20 -5.39 -13.39
N LEU A 147 19.88 -6.17 -12.55
CA LEU A 147 20.25 -7.54 -12.88
C LEU A 147 19.54 -8.53 -11.96
N GLY A 148 19.55 -8.23 -10.66
CA GLY A 148 18.89 -9.09 -9.70
C GLY A 148 17.42 -8.78 -9.53
N CYS A 149 17.07 -8.20 -8.39
CA CYS A 149 15.68 -7.85 -8.12
C CYS A 149 15.55 -7.17 -6.75
N GLN A 150 15.26 -5.88 -6.76
CA GLN A 150 15.12 -5.12 -5.53
C GLN A 150 14.10 -5.77 -4.60
N LEU A 151 14.10 -5.35 -3.34
CA LEU A 151 13.17 -5.90 -2.35
C LEU A 151 11.78 -5.28 -2.50
N TYR A 152 10.80 -6.11 -2.79
CA TYR A 152 9.42 -5.65 -2.95
C TYR A 152 8.75 -5.44 -1.60
N LEU A 153 8.70 -6.50 -0.81
CA LEU A 153 8.09 -6.43 0.52
C LEU A 153 9.11 -6.03 1.58
N HIS A 154 10.38 -6.28 1.29
CA HIS A 154 11.46 -5.95 2.22
C HIS A 154 12.01 -4.56 1.92
N ILE A 155 11.19 -3.72 1.31
CA ILE A 155 11.60 -2.36 0.97
C ILE A 155 12.20 -1.65 2.18
N PRO A 156 13.03 -0.63 1.91
CA PRO A 156 13.68 0.16 2.97
C PRO A 156 12.70 1.03 3.73
N GLN A 157 13.04 1.36 4.98
CA GLN A 157 12.19 2.20 5.81
C GLN A 157 11.81 3.48 5.09
N GLN A 158 12.77 4.04 4.35
CA GLN A 158 12.54 5.28 3.62
C GLN A 158 11.37 5.14 2.66
N GLN A 159 11.40 4.07 1.85
CA GLN A 159 10.33 3.82 0.88
C GLN A 159 9.05 3.40 1.59
N GLN A 160 9.20 2.68 2.70
CA GLN A 160 8.04 2.21 3.47
C GLN A 160 7.22 3.39 3.98
N GLU A 161 7.87 4.28 4.73
CA GLU A 161 7.20 5.45 5.29
C GLU A 161 6.75 6.39 4.18
N GLU A 162 7.52 6.45 3.10
CA GLU A 162 7.20 7.31 1.97
C GLU A 162 5.81 6.97 1.41
N VAL A 163 5.55 5.68 1.24
CA VAL A 163 4.26 5.23 0.72
C VAL A 163 3.15 5.43 1.73
N GLN A 164 3.41 5.04 2.98
CA GLN A 164 2.42 5.19 4.05
C GLN A 164 1.92 6.63 4.13
N ARG A 165 2.85 7.57 4.09
CA ARG A 165 2.50 8.99 4.18
C ARG A 165 1.81 9.45 2.90
N LEU A 166 2.23 8.90 1.76
CA LEU A 166 1.64 9.25 0.48
C LEU A 166 0.14 9.02 0.48
N LEU A 167 -0.27 7.81 0.81
CA LEU A 167 -1.68 7.46 0.86
C LEU A 167 -2.45 8.40 1.78
N MET A 168 -1.82 8.77 2.89
CA MET A 168 -2.44 9.67 3.86
C MET A 168 -1.94 11.10 3.66
N MET A 169 -1.59 11.43 2.43
CA MET A 169 -1.10 12.77 2.10
C MET A 169 -2.16 13.82 2.41
N GLY A 170 -1.71 15.06 2.58
CA GLY A 170 -2.64 16.14 2.88
C GLY A 170 -3.79 16.22 1.88
N GLU A 171 -3.49 15.89 0.62
CA GLU A 171 -4.50 15.93 -0.42
C GLU A 171 -5.58 14.87 -0.18
N PRO A 172 -6.85 15.29 -0.24
CA PRO A 172 -8.00 14.40 -0.03
C PRO A 172 -8.16 13.40 -1.17
N ALA A 173 -8.20 12.12 -0.81
CA ALA A 173 -8.37 11.06 -1.81
C ALA A 173 -9.58 11.32 -2.69
N LYS A 174 -9.64 10.64 -3.82
CA LYS A 174 -10.76 10.78 -4.75
C LYS A 174 -11.39 9.43 -5.06
N GLY A 175 -11.40 8.54 -4.09
CA GLY A 175 -11.98 7.23 -4.28
C GLY A 175 -11.53 6.23 -3.22
N TRP A 176 -11.83 6.54 -1.96
CA TRP A 176 -11.45 5.66 -0.86
C TRP A 176 -12.42 4.50 -0.72
N GLN A 177 -13.72 4.81 -0.77
CA GLN A 177 -14.75 3.80 -0.66
C GLN A 177 -14.61 2.75 -1.76
N GLU A 178 -14.58 3.20 -3.01
CA GLU A 178 -14.46 2.31 -4.15
C GLU A 178 -13.29 1.35 -3.97
N LEU A 179 -12.24 1.84 -3.31
CA LEU A 179 -11.05 1.02 -3.06
C LEU A 179 -11.36 -0.11 -2.07
N ALA A 180 -11.93 0.26 -0.93
CA ALA A 180 -12.28 -0.71 0.10
C ALA A 180 -13.15 -1.82 -0.48
N GLY A 181 -14.25 -1.44 -1.11
CA GLY A 181 -15.16 -2.41 -1.69
C GLY A 181 -14.50 -3.24 -2.78
N HIS A 182 -13.80 -2.56 -3.68
CA HIS A 182 -13.11 -3.23 -4.78
C HIS A 182 -12.20 -4.35 -4.26
N LEU A 183 -11.49 -4.06 -3.18
CA LEU A 183 -10.59 -5.04 -2.58
C LEU A 183 -11.37 -6.20 -1.96
N GLY A 184 -12.63 -5.95 -1.65
CA GLY A 184 -13.46 -6.97 -1.06
C GLY A 184 -13.60 -6.82 0.44
N TYR A 185 -13.51 -5.57 0.92
CA TYR A 185 -13.62 -5.30 2.35
C TYR A 185 -15.07 -5.00 2.74
N GLN A 186 -15.51 -5.58 3.85
CA GLN A 186 -16.87 -5.38 4.33
C GLN A 186 -17.01 -4.04 5.03
N ALA A 187 -18.23 -3.51 5.07
CA ALA A 187 -18.49 -2.23 5.71
C ALA A 187 -17.94 -2.21 7.13
N GLU A 188 -18.06 -3.33 7.83
CA GLU A 188 -17.58 -3.44 9.20
C GLU A 188 -16.06 -3.33 9.24
N ALA A 189 -15.40 -3.94 8.26
CA ALA A 189 -13.95 -3.92 8.19
C ALA A 189 -13.42 -2.51 7.90
N VAL A 190 -13.88 -1.94 6.79
CA VAL A 190 -13.47 -0.59 6.40
C VAL A 190 -13.65 0.39 7.55
N GLU A 191 -14.75 0.25 8.27
CA GLU A 191 -15.04 1.14 9.39
C GLU A 191 -14.08 0.88 10.56
N THR A 192 -13.72 -0.39 10.73
CA THR A 192 -12.82 -0.78 11.80
C THR A 192 -11.45 -0.14 11.63
N MET A 193 -10.80 -0.46 10.52
CA MET A 193 -9.47 0.09 10.23
C MET A 193 -9.52 1.61 10.15
N ALA A 194 -10.56 2.13 9.50
CA ALA A 194 -10.72 3.58 9.35
C ALA A 194 -10.66 4.27 10.71
N CYS A 195 -11.29 3.66 11.71
CA CYS A 195 -11.32 4.22 13.05
C CYS A 195 -9.91 4.40 13.60
N ASP A 196 -9.04 3.44 13.27
CA ASP A 196 -7.65 3.48 13.74
C ASP A 196 -6.94 4.72 13.21
N GLN A 197 -5.70 4.91 13.62
CA GLN A 197 -4.91 6.06 13.19
C GLN A 197 -4.01 5.69 12.02
N MET A 198 -3.56 4.44 11.98
CA MET A 198 -2.70 3.96 10.91
C MET A 198 -3.42 2.95 10.03
N PRO A 199 -4.30 3.45 9.14
CA PRO A 199 -5.07 2.61 8.23
C PRO A 199 -4.19 1.95 7.16
N ALA A 200 -3.17 2.67 6.71
CA ALA A 200 -2.26 2.15 5.70
C ALA A 200 -1.50 0.93 6.20
N TYR A 201 -0.91 1.05 7.39
CA TYR A 201 -0.16 -0.04 7.98
C TYR A 201 -1.09 -1.18 8.41
N THR A 202 -2.22 -0.80 9.02
CA THR A 202 -3.20 -1.77 9.48
C THR A 202 -3.81 -2.55 8.31
N LEU A 203 -3.99 -1.85 7.19
CA LEU A 203 -4.57 -2.47 6.00
C LEU A 203 -3.62 -3.52 5.42
N LEU A 204 -2.38 -3.13 5.18
CA LEU A 204 -1.39 -4.03 4.62
C LEU A 204 -1.07 -5.15 5.61
N ARG A 205 -1.06 -4.83 6.89
CA ARG A 205 -0.77 -5.81 7.94
C ARG A 205 -1.87 -6.87 8.00
N ASN A 206 -3.11 -6.43 8.21
CA ASN A 206 -4.24 -7.35 8.29
C ASN A 206 -4.37 -8.17 7.01
N TRP A 207 -4.02 -7.55 5.89
CA TRP A 207 -4.09 -8.22 4.59
C TRP A 207 -3.17 -9.44 4.55
N ALA A 208 -1.87 -9.19 4.65
CA ALA A 208 -0.88 -10.27 4.64
C ALA A 208 -1.07 -11.21 5.83
N ALA A 209 -1.54 -10.65 6.95
CA ALA A 209 -1.76 -11.43 8.16
C ALA A 209 -2.92 -12.42 7.97
N GLN A 210 -4.02 -11.93 7.40
CA GLN A 210 -5.19 -12.76 7.17
C GLN A 210 -4.96 -13.71 5.99
N GLU A 211 -4.42 -13.16 4.90
CA GLU A 211 -4.15 -13.96 3.71
C GLU A 211 -3.06 -15.00 3.98
N GLY A 212 -2.04 -14.60 4.74
CA GLY A 212 -0.95 -15.50 5.05
C GLY A 212 -0.36 -16.17 3.82
N ASN A 213 -0.42 -15.46 2.69
CA ASN A 213 0.10 -16.00 1.43
C ASN A 213 1.43 -15.33 1.09
N ARG A 214 1.90 -15.57 -0.14
CA ARG A 214 3.16 -15.01 -0.59
C ARG A 214 2.94 -13.65 -1.27
N ALA A 215 1.73 -13.12 -1.11
CA ALA A 215 1.39 -11.83 -1.71
C ALA A 215 2.37 -10.74 -1.26
N THR A 216 2.78 -9.90 -2.21
CA THR A 216 3.72 -8.82 -1.92
C THR A 216 3.09 -7.47 -2.19
N LEU A 217 3.84 -6.40 -1.93
CA LEU A 217 3.36 -5.04 -2.16
C LEU A 217 2.81 -4.88 -3.58
N ARG A 218 3.33 -5.69 -4.49
CA ARG A 218 2.90 -5.64 -5.89
C ARG A 218 1.38 -5.72 -5.98
N VAL A 219 0.77 -6.44 -5.05
CA VAL A 219 -0.69 -6.60 -5.03
C VAL A 219 -1.38 -5.25 -4.87
N LEU A 220 -0.75 -4.35 -4.12
CA LEU A 220 -1.30 -3.02 -3.89
C LEU A 220 -1.01 -2.10 -5.07
N GLU A 221 0.24 -2.07 -5.50
CA GLU A 221 0.65 -1.23 -6.62
C GLU A 221 -0.22 -1.51 -7.85
N ASP A 222 -0.54 -2.77 -8.07
CA ASP A 222 -1.36 -3.18 -9.20
C ASP A 222 -2.82 -2.84 -8.96
N ALA A 223 -3.34 -3.28 -7.82
CA ALA A 223 -4.73 -3.02 -7.47
C ALA A 223 -5.05 -1.53 -7.54
N LEU A 224 -4.07 -0.71 -7.17
CA LEU A 224 -4.25 0.74 -7.18
C LEU A 224 -4.01 1.30 -8.58
N ALA A 225 -2.97 0.82 -9.24
CA ALA A 225 -2.63 1.27 -10.59
C ALA A 225 -3.84 1.16 -11.52
N ALA A 226 -4.66 0.15 -11.28
CA ALA A 226 -5.85 -0.07 -12.10
C ALA A 226 -6.74 1.17 -12.12
N ILE A 227 -6.72 1.93 -11.03
CA ILE A 227 -7.51 3.14 -10.92
C ILE A 227 -6.88 4.28 -11.69
N GLY A 228 -5.60 4.14 -12.02
CA GLY A 228 -4.90 5.18 -12.76
C GLY A 228 -4.13 6.12 -11.86
N ARG A 229 -3.57 5.58 -10.79
CA ARG A 229 -2.79 6.39 -9.84
C ARG A 229 -1.31 6.36 -10.17
N GLU A 230 -0.91 7.16 -11.15
CA GLU A 230 0.49 7.22 -11.58
C GLU A 230 1.28 8.16 -10.67
N ASP A 231 0.63 9.23 -10.21
CA ASP A 231 1.27 10.20 -9.33
C ASP A 231 1.95 9.50 -8.16
N VAL A 232 1.18 8.74 -7.39
CA VAL A 232 1.70 8.03 -6.24
C VAL A 232 2.81 7.06 -6.64
N VAL A 233 2.67 6.46 -7.82
CA VAL A 233 3.66 5.52 -8.32
C VAL A 233 4.97 6.23 -8.65
N GLN A 234 4.86 7.46 -9.14
CA GLN A 234 6.04 8.25 -9.49
C GLN A 234 6.80 8.67 -8.25
N VAL A 235 6.07 9.04 -7.20
CA VAL A 235 6.69 9.46 -5.95
C VAL A 235 7.30 8.29 -5.21
N LEU A 236 6.67 7.13 -5.33
CA LEU A 236 7.16 5.92 -4.67
C LEU A 236 8.30 5.30 -5.46
N SER A 237 8.19 5.32 -6.78
CA SER A 237 9.21 4.76 -7.66
C SER A 237 10.00 5.86 -8.36
N SER A 238 10.49 6.81 -7.58
CA SER A 238 11.25 7.92 -8.12
C SER A 238 12.39 7.42 -9.01
N PRO A 239 12.91 8.31 -9.88
CA PRO A 239 14.00 7.98 -10.79
C PRO A 239 15.33 7.77 -10.08
N ALA A 240 16.22 7.03 -10.71
CA ALA A 240 17.54 6.77 -10.12
C ALA A 240 18.42 8.01 -10.17
N GLU A 241 19.66 7.87 -9.69
CA GLU A 241 20.60 8.98 -9.67
C GLU A 241 21.31 9.11 -11.02
N SER A 242 21.88 10.28 -11.26
CA SER A 242 22.58 10.54 -12.51
C SER A 242 24.09 10.44 -12.32
N SER A 243 24.83 10.41 -13.42
CA SER A 243 26.29 10.32 -13.36
C SER A 243 26.91 11.71 -13.25
N SER A 244 26.42 12.64 -14.04
CA SER A 244 26.94 14.01 -14.04
C SER A 244 26.89 14.59 -12.62
N VAL A 245 27.72 15.60 -12.38
CA VAL A 245 27.79 16.25 -11.08
C VAL A 245 26.42 16.80 -10.68
N VAL A 246 25.69 17.32 -11.65
CA VAL A 246 24.36 17.88 -11.40
C VAL A 246 23.38 17.45 -12.48
N PRO A 145 9.55 -0.07 19.80
CA PRO A 145 8.69 -0.21 18.62
C PRO A 145 9.28 -1.17 17.59
N ASP A 146 10.04 -2.15 18.06
CA ASP A 146 10.66 -3.13 17.18
C ASP A 146 11.05 -4.39 17.95
N LEU A 147 10.39 -5.50 17.64
CA LEU A 147 10.66 -6.77 18.31
C LEU A 147 11.52 -7.66 17.43
N GLY A 148 11.20 -7.71 16.13
CA GLY A 148 11.94 -8.54 15.21
C GLY A 148 11.54 -10.00 15.28
N CYS A 149 10.44 -10.34 14.60
CA CYS A 149 9.95 -11.71 14.59
C CYS A 149 9.42 -12.09 13.22
N GLN A 150 8.70 -11.16 12.59
CA GLN A 150 8.14 -11.40 11.26
C GLN A 150 9.06 -10.85 10.17
N LEU A 151 9.31 -11.65 9.15
CA LEU A 151 10.17 -11.25 8.04
C LEU A 151 9.49 -10.17 7.20
N TYR A 152 8.17 -10.23 7.13
CA TYR A 152 7.41 -9.27 6.34
C TYR A 152 7.59 -7.85 6.89
N LEU A 153 7.66 -7.74 8.21
CA LEU A 153 7.84 -6.45 8.87
C LEU A 153 9.31 -6.08 8.94
N HIS A 154 10.16 -6.90 8.34
CA HIS A 154 11.60 -6.66 8.33
C HIS A 154 11.96 -5.59 7.31
N ILE A 155 10.99 -5.21 6.48
CA ILE A 155 11.21 -4.19 5.46
C ILE A 155 11.83 -2.93 6.06
N PRO A 156 12.52 -2.16 5.22
CA PRO A 156 13.17 -0.91 5.64
C PRO A 156 12.17 0.18 5.98
N GLN A 157 12.46 0.94 7.03
CA GLN A 157 11.58 2.02 7.46
C GLN A 157 11.51 3.12 6.40
N GLN A 158 12.62 3.34 5.71
CA GLN A 158 12.68 4.36 4.67
C GLN A 158 11.53 4.20 3.69
N GLN A 159 11.42 3.00 3.10
CA GLN A 159 10.36 2.72 2.14
C GLN A 159 9.00 2.72 2.81
N GLN A 160 8.91 2.11 3.99
CA GLN A 160 7.66 2.05 4.74
C GLN A 160 7.09 3.45 4.94
N GLU A 161 7.93 4.38 5.37
CA GLU A 161 7.51 5.75 5.60
C GLU A 161 7.07 6.42 4.31
N GLU A 162 7.82 6.19 3.24
CA GLU A 162 7.52 6.76 1.94
C GLU A 162 6.09 6.42 1.51
N VAL A 163 5.80 5.12 1.46
CA VAL A 163 4.47 4.65 1.07
C VAL A 163 3.40 5.25 1.96
N GLN A 164 3.50 5.01 3.26
CA GLN A 164 2.53 5.51 4.22
C GLN A 164 2.35 7.02 4.06
N ARG A 165 3.43 7.71 3.74
CA ARG A 165 3.40 9.16 3.55
C ARG A 165 2.52 9.53 2.37
N LEU A 166 2.59 8.73 1.31
CA LEU A 166 1.79 8.97 0.11
C LEU A 166 0.35 8.53 0.31
N LEU A 167 0.17 7.27 0.68
CA LEU A 167 -1.16 6.72 0.91
C LEU A 167 -1.92 7.54 1.95
N MET A 168 -1.19 8.03 2.95
CA MET A 168 -1.80 8.83 4.01
C MET A 168 -1.41 10.30 3.87
N MET A 169 -1.19 10.72 2.63
CA MET A 169 -0.80 12.10 2.36
C MET A 169 -1.76 13.08 3.04
N GLY A 170 -1.30 14.31 3.23
CA GLY A 170 -2.14 15.31 3.87
C GLY A 170 -3.51 15.43 3.23
N GLU A 171 -3.56 15.18 1.92
CA GLU A 171 -4.82 15.26 1.19
C GLU A 171 -5.68 14.02 1.44
N PRO A 172 -7.00 14.18 1.31
CA PRO A 172 -7.96 13.09 1.52
C PRO A 172 -7.89 12.03 0.42
N ALA A 173 -7.73 10.77 0.83
CA ALA A 173 -7.65 9.68 -0.12
C ALA A 173 -8.83 9.68 -1.09
N LYS A 174 -8.53 9.85 -2.37
CA LYS A 174 -9.56 9.88 -3.39
C LYS A 174 -10.18 8.50 -3.58
N GLY A 175 -11.50 8.41 -3.35
CA GLY A 175 -12.19 7.14 -3.50
C GLY A 175 -11.74 6.11 -2.47
N TRP A 176 -12.18 6.28 -1.24
CA TRP A 176 -11.83 5.36 -0.16
C TRP A 176 -12.68 4.10 -0.21
N GLN A 177 -14.00 4.28 -0.19
CA GLN A 177 -14.93 3.15 -0.23
C GLN A 177 -14.82 2.41 -1.57
N GLU A 178 -14.61 3.17 -2.65
CA GLU A 178 -14.49 2.59 -3.98
C GLU A 178 -13.41 1.51 -4.00
N LEU A 179 -12.24 1.84 -3.44
CA LEU A 179 -11.14 0.90 -3.40
C LEU A 179 -11.45 -0.28 -2.48
N ALA A 180 -12.02 0.02 -1.32
CA ALA A 180 -12.37 -1.01 -0.34
C ALA A 180 -13.33 -2.02 -0.95
N GLY A 181 -14.34 -1.52 -1.65
CA GLY A 181 -15.33 -2.40 -2.27
C GLY A 181 -14.79 -3.08 -3.52
N HIS A 182 -14.24 -2.30 -4.43
CA HIS A 182 -13.69 -2.84 -5.67
C HIS A 182 -12.68 -3.94 -5.38
N LEU A 183 -11.86 -3.73 -4.37
CA LEU A 183 -10.85 -4.72 -3.99
C LEU A 183 -11.50 -5.94 -3.34
N GLY A 184 -12.70 -5.76 -2.82
CA GLY A 184 -13.42 -6.85 -2.18
C GLY A 184 -13.03 -7.02 -0.72
N TYR A 185 -13.08 -5.93 0.02
CA TYR A 185 -12.73 -5.96 1.43
C TYR A 185 -13.86 -6.56 2.27
N GLN A 186 -13.50 -7.44 3.20
CA GLN A 186 -14.49 -8.08 4.06
C GLN A 186 -15.18 -7.06 4.96
N ALA A 187 -16.48 -7.23 5.14
CA ALA A 187 -17.26 -6.32 5.98
C ALA A 187 -16.66 -6.20 7.36
N GLU A 188 -16.25 -7.34 7.93
CA GLU A 188 -15.66 -7.35 9.26
C GLU A 188 -14.29 -6.67 9.25
N ALA A 189 -13.55 -6.86 8.17
CA ALA A 189 -12.22 -6.26 8.04
C ALA A 189 -12.31 -4.75 7.87
N VAL A 190 -13.00 -4.31 6.82
CA VAL A 190 -13.16 -2.89 6.55
C VAL A 190 -13.73 -2.16 7.76
N GLU A 191 -14.61 -2.84 8.49
CA GLU A 191 -15.24 -2.26 9.68
C GLU A 191 -14.22 -2.13 10.81
N THR A 192 -13.33 -3.12 10.93
CA THR A 192 -12.32 -3.11 11.97
C THR A 192 -11.34 -1.96 11.78
N MET A 193 -10.83 -1.82 10.56
CA MET A 193 -9.88 -0.76 10.25
C MET A 193 -10.56 0.61 10.27
N ALA A 194 -11.78 0.66 9.73
CA ALA A 194 -12.54 1.90 9.69
C ALA A 194 -12.74 2.47 11.09
N CYS A 195 -13.04 1.58 12.04
CA CYS A 195 -13.25 2.00 13.43
C CYS A 195 -11.93 2.27 14.12
N ASP A 196 -10.92 1.46 13.81
CA ASP A 196 -9.60 1.60 14.41
C ASP A 196 -8.99 2.96 14.06
N GLN A 197 -7.98 3.36 14.83
CA GLN A 197 -7.32 4.64 14.60
C GLN A 197 -6.26 4.52 13.51
N MET A 198 -5.64 3.35 13.43
CA MET A 198 -4.61 3.09 12.43
C MET A 198 -5.08 2.07 11.40
N PRO A 199 -5.93 2.52 10.48
CA PRO A 199 -6.47 1.65 9.42
C PRO A 199 -5.41 1.26 8.40
N ALA A 200 -4.49 2.17 8.11
CA ALA A 200 -3.43 1.91 7.15
C ALA A 200 -2.52 0.78 7.64
N TYR A 201 -2.09 0.87 8.88
CA TYR A 201 -1.21 -0.14 9.47
C TYR A 201 -1.97 -1.44 9.72
N THR A 202 -3.19 -1.31 10.24
CA THR A 202 -4.03 -2.48 10.53
C THR A 202 -4.40 -3.22 9.25
N LEU A 203 -4.59 -2.47 8.17
CA LEU A 203 -4.95 -3.05 6.88
C LEU A 203 -3.78 -3.87 6.30
N LEU A 204 -2.63 -3.22 6.16
CA LEU A 204 -1.45 -3.88 5.63
C LEU A 204 -1.07 -5.09 6.48
N ARG A 205 -1.25 -4.97 7.79
CA ARG A 205 -0.93 -6.06 8.71
C ARG A 205 -1.86 -7.25 8.49
N ASN A 206 -3.17 -6.99 8.56
CA ASN A 206 -4.16 -8.04 8.37
C ASN A 206 -4.08 -8.62 6.97
N TRP A 207 -3.74 -7.78 6.00
CA TRP A 207 -3.62 -8.21 4.61
C TRP A 207 -2.56 -9.29 4.47
N ALA A 208 -1.32 -8.94 4.76
CA ALA A 208 -0.21 -9.89 4.67
C ALA A 208 -0.45 -11.10 5.56
N ALA A 209 -1.05 -10.87 6.72
CA ALA A 209 -1.34 -11.95 7.66
C ALA A 209 -2.33 -12.94 7.06
N GLN A 210 -3.52 -12.46 6.72
CA GLN A 210 -4.56 -13.31 6.14
C GLN A 210 -4.11 -13.88 4.80
N GLU A 211 -3.27 -13.13 4.10
CA GLU A 211 -2.76 -13.56 2.80
C GLU A 211 -1.86 -14.78 2.95
N GLY A 212 -0.78 -14.61 3.70
CA GLY A 212 0.16 -15.71 3.90
C GLY A 212 1.02 -15.97 2.68
N ASN A 213 0.92 -15.10 1.68
CA ASN A 213 1.69 -15.25 0.46
C ASN A 213 2.83 -14.24 0.41
N ARG A 214 3.53 -14.20 -0.72
CA ARG A 214 4.65 -13.28 -0.90
C ARG A 214 4.16 -11.93 -1.41
N ALA A 215 2.86 -11.71 -1.36
CA ALA A 215 2.27 -10.46 -1.82
C ALA A 215 2.96 -9.26 -1.18
N THR A 216 3.66 -8.49 -2.01
CA THR A 216 4.38 -7.31 -1.52
C THR A 216 3.65 -6.03 -1.92
N LEU A 217 4.31 -4.90 -1.68
CA LEU A 217 3.72 -3.60 -2.02
C LEU A 217 3.25 -3.57 -3.47
N ARG A 218 3.88 -4.37 -4.31
CA ARG A 218 3.52 -4.44 -5.72
C ARG A 218 2.03 -4.72 -5.88
N VAL A 219 1.43 -5.34 -4.87
CA VAL A 219 0.01 -5.67 -4.90
C VAL A 219 -0.84 -4.40 -4.91
N LEU A 220 -0.37 -3.37 -4.21
CA LEU A 220 -1.08 -2.11 -4.13
C LEU A 220 -0.78 -1.23 -5.34
N GLU A 221 0.46 -1.27 -5.78
CA GLU A 221 0.89 -0.48 -6.94
C GLU A 221 0.12 -0.88 -8.18
N ASP A 222 -0.12 -2.18 -8.34
CA ASP A 222 -0.85 -2.70 -9.49
C ASP A 222 -2.35 -2.55 -9.28
N ALA A 223 -2.82 -2.91 -8.10
CA ALA A 223 -4.25 -2.81 -7.78
C ALA A 223 -4.74 -1.37 -7.86
N LEU A 224 -3.86 -0.44 -7.49
CA LEU A 224 -4.20 0.97 -7.52
C LEU A 224 -4.07 1.53 -8.94
N ALA A 225 -3.00 1.15 -9.62
CA ALA A 225 -2.77 1.60 -10.98
C ALA A 225 -3.95 1.30 -11.89
N ALA A 226 -4.59 0.15 -11.64
CA ALA A 226 -5.74 -0.26 -12.43
C ALA A 226 -6.85 0.80 -12.40
N ILE A 227 -6.88 1.57 -11.31
CA ILE A 227 -7.88 2.61 -11.16
C ILE A 227 -7.53 3.84 -12.00
N GLY A 228 -6.28 3.92 -12.42
CA GLY A 228 -5.84 5.05 -13.22
C GLY A 228 -5.07 6.08 -12.42
N ARG A 229 -4.48 5.64 -11.31
CA ARG A 229 -3.71 6.52 -10.45
C ARG A 229 -2.24 6.49 -10.81
N GLU A 230 -1.89 7.10 -11.93
CA GLU A 230 -0.50 7.14 -12.39
C GLU A 230 0.31 8.16 -11.60
N ASP A 231 -0.36 9.20 -11.13
CA ASP A 231 0.29 10.26 -10.36
C ASP A 231 1.14 9.66 -9.25
N VAL A 232 0.50 8.88 -8.38
CA VAL A 232 1.21 8.25 -7.26
C VAL A 232 2.25 7.24 -7.76
N VAL A 233 1.92 6.57 -8.86
CA VAL A 233 2.83 5.58 -9.45
C VAL A 233 4.14 6.22 -9.86
N GLN A 234 4.05 7.37 -10.53
CA GLN A 234 5.24 8.08 -10.98
C GLN A 234 6.06 8.59 -9.80
N VAL A 235 5.37 9.20 -8.83
CA VAL A 235 6.04 9.73 -7.65
C VAL A 235 6.88 8.66 -6.96
N LEU A 236 6.37 7.44 -6.94
CA LEU A 236 7.07 6.31 -6.31
C LEU A 236 8.14 5.76 -7.25
N SER A 237 7.84 5.74 -8.55
CA SER A 237 8.76 5.22 -9.54
C SER A 237 9.62 6.34 -10.11
N SER A 238 10.14 7.19 -9.23
CA SER A 238 10.98 8.31 -9.64
C SER A 238 12.43 7.86 -9.81
N PRO A 239 13.21 8.67 -10.55
CA PRO A 239 14.62 8.37 -10.81
C PRO A 239 15.48 8.54 -9.55
N ALA A 240 15.86 7.41 -8.95
CA ALA A 240 16.68 7.43 -7.75
C ALA A 240 17.02 6.01 -7.29
N GLU A 241 18.16 5.51 -7.73
CA GLU A 241 18.60 4.17 -7.36
C GLU A 241 20.11 4.09 -7.24
N SER A 242 20.60 4.01 -6.00
CA SER A 242 22.03 3.94 -5.74
C SER A 242 22.42 2.56 -5.24
N SER A 243 21.73 2.10 -4.20
CA SER A 243 22.01 0.79 -3.62
C SER A 243 21.46 -0.33 -4.50
N SER A 244 20.30 -0.09 -5.09
CA SER A 244 19.67 -1.09 -5.96
C SER A 244 20.28 -1.05 -7.36
N VAL A 245 20.42 -2.22 -7.97
CA VAL A 245 20.99 -2.32 -9.31
C VAL A 245 19.96 -2.85 -10.30
N VAL A 246 19.12 -3.77 -9.85
CA VAL A 246 18.09 -4.35 -10.70
C VAL A 246 18.59 -4.55 -12.13
N PRO A 145 17.02 -18.60 -0.77
CA PRO A 145 16.22 -18.24 -1.95
C PRO A 145 16.65 -16.90 -2.55
N ASP A 146 17.42 -16.97 -3.64
CA ASP A 146 17.90 -15.78 -4.31
C ASP A 146 17.30 -15.66 -5.72
N LEU A 147 17.13 -16.80 -6.37
CA LEU A 147 16.57 -16.84 -7.72
C LEU A 147 15.04 -16.86 -7.67
N GLY A 148 14.50 -17.50 -6.64
CA GLY A 148 13.06 -17.58 -6.50
C GLY A 148 12.38 -16.22 -6.57
N CYS A 149 12.58 -15.41 -5.54
CA CYS A 149 11.99 -14.08 -5.50
C CYS A 149 12.37 -13.35 -4.21
N GLN A 150 13.19 -12.31 -4.34
CA GLN A 150 13.63 -11.55 -3.19
C GLN A 150 12.44 -11.04 -2.37
N LEU A 151 12.72 -10.44 -1.22
CA LEU A 151 11.67 -9.92 -0.36
C LEU A 151 11.25 -8.52 -0.79
N TYR A 152 9.98 -8.35 -1.10
CA TYR A 152 9.44 -7.07 -1.53
C TYR A 152 9.28 -6.12 -0.34
N LEU A 153 9.06 -6.71 0.84
CA LEU A 153 8.88 -5.92 2.05
C LEU A 153 10.23 -5.59 2.69
N HIS A 154 11.31 -5.98 2.01
CA HIS A 154 12.66 -5.72 2.51
C HIS A 154 13.06 -4.27 2.27
N ILE A 155 12.20 -3.52 1.59
CA ILE A 155 12.47 -2.12 1.30
C ILE A 155 12.83 -1.35 2.58
N PRO A 156 13.63 -0.29 2.41
CA PRO A 156 14.06 0.56 3.53
C PRO A 156 12.92 1.37 4.12
N GLN A 157 13.09 1.79 5.37
CA GLN A 157 12.07 2.58 6.05
C GLN A 157 11.79 3.88 5.30
N GLN A 158 12.83 4.43 4.68
CA GLN A 158 12.70 5.67 3.93
C GLN A 158 11.55 5.59 2.93
N GLN A 159 11.59 4.58 2.07
CA GLN A 159 10.55 4.39 1.07
C GLN A 159 9.24 3.95 1.72
N GLN A 160 9.35 3.13 2.76
CA GLN A 160 8.17 2.62 3.47
C GLN A 160 7.34 3.78 4.01
N GLU A 161 8.00 4.76 4.62
CA GLU A 161 7.32 5.92 5.17
C GLU A 161 6.77 6.82 4.07
N GLU A 162 7.58 7.04 3.04
CA GLU A 162 7.18 7.87 1.92
C GLU A 162 5.83 7.44 1.37
N VAL A 163 5.66 6.12 1.20
CA VAL A 163 4.41 5.58 0.68
C VAL A 163 3.27 5.74 1.69
N GLN A 164 3.52 5.32 2.92
CA GLN A 164 2.52 5.43 3.97
C GLN A 164 2.00 6.87 4.09
N ARG A 165 2.93 7.83 4.07
CA ARG A 165 2.57 9.23 4.18
C ARG A 165 1.81 9.70 2.93
N LEU A 166 2.24 9.21 1.77
CA LEU A 166 1.62 9.57 0.51
C LEU A 166 0.12 9.27 0.54
N LEU A 167 -0.23 8.03 0.83
CA LEU A 167 -1.61 7.60 0.89
C LEU A 167 -2.41 8.47 1.87
N MET A 168 -1.75 8.89 2.95
CA MET A 168 -2.38 9.73 3.96
C MET A 168 -2.06 11.20 3.72
N MET A 169 -1.84 11.55 2.46
CA MET A 169 -1.52 12.92 2.10
C MET A 169 -2.60 13.89 2.61
N GLY A 170 -2.24 15.16 2.73
CA GLY A 170 -3.18 16.15 3.21
C GLY A 170 -4.51 16.11 2.47
N GLU A 171 -4.45 16.25 1.15
CA GLU A 171 -5.65 16.23 0.33
C GLU A 171 -6.26 14.82 0.29
N PRO A 172 -7.56 14.73 0.56
CA PRO A 172 -8.29 13.46 0.56
C PRO A 172 -8.45 12.88 -0.84
N ALA A 173 -8.20 11.58 -0.98
CA ALA A 173 -8.31 10.91 -2.26
C ALA A 173 -9.77 10.69 -2.65
N LYS A 174 -10.07 10.87 -3.93
CA LYS A 174 -11.43 10.70 -4.42
C LYS A 174 -11.71 9.23 -4.74
N GLY A 175 -12.36 8.54 -3.82
CA GLY A 175 -12.69 7.14 -4.02
C GLY A 175 -12.40 6.30 -2.79
N TRP A 176 -12.66 6.86 -1.61
CA TRP A 176 -12.41 6.15 -0.37
C TRP A 176 -13.23 4.87 -0.30
N GLN A 177 -14.55 5.00 -0.38
CA GLN A 177 -15.44 3.85 -0.32
C GLN A 177 -15.13 2.87 -1.45
N GLU A 178 -14.80 3.41 -2.62
CA GLU A 178 -14.48 2.58 -3.78
C GLU A 178 -13.28 1.68 -3.49
N LEU A 179 -12.24 2.26 -2.93
CA LEU A 179 -11.02 1.50 -2.60
C LEU A 179 -11.32 0.44 -1.56
N ALA A 180 -11.76 0.88 -0.38
CA ALA A 180 -12.09 -0.03 0.71
C ALA A 180 -13.04 -1.13 0.24
N GLY A 181 -14.09 -0.73 -0.47
CA GLY A 181 -15.06 -1.68 -0.96
C GLY A 181 -14.46 -2.67 -1.95
N HIS A 182 -13.78 -2.15 -2.97
CA HIS A 182 -13.15 -2.98 -3.99
C HIS A 182 -12.20 -3.99 -3.35
N LEU A 183 -11.55 -3.58 -2.26
CA LEU A 183 -10.62 -4.44 -1.56
C LEU A 183 -11.35 -5.56 -0.82
N GLY A 184 -12.62 -5.33 -0.53
CA GLY A 184 -13.43 -6.32 0.16
C GLY A 184 -13.88 -5.84 1.54
N TYR A 185 -13.52 -4.62 1.88
CA TYR A 185 -13.89 -4.04 3.17
C TYR A 185 -15.20 -3.27 3.06
N GLN A 186 -16.11 -3.51 4.00
CA GLN A 186 -17.40 -2.84 4.01
C GLN A 186 -17.28 -1.42 4.55
N ALA A 187 -18.29 -0.61 4.29
CA ALA A 187 -18.30 0.77 4.76
C ALA A 187 -18.18 0.85 6.27
N GLU A 188 -18.91 -0.03 6.96
CA GLU A 188 -18.89 -0.07 8.42
C GLU A 188 -17.52 -0.52 8.93
N ALA A 189 -16.89 -1.42 8.20
CA ALA A 189 -15.58 -1.94 8.58
C ALA A 189 -14.49 -0.89 8.33
N VAL A 190 -14.41 -0.41 7.11
CA VAL A 190 -13.42 0.60 6.74
C VAL A 190 -13.50 1.80 7.66
N GLU A 191 -14.71 2.14 8.09
CA GLU A 191 -14.92 3.27 8.98
C GLU A 191 -14.41 2.98 10.39
N THR A 192 -14.75 1.80 10.90
CA THR A 192 -14.33 1.39 12.23
C THR A 192 -12.80 1.45 12.37
N MET A 193 -12.11 0.99 11.32
CA MET A 193 -10.65 0.99 11.33
C MET A 193 -10.11 2.39 11.06
N ALA A 194 -10.75 3.10 10.14
CA ALA A 194 -10.34 4.45 9.79
C ALA A 194 -10.28 5.36 11.02
N CYS A 195 -11.15 5.07 11.98
CA CYS A 195 -11.20 5.86 13.22
C CYS A 195 -9.81 5.96 13.85
N ASP A 196 -9.29 4.82 14.31
CA ASP A 196 -7.97 4.80 14.93
C ASP A 196 -7.11 3.71 14.32
N GLN A 197 -6.95 3.75 13.01
CA GLN A 197 -6.15 2.76 12.30
C GLN A 197 -6.16 3.02 10.79
N MET A 198 -5.09 3.67 10.31
CA MET A 198 -4.98 3.99 8.89
C MET A 198 -5.34 2.78 8.03
N PRO A 199 -5.84 3.05 6.81
CA PRO A 199 -6.23 1.99 5.88
C PRO A 199 -5.04 1.24 5.32
N ALA A 200 -4.04 1.97 4.85
CA ALA A 200 -2.83 1.37 4.30
C ALA A 200 -2.23 0.36 5.27
N TYR A 201 -2.18 0.72 6.54
CA TYR A 201 -1.62 -0.16 7.56
C TYR A 201 -2.57 -1.32 7.85
N THR A 202 -3.80 -1.00 8.22
CA THR A 202 -4.80 -2.02 8.52
C THR A 202 -4.93 -3.02 7.38
N LEU A 203 -4.74 -2.55 6.15
CA LEU A 203 -4.83 -3.41 4.99
C LEU A 203 -3.66 -4.39 4.93
N LEU A 204 -2.45 -3.85 4.82
CA LEU A 204 -1.24 -4.67 4.76
C LEU A 204 -1.16 -5.60 5.97
N ARG A 205 -1.34 -5.02 7.16
CA ARG A 205 -1.29 -5.80 8.40
C ARG A 205 -2.19 -7.02 8.31
N ASN A 206 -3.48 -6.78 8.11
CA ASN A 206 -4.46 -7.86 8.00
C ASN A 206 -4.10 -8.81 6.85
N TRP A 207 -3.69 -8.23 5.73
CA TRP A 207 -3.33 -9.02 4.56
C TRP A 207 -2.28 -10.07 4.91
N ALA A 208 -1.10 -9.61 5.31
CA ALA A 208 -0.02 -10.52 5.68
C ALA A 208 -0.40 -11.38 6.88
N ALA A 209 -1.14 -10.78 7.81
CA ALA A 209 -1.58 -11.50 9.01
C ALA A 209 -2.46 -12.68 8.65
N GLN A 210 -3.24 -12.53 7.60
CA GLN A 210 -4.14 -13.59 7.15
C GLN A 210 -3.36 -14.70 6.44
N GLU A 211 -2.56 -14.32 5.45
CA GLU A 211 -1.76 -15.27 4.70
C GLU A 211 -0.27 -15.09 4.99
N GLY A 212 0.26 -13.93 4.63
CA GLY A 212 1.67 -13.66 4.86
C GLY A 212 2.57 -14.38 3.88
N ASN A 213 1.97 -15.17 3.00
CA ASN A 213 2.72 -15.93 2.01
C ASN A 213 2.59 -15.30 0.63
N ARG A 214 1.44 -15.51 -0.01
CA ARG A 214 1.17 -14.97 -1.33
C ARG A 214 1.05 -13.45 -1.29
N ALA A 215 0.76 -12.92 -0.09
CA ALA A 215 0.61 -11.49 0.09
C ALA A 215 1.81 -10.74 -0.49
N THR A 216 1.63 -10.16 -1.66
CA THR A 216 2.69 -9.42 -2.33
C THR A 216 2.30 -7.96 -2.54
N LEU A 217 3.24 -7.05 -2.29
CA LEU A 217 2.98 -5.62 -2.46
C LEU A 217 2.38 -5.33 -3.83
N ARG A 218 2.71 -6.16 -4.80
CA ARG A 218 2.21 -6.00 -6.16
C ARG A 218 0.68 -5.83 -6.15
N VAL A 219 0.01 -6.58 -5.29
CA VAL A 219 -1.43 -6.51 -5.18
C VAL A 219 -1.90 -5.08 -4.93
N LEU A 220 -1.12 -4.34 -4.18
CA LEU A 220 -1.45 -2.95 -3.87
C LEU A 220 -1.09 -2.03 -5.03
N GLU A 221 0.00 -2.35 -5.71
CA GLU A 221 0.45 -1.55 -6.85
C GLU A 221 -0.63 -1.47 -7.92
N ASP A 222 -1.17 -2.63 -8.30
CA ASP A 222 -2.22 -2.69 -9.31
C ASP A 222 -3.54 -2.18 -8.76
N ALA A 223 -3.93 -2.69 -7.59
CA ALA A 223 -5.18 -2.29 -6.96
C ALA A 223 -5.24 -0.78 -6.79
N LEU A 224 -4.09 -0.16 -6.52
CA LEU A 224 -4.02 1.28 -6.33
C LEU A 224 -3.87 1.99 -7.68
N ALA A 225 -3.14 1.38 -8.60
CA ALA A 225 -2.92 1.94 -9.92
C ALA A 225 -4.25 2.18 -10.64
N ALA A 226 -5.22 1.31 -10.37
CA ALA A 226 -6.54 1.43 -10.99
C ALA A 226 -7.16 2.79 -10.71
N ILE A 227 -6.72 3.43 -9.62
CA ILE A 227 -7.24 4.74 -9.24
C ILE A 227 -6.64 5.84 -10.11
N GLY A 228 -5.54 5.52 -10.78
CA GLY A 228 -4.88 6.49 -11.63
C GLY A 228 -3.91 7.37 -10.87
N ARG A 229 -3.22 6.79 -9.90
CA ARG A 229 -2.26 7.53 -9.10
C ARG A 229 -0.84 7.34 -9.63
N GLU A 230 -0.35 8.36 -10.34
CA GLU A 230 1.00 8.30 -10.89
C GLU A 230 2.05 8.71 -9.87
N ASP A 231 1.67 9.66 -9.00
CA ASP A 231 2.57 10.15 -7.97
C ASP A 231 3.18 8.99 -7.18
N VAL A 232 2.31 8.15 -6.62
CA VAL A 232 2.77 7.00 -5.84
C VAL A 232 3.73 6.13 -6.64
N VAL A 233 3.48 6.03 -7.95
CA VAL A 233 4.34 5.24 -8.83
C VAL A 233 5.66 5.95 -9.09
N GLN A 234 5.63 7.28 -9.07
CA GLN A 234 6.82 8.08 -9.31
C GLN A 234 7.70 8.14 -8.07
N VAL A 235 7.06 8.08 -6.91
CA VAL A 235 7.78 8.14 -5.63
C VAL A 235 8.40 6.78 -5.30
N LEU A 236 7.62 5.73 -5.45
CA LEU A 236 8.08 4.37 -5.17
C LEU A 236 8.86 3.80 -6.35
N SER A 237 8.36 4.07 -7.55
CA SER A 237 9.00 3.58 -8.77
C SER A 237 9.48 4.73 -9.63
N SER A 238 10.33 5.58 -9.06
CA SER A 238 10.86 6.73 -9.78
C SER A 238 11.47 6.30 -11.11
N PRO A 239 11.62 7.27 -12.03
CA PRO A 239 12.19 7.03 -13.36
C PRO A 239 13.68 6.72 -13.30
N ALA A 240 14.22 6.25 -14.42
CA ALA A 240 15.64 5.92 -14.50
C ALA A 240 16.20 6.23 -15.88
N GLU A 241 15.73 7.31 -16.48
CA GLU A 241 16.19 7.72 -17.81
C GLU A 241 15.74 9.14 -18.12
N SER A 242 16.66 10.09 -17.97
CA SER A 242 16.36 11.50 -18.22
C SER A 242 16.52 11.82 -19.71
N SER A 243 15.61 11.29 -20.52
CA SER A 243 15.64 11.52 -21.96
C SER A 243 14.44 12.33 -22.42
N SER A 244 14.71 13.51 -22.96
CA SER A 244 13.65 14.39 -23.44
C SER A 244 13.98 14.98 -24.79
N VAL A 245 12.99 15.57 -25.45
CA VAL A 245 13.18 16.17 -26.76
C VAL A 245 13.13 17.69 -26.69
N VAL A 246 13.87 18.35 -27.57
CA VAL A 246 13.91 19.81 -27.59
C VAL A 246 12.54 20.38 -27.97
N PRO A 145 24.48 -16.85 -9.85
CA PRO A 145 23.99 -16.93 -8.46
C PRO A 145 22.47 -16.96 -8.39
N ASP A 146 21.94 -17.87 -7.57
CA ASP A 146 20.49 -18.00 -7.41
C ASP A 146 20.00 -17.11 -6.28
N LEU A 147 18.75 -16.65 -6.39
CA LEU A 147 18.16 -15.79 -5.38
C LEU A 147 18.27 -16.42 -4.00
N GLY A 148 18.42 -15.58 -2.98
CA GLY A 148 18.53 -16.07 -1.62
C GLY A 148 17.20 -16.12 -0.90
N CYS A 149 16.14 -16.41 -1.64
CA CYS A 149 14.79 -16.48 -1.08
C CYS A 149 14.43 -15.17 -0.40
N GLN A 150 14.63 -14.07 -1.10
CA GLN A 150 14.32 -12.74 -0.56
C GLN A 150 12.86 -12.66 -0.17
N LEU A 151 12.59 -11.90 0.89
CA LEU A 151 11.22 -11.73 1.38
C LEU A 151 10.66 -10.36 0.98
N TYR A 152 9.42 -10.35 0.52
CA TYR A 152 8.77 -9.11 0.11
C TYR A 152 8.34 -8.29 1.32
N LEU A 153 7.99 -8.98 2.40
CA LEU A 153 7.56 -8.30 3.63
C LEU A 153 8.74 -7.61 4.30
N HIS A 154 9.95 -7.87 3.80
CA HIS A 154 11.15 -7.26 4.36
C HIS A 154 11.49 -5.96 3.63
N ILE A 155 10.48 -5.34 3.05
CA ILE A 155 10.67 -4.09 2.34
C ILE A 155 11.43 -3.07 3.18
N PRO A 156 12.11 -2.14 2.51
CA PRO A 156 12.90 -1.09 3.18
C PRO A 156 12.02 -0.07 3.89
N GLN A 157 12.58 0.59 4.88
CA GLN A 157 11.84 1.60 5.64
C GLN A 157 11.53 2.81 4.78
N GLN A 158 12.50 3.24 3.98
CA GLN A 158 12.32 4.39 3.11
C GLN A 158 11.07 4.24 2.26
N GLN A 159 10.77 3.00 1.86
CA GLN A 159 9.59 2.73 1.04
C GLN A 159 8.33 2.73 1.90
N GLN A 160 8.36 2.00 3.00
CA GLN A 160 7.21 1.91 3.89
C GLN A 160 6.84 3.29 4.42
N GLU A 161 7.82 4.18 4.50
CA GLU A 161 7.60 5.53 5.00
C GLU A 161 6.94 6.40 3.92
N GLU A 162 7.58 6.46 2.75
CA GLU A 162 7.05 7.26 1.65
C GLU A 162 5.59 6.92 1.39
N VAL A 163 5.28 5.63 1.33
CA VAL A 163 3.91 5.18 1.09
C VAL A 163 3.00 5.55 2.24
N GLN A 164 3.39 5.16 3.45
CA GLN A 164 2.60 5.44 4.65
C GLN A 164 2.27 6.93 4.74
N ARG A 165 3.21 7.77 4.29
CA ARG A 165 3.01 9.21 4.31
C ARG A 165 1.97 9.64 3.29
N LEU A 166 2.10 9.13 2.07
CA LEU A 166 1.17 9.46 1.00
C LEU A 166 -0.26 9.12 1.39
N LEU A 167 -0.48 7.86 1.77
CA LEU A 167 -1.81 7.40 2.17
C LEU A 167 -2.37 8.27 3.30
N MET A 168 -1.48 8.71 4.19
CA MET A 168 -1.88 9.56 5.31
C MET A 168 -1.70 11.04 4.97
N MET A 169 -1.82 11.36 3.69
CA MET A 169 -1.66 12.75 3.24
C MET A 169 -2.74 13.63 3.85
N GLY A 170 -2.35 14.85 4.26
CA GLY A 170 -3.29 15.77 4.85
C GLY A 170 -4.50 16.02 3.97
N GLU A 171 -4.27 16.56 2.78
CA GLU A 171 -5.34 16.84 1.84
C GLU A 171 -6.22 15.61 1.63
N PRO A 172 -7.52 15.83 1.45
CA PRO A 172 -8.49 14.75 1.23
C PRO A 172 -8.32 14.08 -0.13
N ALA A 173 -8.30 12.76 -0.13
CA ALA A 173 -8.15 12.00 -1.38
C ALA A 173 -9.50 11.68 -2.00
N LYS A 174 -9.48 11.33 -3.28
CA LYS A 174 -10.71 10.99 -4.00
C LYS A 174 -10.64 9.58 -4.56
N GLY A 175 -9.93 8.70 -3.88
CA GLY A 175 -9.80 7.32 -4.32
C GLY A 175 -9.71 6.34 -3.17
N TRP A 176 -10.35 6.68 -2.05
CA TRP A 176 -10.34 5.82 -0.88
C TRP A 176 -11.35 4.69 -1.02
N GLN A 177 -12.62 5.05 -1.16
CA GLN A 177 -13.69 4.07 -1.30
C GLN A 177 -13.40 3.13 -2.46
N GLU A 178 -13.00 3.68 -3.59
CA GLU A 178 -12.70 2.89 -4.78
C GLU A 178 -11.71 1.77 -4.43
N LEU A 179 -10.69 2.11 -3.66
CA LEU A 179 -9.67 1.14 -3.27
C LEU A 179 -10.28 0.04 -2.40
N ALA A 180 -11.06 0.44 -1.40
CA ALA A 180 -11.70 -0.52 -0.51
C ALA A 180 -12.59 -1.48 -1.28
N GLY A 181 -13.55 -0.93 -2.04
CA GLY A 181 -14.45 -1.77 -2.81
C GLY A 181 -13.72 -2.63 -3.81
N HIS A 182 -12.84 -2.02 -4.60
CA HIS A 182 -12.07 -2.74 -5.61
C HIS A 182 -11.30 -3.90 -4.96
N LEU A 183 -10.78 -3.67 -3.76
CA LEU A 183 -10.02 -4.70 -3.06
C LEU A 183 -10.92 -5.84 -2.63
N GLY A 184 -12.22 -5.57 -2.54
CA GLY A 184 -13.17 -6.59 -2.14
C GLY A 184 -13.60 -6.46 -0.69
N TYR A 185 -13.56 -5.24 -0.17
CA TYR A 185 -13.95 -4.98 1.21
C TYR A 185 -15.42 -4.61 1.31
N GLN A 186 -16.09 -5.17 2.31
CA GLN A 186 -17.51 -4.92 2.53
C GLN A 186 -17.72 -3.63 3.31
N ALA A 187 -18.97 -3.20 3.41
CA ALA A 187 -19.30 -1.98 4.14
C ALA A 187 -18.99 -2.12 5.63
N GLU A 188 -19.23 -3.32 6.17
CA GLU A 188 -18.97 -3.58 7.58
C GLU A 188 -17.47 -3.68 7.84
N ALA A 189 -16.74 -4.23 6.88
CA ALA A 189 -15.29 -4.38 7.01
C ALA A 189 -14.59 -3.05 6.87
N VAL A 190 -14.92 -2.31 5.81
CA VAL A 190 -14.31 -1.01 5.55
C VAL A 190 -14.64 -0.02 6.68
N GLU A 191 -15.84 -0.15 7.23
CA GLU A 191 -16.27 0.73 8.32
C GLU A 191 -15.53 0.41 9.60
N THR A 192 -15.34 -0.88 9.87
CA THR A 192 -14.63 -1.32 11.07
C THR A 192 -13.20 -0.80 11.10
N MET A 193 -12.50 -0.97 9.98
CA MET A 193 -11.12 -0.52 9.86
C MET A 193 -11.04 1.00 9.78
N ALA A 194 -11.98 1.60 9.06
CA ALA A 194 -12.02 3.04 8.89
C ALA A 194 -12.03 3.74 10.25
N CYS A 195 -12.80 3.20 11.18
CA CYS A 195 -12.90 3.77 12.52
C CYS A 195 -11.52 3.92 13.16
N ASP A 196 -10.64 2.97 12.86
CA ASP A 196 -9.29 3.00 13.40
C ASP A 196 -8.53 4.23 12.92
N GLN A 197 -7.45 4.56 13.62
CA GLN A 197 -6.64 5.72 13.25
C GLN A 197 -5.59 5.35 12.21
N MET A 198 -5.10 4.13 12.28
CA MET A 198 -4.10 3.65 11.34
C MET A 198 -4.66 2.54 10.46
N PRO A 199 -5.51 2.92 9.49
CA PRO A 199 -6.14 1.98 8.56
C PRO A 199 -5.13 1.38 7.58
N ALA A 200 -4.21 2.21 7.09
CA ALA A 200 -3.20 1.76 6.14
C ALA A 200 -2.32 0.68 6.76
N TYR A 201 -1.89 0.91 8.00
CA TYR A 201 -1.04 -0.05 8.70
C TYR A 201 -1.83 -1.30 9.07
N THR A 202 -3.00 -1.10 9.66
CA THR A 202 -3.85 -2.23 10.07
C THR A 202 -4.25 -3.07 8.87
N LEU A 203 -4.44 -2.42 7.73
CA LEU A 203 -4.84 -3.11 6.51
C LEU A 203 -3.72 -4.03 6.02
N LEU A 204 -2.57 -3.44 5.73
CA LEU A 204 -1.41 -4.21 5.26
C LEU A 204 -1.00 -5.26 6.28
N ARG A 205 -1.02 -4.88 7.56
CA ARG A 205 -0.65 -5.78 8.64
C ARG A 205 -1.57 -7.00 8.68
N ASN A 206 -2.87 -6.74 8.78
CA ASN A 206 -3.86 -7.81 8.83
C ASN A 206 -3.78 -8.68 7.58
N TRP A 207 -3.63 -8.03 6.43
CA TRP A 207 -3.55 -8.74 5.16
C TRP A 207 -2.47 -9.83 5.21
N ALA A 208 -1.22 -9.42 5.40
CA ALA A 208 -0.11 -10.36 5.47
C ALA A 208 -0.25 -11.27 6.70
N ALA A 209 -0.79 -10.72 7.78
CA ALA A 209 -0.98 -11.48 9.00
C ALA A 209 -1.91 -12.68 8.78
N GLN A 210 -2.90 -12.49 7.92
CA GLN A 210 -3.86 -13.55 7.62
C GLN A 210 -3.28 -14.54 6.61
N GLU A 211 -2.77 -14.01 5.50
CA GLU A 211 -2.17 -14.86 4.48
C GLU A 211 -0.66 -14.67 4.41
N GLY A 212 -0.24 -13.44 4.13
CA GLY A 212 1.18 -13.15 4.05
C GLY A 212 1.91 -14.10 3.12
N ASN A 213 1.20 -14.62 2.12
CA ASN A 213 1.79 -15.55 1.17
C ASN A 213 2.06 -14.86 -0.17
N ARG A 214 0.99 -14.65 -0.94
CA ARG A 214 1.10 -14.00 -2.24
C ARG A 214 0.92 -12.50 -2.11
N ALA A 215 0.96 -12.01 -0.88
CA ALA A 215 0.81 -10.58 -0.63
C ALA A 215 1.96 -9.78 -1.23
N THR A 216 1.77 -9.33 -2.47
CA THR A 216 2.80 -8.56 -3.16
C THR A 216 2.36 -7.11 -3.36
N LEU A 217 3.26 -6.18 -3.07
CA LEU A 217 2.96 -4.76 -3.22
C LEU A 217 2.42 -4.47 -4.62
N ARG A 218 2.81 -5.29 -5.58
CA ARG A 218 2.36 -5.12 -6.97
C ARG A 218 0.85 -5.01 -7.03
N VAL A 219 0.16 -5.83 -6.22
CA VAL A 219 -1.29 -5.82 -6.18
C VAL A 219 -1.84 -4.45 -5.80
N LEU A 220 -1.07 -3.73 -5.00
CA LEU A 220 -1.48 -2.40 -4.55
C LEU A 220 -1.21 -1.36 -5.64
N GLU A 221 -0.05 -1.45 -6.27
CA GLU A 221 0.31 -0.51 -7.33
C GLU A 221 -0.70 -0.57 -8.47
N ASP A 222 -1.21 -1.76 -8.75
CA ASP A 222 -2.19 -1.95 -9.82
C ASP A 222 -3.56 -1.45 -9.39
N ALA A 223 -4.08 -2.00 -8.29
CA ALA A 223 -5.38 -1.61 -7.77
C ALA A 223 -5.45 -0.10 -7.54
N LEU A 224 -4.32 0.48 -7.12
CA LEU A 224 -4.25 1.91 -6.86
C LEU A 224 -4.15 2.70 -8.16
N ALA A 225 -3.31 2.21 -9.07
CA ALA A 225 -3.12 2.88 -10.36
C ALA A 225 -4.43 2.97 -11.13
N ALA A 226 -5.34 2.04 -10.86
CA ALA A 226 -6.64 2.01 -11.53
C ALA A 226 -7.37 3.33 -11.33
N ILE A 227 -6.99 4.07 -10.29
CA ILE A 227 -7.63 5.35 -9.99
C ILE A 227 -7.13 6.43 -10.93
N GLY A 228 -6.01 6.17 -11.59
CA GLY A 228 -5.46 7.15 -12.53
C GLY A 228 -4.52 8.13 -11.84
N ARG A 229 -3.79 7.65 -10.84
CA ARG A 229 -2.86 8.49 -10.10
C ARG A 229 -1.41 8.07 -10.37
N GLU A 230 -0.84 8.56 -11.46
CA GLU A 230 0.52 8.22 -11.83
C GLU A 230 1.51 8.69 -10.75
N ASP A 231 1.11 9.72 -10.00
CA ASP A 231 1.95 10.26 -8.95
C ASP A 231 2.51 9.15 -8.07
N VAL A 232 1.62 8.35 -7.49
CA VAL A 232 2.03 7.25 -6.63
C VAL A 232 2.76 6.17 -7.43
N VAL A 233 2.36 6.00 -8.69
CA VAL A 233 2.98 5.01 -9.55
C VAL A 233 4.45 5.31 -9.78
N GLN A 234 4.76 6.59 -9.94
CA GLN A 234 6.14 7.02 -10.17
C GLN A 234 6.96 6.93 -8.89
N VAL A 235 6.35 7.29 -7.77
CA VAL A 235 7.03 7.25 -6.47
C VAL A 235 7.37 5.81 -6.09
N LEU A 236 6.55 4.87 -6.55
CA LEU A 236 6.77 3.47 -6.26
C LEU A 236 7.66 2.81 -7.31
N SER A 237 7.55 3.29 -8.54
CA SER A 237 8.35 2.76 -9.64
C SER A 237 9.79 3.26 -9.56
N SER A 238 9.96 4.48 -9.06
CA SER A 238 11.28 5.09 -8.93
C SER A 238 12.24 4.14 -8.22
N PRO A 239 13.55 4.38 -8.39
CA PRO A 239 14.60 3.56 -7.78
C PRO A 239 14.66 3.75 -6.28
N ALA A 240 14.92 2.66 -5.56
CA ALA A 240 15.02 2.70 -4.10
C ALA A 240 15.77 1.48 -3.56
N GLU A 241 16.76 1.03 -4.31
CA GLU A 241 17.55 -0.13 -3.91
C GLU A 241 19.03 0.09 -4.23
N SER A 242 19.82 -0.97 -4.05
CA SER A 242 21.25 -0.89 -4.31
C SER A 242 21.55 -1.12 -5.80
N SER A 243 22.77 -0.81 -6.20
CA SER A 243 23.18 -0.97 -7.59
C SER A 243 23.74 -2.37 -7.83
N SER A 244 23.68 -2.82 -9.08
CA SER A 244 24.19 -4.14 -9.44
C SER A 244 25.69 -4.11 -9.67
N VAL A 245 26.37 -5.17 -9.27
CA VAL A 245 27.82 -5.26 -9.43
C VAL A 245 28.20 -5.65 -10.85
N VAL A 246 29.50 -5.75 -11.11
CA VAL A 246 29.98 -6.11 -12.43
C VAL A 246 29.83 -7.61 -12.68
N PRO A 145 4.10 -24.82 5.78
CA PRO A 145 5.56 -24.71 5.74
C PRO A 145 6.03 -23.51 4.93
N ASP A 146 7.05 -22.82 5.43
CA ASP A 146 7.59 -21.65 4.76
C ASP A 146 9.00 -21.33 5.28
N LEU A 147 9.74 -20.53 4.51
CA LEU A 147 11.10 -20.16 4.89
C LEU A 147 11.08 -18.89 5.74
N GLY A 148 10.82 -17.76 5.09
CA GLY A 148 10.78 -16.49 5.81
C GLY A 148 12.02 -15.64 5.55
N CYS A 149 12.54 -15.71 4.33
CA CYS A 149 13.72 -14.94 3.95
C CYS A 149 13.33 -13.58 3.43
N GLN A 150 12.81 -13.54 2.20
CA GLN A 150 12.39 -12.28 1.58
C GLN A 150 11.05 -11.82 2.14
N LEU A 151 11.09 -10.73 2.91
CA LEU A 151 9.88 -10.18 3.50
C LEU A 151 9.49 -8.87 2.83
N TYR A 152 8.26 -8.80 2.32
CA TYR A 152 7.77 -7.61 1.65
C TYR A 152 7.40 -6.54 2.67
N LEU A 153 6.95 -6.97 3.84
CA LEU A 153 6.57 -6.04 4.91
C LEU A 153 7.79 -5.53 5.66
N HIS A 154 8.97 -5.97 5.23
CA HIS A 154 10.22 -5.56 5.86
C HIS A 154 10.85 -4.40 5.11
N ILE A 155 10.03 -3.65 4.39
CA ILE A 155 10.51 -2.51 3.62
C ILE A 155 11.25 -1.51 4.51
N PRO A 156 12.15 -0.74 3.91
CA PRO A 156 12.95 0.26 4.63
C PRO A 156 12.10 1.44 5.11
N GLN A 157 12.53 2.07 6.21
CA GLN A 157 11.81 3.20 6.76
C GLN A 157 11.58 4.29 5.71
N GLN A 158 12.56 4.44 4.82
CA GLN A 158 12.48 5.44 3.76
C GLN A 158 11.20 5.26 2.94
N GLN A 159 10.94 4.02 2.53
CA GLN A 159 9.76 3.71 1.74
C GLN A 159 8.52 3.64 2.62
N GLN A 160 8.68 3.12 3.83
CA GLN A 160 7.56 3.01 4.76
C GLN A 160 6.98 4.38 5.09
N GLU A 161 7.88 5.34 5.34
CA GLU A 161 7.45 6.70 5.68
C GLU A 161 7.01 7.45 4.42
N GLU A 162 7.67 7.17 3.31
CA GLU A 162 7.35 7.82 2.04
C GLU A 162 5.96 7.43 1.57
N VAL A 163 5.60 6.17 1.76
CA VAL A 163 4.30 5.67 1.35
C VAL A 163 3.21 6.16 2.30
N GLN A 164 3.34 5.83 3.57
CA GLN A 164 2.36 6.24 4.58
C GLN A 164 2.10 7.73 4.51
N ARG A 165 3.14 8.49 4.16
CA ARG A 165 3.02 9.94 4.06
C ARG A 165 2.23 10.34 2.81
N LEU A 166 2.58 9.73 1.68
CA LEU A 166 1.90 10.01 0.42
C LEU A 166 0.40 9.76 0.53
N LEU A 167 0.05 8.55 0.94
CA LEU A 167 -1.36 8.17 1.08
C LEU A 167 -2.08 9.14 2.02
N MET A 168 -1.37 9.60 3.05
CA MET A 168 -1.94 10.54 4.01
C MET A 168 -1.59 11.98 3.65
N MET A 169 -1.40 12.22 2.36
CA MET A 169 -1.06 13.57 1.89
C MET A 169 -2.03 14.60 2.43
N GLY A 170 -1.59 15.85 2.46
CA GLY A 170 -2.45 16.93 2.96
C GLY A 170 -3.81 16.95 2.29
N GLU A 171 -3.83 16.65 0.99
CA GLU A 171 -5.08 16.63 0.24
C GLU A 171 -6.07 15.65 0.84
N PRO A 172 -7.32 16.11 1.02
CA PRO A 172 -8.39 15.29 1.60
C PRO A 172 -8.83 14.17 0.65
N ALA A 173 -9.03 12.98 1.21
CA ALA A 173 -9.45 11.83 0.42
C ALA A 173 -10.92 11.94 0.03
N LYS A 174 -11.25 11.46 -1.17
CA LYS A 174 -12.62 11.51 -1.66
C LYS A 174 -13.01 10.19 -2.31
N GLY A 175 -12.47 9.09 -1.78
CA GLY A 175 -12.77 7.78 -2.32
C GLY A 175 -12.33 6.65 -1.40
N TRP A 176 -12.46 6.88 -0.09
CA TRP A 176 -12.07 5.88 0.90
C TRP A 176 -12.95 4.64 0.78
N GLN A 177 -14.26 4.82 0.97
CA GLN A 177 -15.20 3.72 0.90
C GLN A 177 -15.15 3.05 -0.48
N GLU A 178 -14.95 3.87 -1.51
CA GLU A 178 -14.89 3.36 -2.88
C GLU A 178 -13.77 2.33 -3.03
N LEU A 179 -12.58 2.70 -2.57
CA LEU A 179 -11.42 1.83 -2.65
C LEU A 179 -11.65 0.55 -1.85
N ALA A 180 -12.27 0.69 -0.69
CA ALA A 180 -12.56 -0.46 0.18
C ALA A 180 -13.37 -1.52 -0.56
N GLY A 181 -14.53 -1.12 -1.07
CA GLY A 181 -15.38 -2.05 -1.79
C GLY A 181 -14.79 -2.45 -3.13
N HIS A 182 -14.23 -1.48 -3.84
CA HIS A 182 -13.62 -1.73 -5.14
C HIS A 182 -12.61 -2.88 -5.06
N LEU A 183 -11.79 -2.84 -4.03
CA LEU A 183 -10.76 -3.88 -3.84
C LEU A 183 -11.41 -5.21 -3.48
N GLY A 184 -12.63 -5.16 -2.96
CA GLY A 184 -13.34 -6.37 -2.58
C GLY A 184 -13.31 -6.62 -1.10
N TYR A 185 -13.26 -5.55 -0.32
CA TYR A 185 -13.23 -5.65 1.14
C TYR A 185 -14.63 -5.60 1.71
N GLN A 186 -14.82 -6.25 2.86
CA GLN A 186 -16.12 -6.28 3.53
C GLN A 186 -16.15 -5.31 4.71
N ALA A 187 -17.26 -5.31 5.44
CA ALA A 187 -17.41 -4.44 6.59
C ALA A 187 -16.32 -4.71 7.64
N GLU A 188 -15.99 -5.99 7.82
CA GLU A 188 -14.98 -6.39 8.78
C GLU A 188 -13.62 -5.76 8.44
N ALA A 189 -13.34 -5.69 7.14
CA ALA A 189 -12.08 -5.11 6.67
C ALA A 189 -12.05 -3.60 6.88
N VAL A 190 -13.00 -2.91 6.25
CA VAL A 190 -13.08 -1.46 6.36
C VAL A 190 -13.10 -1.02 7.82
N GLU A 191 -13.72 -1.83 8.67
CA GLU A 191 -13.81 -1.54 10.10
C GLU A 191 -12.45 -1.70 10.76
N THR A 192 -11.73 -2.75 10.39
CA THR A 192 -10.41 -3.01 10.96
C THR A 192 -9.44 -1.89 10.63
N MET A 193 -9.58 -1.31 9.44
CA MET A 193 -8.71 -0.22 9.00
C MET A 193 -9.22 1.12 9.51
N ALA A 194 -10.54 1.27 9.57
CA ALA A 194 -11.16 2.50 10.03
C ALA A 194 -10.90 2.71 11.52
N CYS A 195 -11.01 1.64 12.29
CA CYS A 195 -10.79 1.71 13.74
C CYS A 195 -9.33 2.00 14.06
N ASP A 196 -8.45 1.56 13.16
CA ASP A 196 -7.01 1.79 13.34
C ASP A 196 -6.59 3.14 12.76
N GLN A 197 -5.32 3.50 12.99
CA GLN A 197 -4.80 4.77 12.50
C GLN A 197 -4.36 4.64 11.04
N MET A 198 -3.20 4.04 10.82
CA MET A 198 -2.67 3.85 9.47
C MET A 198 -3.47 2.79 8.72
N PRO A 199 -4.17 3.21 7.67
CA PRO A 199 -4.99 2.32 6.85
C PRO A 199 -4.13 1.37 6.01
N ALA A 200 -3.14 1.93 5.32
CA ALA A 200 -2.26 1.13 4.48
C ALA A 200 -1.48 0.11 5.31
N TYR A 201 -1.12 0.50 6.53
CA TYR A 201 -0.37 -0.37 7.43
C TYR A 201 -1.28 -1.48 7.98
N THR A 202 -2.44 -1.08 8.48
CA THR A 202 -3.39 -2.04 9.04
C THR A 202 -3.91 -2.99 7.97
N LEU A 203 -4.09 -2.47 6.76
CA LEU A 203 -4.59 -3.26 5.64
C LEU A 203 -3.59 -4.35 5.26
N LEU A 204 -2.40 -3.92 4.83
CA LEU A 204 -1.35 -4.85 4.43
C LEU A 204 -1.03 -5.82 5.57
N ARG A 205 -0.94 -5.28 6.79
CA ARG A 205 -0.63 -6.09 7.95
C ARG A 205 -1.57 -7.30 8.05
N ASN A 206 -2.86 -7.02 8.13
CA ASN A 206 -3.86 -8.09 8.22
C ASN A 206 -3.79 -9.01 7.02
N TRP A 207 -3.52 -8.42 5.85
CA TRP A 207 -3.42 -9.20 4.62
C TRP A 207 -2.34 -10.26 4.72
N ALA A 208 -1.09 -9.81 4.85
CA ALA A 208 0.04 -10.72 4.97
C ALA A 208 -0.08 -11.59 6.21
N ALA A 209 -0.66 -11.04 7.27
CA ALA A 209 -0.84 -11.77 8.51
C ALA A 209 -1.68 -13.02 8.30
N GLN A 210 -2.66 -12.92 7.41
CA GLN A 210 -3.53 -14.05 7.12
C GLN A 210 -2.87 -15.03 6.17
N GLU A 211 -2.35 -14.51 5.05
CA GLU A 211 -1.68 -15.35 4.06
C GLU A 211 -0.18 -15.06 4.03
N GLY A 212 0.17 -13.83 3.67
CA GLY A 212 1.56 -13.44 3.61
C GLY A 212 2.38 -14.35 2.71
N ASN A 213 1.70 -15.04 1.81
CA ASN A 213 2.35 -15.95 0.89
C ASN A 213 2.38 -15.36 -0.53
N ARG A 214 1.23 -15.35 -1.18
CA ARG A 214 1.12 -14.81 -2.53
C ARG A 214 0.91 -13.31 -2.51
N ALA A 215 0.27 -12.82 -1.44
CA ALA A 215 0.01 -11.39 -1.30
C ALA A 215 1.28 -10.58 -1.48
N THR A 216 1.40 -9.92 -2.64
CA THR A 216 2.57 -9.11 -2.94
C THR A 216 2.18 -7.65 -3.15
N LEU A 217 3.12 -6.75 -2.88
CA LEU A 217 2.87 -5.33 -3.04
C LEU A 217 2.30 -5.01 -4.41
N ARG A 218 2.65 -5.84 -5.40
CA ARG A 218 2.17 -5.66 -6.76
C ARG A 218 0.66 -5.49 -6.78
N VAL A 219 -0.03 -6.30 -5.98
CA VAL A 219 -1.49 -6.25 -5.91
C VAL A 219 -1.98 -4.84 -5.63
N LEU A 220 -1.17 -4.07 -4.89
CA LEU A 220 -1.52 -2.69 -4.55
C LEU A 220 -1.18 -1.75 -5.70
N GLU A 221 0.02 -1.89 -6.24
CA GLU A 221 0.47 -1.05 -7.34
C GLU A 221 -0.52 -1.12 -8.50
N ASP A 222 -0.99 -2.32 -8.82
CA ASP A 222 -1.95 -2.51 -9.90
C ASP A 222 -3.34 -2.05 -9.49
N ALA A 223 -3.77 -2.45 -8.31
CA ALA A 223 -5.09 -2.08 -7.81
C ALA A 223 -5.26 -0.56 -7.80
N LEU A 224 -4.17 0.15 -7.51
CA LEU A 224 -4.20 1.60 -7.47
C LEU A 224 -4.02 2.20 -8.87
N ALA A 225 -3.16 1.56 -9.66
CA ALA A 225 -2.91 2.03 -11.03
C ALA A 225 -4.21 2.09 -11.83
N ALA A 226 -5.12 1.18 -11.56
CA ALA A 226 -6.39 1.14 -12.25
C ALA A 226 -7.15 2.46 -12.10
N ILE A 227 -6.91 3.14 -10.98
CA ILE A 227 -7.56 4.41 -10.72
C ILE A 227 -6.91 5.54 -11.51
N GLY A 228 -5.71 5.29 -12.02
CA GLY A 228 -4.99 6.29 -12.79
C GLY A 228 -3.91 6.98 -11.99
N ARG A 229 -3.68 6.49 -10.77
CA ARG A 229 -2.66 7.07 -9.89
C ARG A 229 -1.34 6.34 -10.04
N GLU A 230 -0.92 6.13 -11.29
CA GLU A 230 0.33 5.44 -11.56
C GLU A 230 1.53 6.30 -11.18
N ASP A 231 1.38 7.61 -11.35
CA ASP A 231 2.45 8.54 -11.03
C ASP A 231 2.97 8.30 -9.60
N VAL A 232 2.07 8.38 -8.64
CA VAL A 232 2.43 8.17 -7.24
C VAL A 232 2.97 6.75 -7.02
N VAL A 233 2.41 5.80 -7.75
CA VAL A 233 2.83 4.40 -7.63
C VAL A 233 4.27 4.22 -8.12
N GLN A 234 4.64 5.00 -9.14
CA GLN A 234 5.98 4.91 -9.71
C GLN A 234 7.01 5.53 -8.75
N VAL A 235 6.70 6.72 -8.25
CA VAL A 235 7.60 7.41 -7.33
C VAL A 235 7.81 6.59 -6.06
N LEU A 236 6.79 5.85 -5.66
CA LEU A 236 6.87 5.02 -4.47
C LEU A 236 7.60 3.71 -4.74
N SER A 237 7.50 3.24 -5.99
CA SER A 237 8.15 2.00 -6.39
C SER A 237 9.38 2.29 -7.25
N SER A 238 10.26 3.15 -6.75
CA SER A 238 11.47 3.51 -7.47
C SER A 238 12.24 2.27 -7.89
N PRO A 239 13.13 2.43 -8.89
CA PRO A 239 13.95 1.33 -9.40
C PRO A 239 15.00 0.87 -8.41
N ALA A 240 15.41 -0.40 -8.51
CA ALA A 240 16.41 -0.96 -7.62
C ALA A 240 17.68 -0.09 -7.61
N GLU A 241 18.26 0.10 -8.78
CA GLU A 241 19.48 0.91 -8.90
C GLU A 241 19.28 2.28 -8.28
N SER A 242 19.93 2.50 -7.14
CA SER A 242 19.84 3.78 -6.43
C SER A 242 21.03 4.68 -6.76
N SER A 243 20.75 5.80 -7.40
CA SER A 243 21.81 6.74 -7.77
C SER A 243 22.10 7.70 -6.62
N SER A 244 21.05 8.29 -6.06
CA SER A 244 21.20 9.23 -4.95
C SER A 244 20.69 8.62 -3.65
N VAL A 245 19.60 7.87 -3.75
CA VAL A 245 19.01 7.22 -2.58
C VAL A 245 20.01 6.29 -1.90
N VAL A 246 19.99 6.27 -0.57
CA VAL A 246 20.89 5.42 0.19
C VAL A 246 20.13 4.30 0.90
N PRO A 145 7.28 -5.07 -14.99
CA PRO A 145 8.58 -5.53 -14.49
C PRO A 145 8.49 -6.85 -13.76
N ASP A 146 9.15 -7.88 -14.30
CA ASP A 146 9.14 -9.20 -13.69
C ASP A 146 10.55 -9.59 -13.23
N LEU A 147 10.65 -10.77 -12.62
CA LEU A 147 11.94 -11.26 -12.13
C LEU A 147 12.58 -10.25 -11.19
N GLY A 148 11.76 -9.43 -10.54
CA GLY A 148 12.27 -8.43 -9.63
C GLY A 148 11.22 -7.97 -8.64
N CYS A 149 11.17 -8.62 -7.48
CA CYS A 149 10.21 -8.26 -6.44
C CYS A 149 10.81 -8.45 -5.06
N GLN A 150 11.37 -7.38 -4.51
CA GLN A 150 11.98 -7.43 -3.18
C GLN A 150 10.97 -7.83 -2.12
N LEU A 151 11.43 -8.01 -0.90
CA LEU A 151 10.56 -8.40 0.21
C LEU A 151 9.35 -7.48 0.30
N TYR A 152 8.16 -8.05 0.19
CA TYR A 152 6.93 -7.28 0.27
C TYR A 152 6.65 -6.84 1.70
N LEU A 153 6.81 -7.77 2.63
CA LEU A 153 6.57 -7.48 4.05
C LEU A 153 7.78 -6.77 4.68
N HIS A 154 8.96 -7.05 4.14
CA HIS A 154 10.18 -6.43 4.64
C HIS A 154 10.52 -5.18 3.83
N ILE A 155 9.51 -4.57 3.23
CA ILE A 155 9.71 -3.37 2.42
C ILE A 155 10.49 -2.32 3.20
N PRO A 156 11.15 -1.41 2.47
CA PRO A 156 11.94 -0.33 3.06
C PRO A 156 11.07 0.72 3.77
N GLN A 157 11.53 1.19 4.91
CA GLN A 157 10.80 2.19 5.68
C GLN A 157 10.71 3.51 4.91
N GLN A 158 11.74 3.80 4.12
CA GLN A 158 11.78 5.01 3.33
C GLN A 158 10.50 5.19 2.52
N GLN A 159 10.19 4.19 1.69
CA GLN A 159 8.99 4.24 0.86
C GLN A 159 7.74 4.05 1.71
N GLN A 160 7.86 3.26 2.78
CA GLN A 160 6.73 3.00 3.67
C GLN A 160 6.21 4.29 4.28
N GLU A 161 7.12 5.11 4.79
CA GLU A 161 6.75 6.38 5.40
C GLU A 161 6.30 7.38 4.35
N GLU A 162 6.98 7.39 3.21
CA GLU A 162 6.66 8.29 2.13
C GLU A 162 5.23 8.07 1.63
N VAL A 163 4.91 6.81 1.34
CA VAL A 163 3.58 6.45 0.86
C VAL A 163 2.51 6.77 1.91
N GLN A 164 2.81 6.44 3.15
CA GLN A 164 1.87 6.69 4.25
C GLN A 164 1.47 8.16 4.29
N ARG A 165 2.47 9.04 4.24
CA ARG A 165 2.21 10.48 4.28
C ARG A 165 1.63 10.96 2.95
N LEU A 166 2.07 10.35 1.86
CA LEU A 166 1.59 10.71 0.53
C LEU A 166 0.07 10.67 0.47
N LEU A 167 -0.51 9.51 0.80
CA LEU A 167 -1.95 9.35 0.78
C LEU A 167 -2.61 10.21 1.85
N MET A 168 -1.83 10.65 2.83
CA MET A 168 -2.34 11.48 3.91
C MET A 168 -2.45 12.94 3.46
N MET A 169 -2.05 13.20 2.22
CA MET A 169 -2.11 14.56 1.67
C MET A 169 -3.49 15.15 1.86
N GLY A 170 -3.56 16.49 1.86
CA GLY A 170 -4.83 17.17 2.03
C GLY A 170 -5.86 16.73 1.01
N GLU A 171 -5.43 16.60 -0.24
CA GLU A 171 -6.34 16.18 -1.32
C GLU A 171 -7.08 14.91 -0.93
N PRO A 172 -8.27 14.72 -1.54
CA PRO A 172 -9.11 13.55 -1.29
C PRO A 172 -8.50 12.27 -1.86
N ALA A 173 -8.38 11.25 -1.01
CA ALA A 173 -7.83 9.97 -1.43
C ALA A 173 -8.68 9.33 -2.52
N LYS A 174 -8.16 8.26 -3.12
CA LYS A 174 -8.87 7.56 -4.18
C LYS A 174 -10.05 6.78 -3.62
N GLY A 175 -11.16 7.48 -3.38
CA GLY A 175 -12.34 6.84 -2.85
C GLY A 175 -12.05 6.02 -1.60
N TRP A 176 -12.08 6.67 -0.45
CA TRP A 176 -11.81 6.00 0.82
C TRP A 176 -12.70 4.77 0.98
N GLN A 177 -14.01 4.98 0.97
CA GLN A 177 -14.97 3.89 1.11
C GLN A 177 -14.94 2.98 -0.11
N GLU A 178 -14.81 3.59 -1.30
CA GLU A 178 -14.78 2.84 -2.54
C GLU A 178 -13.71 1.76 -2.50
N LEU A 179 -12.48 2.16 -2.20
CA LEU A 179 -11.36 1.22 -2.13
C LEU A 179 -11.59 0.19 -1.03
N ALA A 180 -11.99 0.66 0.15
CA ALA A 180 -12.25 -0.22 1.27
C ALA A 180 -13.19 -1.36 0.88
N GLY A 181 -14.38 -0.99 0.40
CA GLY A 181 -15.35 -1.98 0.00
C GLY A 181 -14.83 -2.91 -1.07
N HIS A 182 -14.21 -2.33 -2.11
CA HIS A 182 -13.66 -3.12 -3.20
C HIS A 182 -12.70 -4.19 -2.68
N LEU A 183 -11.89 -3.81 -1.69
CA LEU A 183 -10.93 -4.74 -1.11
C LEU A 183 -11.64 -5.83 -0.31
N GLY A 184 -12.86 -5.55 0.11
CA GLY A 184 -13.63 -6.52 0.87
C GLY A 184 -13.72 -6.15 2.34
N TYR A 185 -13.66 -4.85 2.63
CA TYR A 185 -13.73 -4.37 4.00
C TYR A 185 -15.17 -4.03 4.38
N GLN A 186 -15.55 -4.40 5.60
CA GLN A 186 -16.91 -4.13 6.08
C GLN A 186 -16.92 -2.92 7.02
N ALA A 187 -18.12 -2.50 7.40
CA ALA A 187 -18.27 -1.36 8.30
C ALA A 187 -17.41 -1.51 9.54
N GLU A 188 -17.38 -2.73 10.09
CA GLU A 188 -16.59 -3.00 11.29
C GLU A 188 -15.10 -2.85 11.00
N ALA A 189 -14.69 -3.23 9.79
CA ALA A 189 -13.29 -3.14 9.40
C ALA A 189 -12.88 -1.69 9.19
N VAL A 190 -13.59 -1.00 8.29
CA VAL A 190 -13.28 0.40 7.98
C VAL A 190 -13.22 1.23 9.26
N GLU A 191 -14.08 0.90 10.22
CA GLU A 191 -14.13 1.62 11.49
C GLU A 191 -12.88 1.32 12.32
N THR A 192 -12.52 0.04 12.39
CA THR A 192 -11.36 -0.39 13.15
C THR A 192 -10.10 0.35 12.70
N MET A 193 -9.83 0.32 11.40
CA MET A 193 -8.67 0.98 10.84
C MET A 193 -8.80 2.50 10.95
N ALA A 194 -10.02 3.00 10.75
CA ALA A 194 -10.28 4.44 10.82
C ALA A 194 -9.78 5.01 12.14
N CYS A 195 -10.01 4.28 13.23
CA CYS A 195 -9.58 4.72 14.55
C CYS A 195 -8.07 4.56 14.72
N ASP A 196 -7.53 3.51 14.11
CA ASP A 196 -6.10 3.24 14.20
C ASP A 196 -5.29 4.43 13.70
N GLN A 197 -3.96 4.30 13.75
CA GLN A 197 -3.08 5.37 13.31
C GLN A 197 -2.27 4.94 12.09
N MET A 198 -1.98 3.64 12.00
CA MET A 198 -1.21 3.11 10.88
C MET A 198 -2.10 2.21 10.00
N PRO A 199 -2.91 2.85 9.15
CA PRO A 199 -3.82 2.13 8.24
C PRO A 199 -3.07 1.39 7.14
N ALA A 200 -1.98 2.00 6.66
CA ALA A 200 -1.17 1.40 5.61
C ALA A 200 -0.56 0.07 6.07
N TYR A 201 0.06 0.09 7.24
CA TYR A 201 0.69 -1.11 7.79
C TYR A 201 -0.36 -2.13 8.20
N THR A 202 -1.41 -1.66 8.87
CA THR A 202 -2.49 -2.53 9.32
C THR A 202 -3.21 -3.16 8.15
N LEU A 203 -3.32 -2.42 7.05
CA LEU A 203 -3.99 -2.91 5.84
C LEU A 203 -3.21 -4.06 5.22
N LEU A 204 -1.94 -3.81 4.93
CA LEU A 204 -1.08 -4.82 4.34
C LEU A 204 -0.84 -5.98 5.29
N ARG A 205 -0.74 -5.67 6.58
CA ARG A 205 -0.51 -6.68 7.60
C ARG A 205 -1.67 -7.66 7.67
N ASN A 206 -2.87 -7.13 7.92
CA ASN A 206 -4.07 -7.96 8.02
C ASN A 206 -4.30 -8.72 6.71
N TRP A 207 -3.97 -8.08 5.59
CA TRP A 207 -4.14 -8.70 4.29
C TRP A 207 -3.36 -10.02 4.20
N ALA A 208 -2.03 -9.91 4.24
CA ALA A 208 -1.17 -11.09 4.16
C ALA A 208 -1.43 -12.02 5.34
N ALA A 209 -1.72 -11.44 6.49
CA ALA A 209 -1.99 -12.23 7.69
C ALA A 209 -3.26 -13.06 7.54
N GLN A 210 -4.22 -12.53 6.79
CA GLN A 210 -5.48 -13.23 6.57
C GLN A 210 -5.30 -14.37 5.57
N GLU A 211 -4.72 -14.05 4.41
CA GLU A 211 -4.50 -15.05 3.38
C GLU A 211 -3.00 -15.35 3.22
N GLY A 212 -2.24 -14.33 2.85
CA GLY A 212 -0.81 -14.49 2.66
C GLY A 212 -0.48 -15.69 1.80
N ASN A 213 -1.36 -16.01 0.87
CA ASN A 213 -1.16 -17.14 -0.03
C ASN A 213 -0.75 -16.67 -1.43
N ARG A 214 -1.72 -16.16 -2.18
CA ARG A 214 -1.46 -15.67 -3.52
C ARG A 214 -1.53 -14.14 -3.57
N ALA A 215 -2.35 -13.57 -2.69
CA ALA A 215 -2.52 -12.12 -2.64
C ALA A 215 -1.17 -11.42 -2.53
N THR A 216 -0.70 -10.87 -3.65
CA THR A 216 0.58 -10.17 -3.69
C THR A 216 0.38 -8.68 -3.90
N LEU A 217 1.34 -7.88 -3.43
CA LEU A 217 1.28 -6.43 -3.56
C LEU A 217 1.02 -6.02 -5.01
N ARG A 218 1.41 -6.89 -5.93
CA ARG A 218 1.22 -6.62 -7.36
C ARG A 218 -0.23 -6.23 -7.65
N VAL A 219 -1.16 -6.89 -6.96
CA VAL A 219 -2.58 -6.62 -7.14
C VAL A 219 -2.93 -5.20 -6.70
N LEU A 220 -2.20 -4.71 -5.70
CA LEU A 220 -2.44 -3.36 -5.19
C LEU A 220 -1.73 -2.32 -6.04
N GLU A 221 -0.50 -2.62 -6.45
CA GLU A 221 0.27 -1.71 -7.27
C GLU A 221 -0.38 -1.52 -8.65
N ASP A 222 -0.92 -2.60 -9.19
CA ASP A 222 -1.58 -2.55 -10.49
C ASP A 222 -2.96 -1.90 -10.38
N ALA A 223 -3.78 -2.42 -9.47
CA ALA A 223 -5.12 -1.89 -9.25
C ALA A 223 -5.09 -0.39 -9.00
N LEU A 224 -4.04 0.07 -8.33
CA LEU A 224 -3.88 1.48 -8.02
C LEU A 224 -3.27 2.23 -9.19
N ALA A 225 -2.30 1.59 -9.85
CA ALA A 225 -1.63 2.19 -10.99
C ALA A 225 -2.63 2.56 -12.08
N ALA A 226 -3.71 1.80 -12.18
CA ALA A 226 -4.74 2.04 -13.18
C ALA A 226 -5.30 3.46 -13.05
N ILE A 227 -5.23 4.01 -11.85
CA ILE A 227 -5.73 5.36 -11.59
C ILE A 227 -4.76 6.41 -12.10
N GLY A 228 -3.52 6.00 -12.33
CA GLY A 228 -2.51 6.92 -12.82
C GLY A 228 -1.58 7.40 -11.73
N ARG A 229 -1.25 6.50 -10.80
CA ARG A 229 -0.36 6.84 -9.70
C ARG A 229 1.04 6.26 -9.92
N GLU A 230 1.73 6.77 -10.93
CA GLU A 230 3.07 6.31 -11.25
C GLU A 230 4.11 6.98 -10.35
N ASP A 231 3.83 8.22 -9.96
CA ASP A 231 4.73 8.97 -9.10
C ASP A 231 5.14 8.15 -7.88
N VAL A 232 4.13 7.71 -7.11
CA VAL A 232 4.38 6.92 -5.92
C VAL A 232 5.18 5.67 -6.25
N VAL A 233 4.95 5.11 -7.43
CA VAL A 233 5.66 3.91 -7.87
C VAL A 233 7.11 4.23 -8.21
N GLN A 234 7.37 5.47 -8.60
CA GLN A 234 8.72 5.90 -8.95
C GLN A 234 9.56 6.14 -7.71
N VAL A 235 8.96 6.79 -6.72
CA VAL A 235 9.66 7.08 -5.48
C VAL A 235 9.97 5.80 -4.70
N LEU A 236 9.02 4.87 -4.71
CA LEU A 236 9.20 3.60 -4.01
C LEU A 236 10.14 2.69 -4.76
N SER A 237 10.10 2.76 -6.09
CA SER A 237 10.97 1.94 -6.93
C SER A 237 12.39 2.49 -6.95
N SER A 238 12.51 3.81 -6.89
CA SER A 238 13.81 4.46 -6.91
C SER A 238 14.72 3.87 -5.83
N PRO A 239 16.04 3.95 -6.05
CA PRO A 239 17.05 3.43 -5.12
C PRO A 239 17.13 4.27 -3.84
N ALA A 240 17.45 3.61 -2.73
CA ALA A 240 17.56 4.30 -1.45
C ALA A 240 19.01 4.65 -1.14
N GLU A 241 19.93 3.77 -1.53
CA GLU A 241 21.35 3.99 -1.30
C GLU A 241 21.92 4.97 -2.32
N SER A 242 23.12 5.48 -2.04
CA SER A 242 23.77 6.43 -2.94
C SER A 242 25.22 6.03 -3.17
N SER A 243 25.88 6.74 -4.08
CA SER A 243 27.28 6.46 -4.41
C SER A 243 28.08 7.75 -4.56
N SER A 244 28.91 8.04 -3.57
CA SER A 244 29.73 9.25 -3.58
C SER A 244 30.93 9.10 -2.66
N VAL A 245 32.12 8.98 -3.26
CA VAL A 245 33.35 8.82 -2.50
C VAL A 245 34.20 10.10 -2.58
N VAL A 246 34.82 10.45 -1.45
CA VAL A 246 35.65 11.63 -1.39
C VAL A 246 37.04 11.35 -1.95
N PRO A 145 23.38 6.98 -4.92
CA PRO A 145 22.90 7.23 -6.28
C PRO A 145 21.69 6.39 -6.63
N ASP A 146 20.89 6.05 -5.62
CA ASP A 146 19.69 5.25 -5.83
C ASP A 146 20.01 3.99 -6.63
N LEU A 147 21.00 3.23 -6.17
CA LEU A 147 21.40 2.01 -6.86
C LEU A 147 20.25 1.01 -6.90
N GLY A 148 20.56 -0.22 -7.32
CA GLY A 148 19.54 -1.24 -7.40
C GLY A 148 19.00 -1.65 -6.05
N CYS A 149 19.41 -2.83 -5.58
CA CYS A 149 18.96 -3.33 -4.29
C CYS A 149 17.45 -3.26 -4.17
N GLN A 150 16.75 -3.79 -5.17
CA GLN A 150 15.29 -3.79 -5.19
C GLN A 150 14.74 -4.70 -4.09
N LEU A 151 14.27 -4.09 -3.00
CA LEU A 151 13.71 -4.84 -1.88
C LEU A 151 12.20 -4.71 -1.84
N TYR A 152 11.50 -5.84 -1.98
CA TYR A 152 10.05 -5.85 -1.96
C TYR A 152 9.53 -5.73 -0.54
N LEU A 153 9.93 -6.67 0.32
CA LEU A 153 9.50 -6.66 1.71
C LEU A 153 10.52 -5.94 2.60
N HIS A 154 11.75 -5.88 2.12
CA HIS A 154 12.82 -5.22 2.87
C HIS A 154 12.98 -3.77 2.41
N ILE A 155 11.89 -3.18 1.93
CA ILE A 155 11.91 -1.80 1.47
C ILE A 155 12.55 -0.88 2.49
N PRO A 156 13.14 0.23 2.02
CA PRO A 156 13.80 1.21 2.89
C PRO A 156 12.81 1.99 3.74
N GLN A 157 13.27 2.48 4.89
CA GLN A 157 12.42 3.25 5.79
C GLN A 157 11.84 4.47 5.08
N GLN A 158 12.67 5.16 4.31
CA GLN A 158 12.23 6.35 3.59
C GLN A 158 10.99 6.04 2.75
N GLN A 159 11.05 4.97 1.99
CA GLN A 159 9.93 4.57 1.14
C GLN A 159 8.69 4.27 1.98
N GLN A 160 8.90 3.57 3.09
CA GLN A 160 7.80 3.21 3.99
C GLN A 160 7.01 4.44 4.41
N GLU A 161 7.69 5.36 5.10
CA GLU A 161 7.05 6.59 5.56
C GLU A 161 6.50 7.40 4.38
N GLU A 162 7.30 7.49 3.32
CA GLU A 162 6.90 8.23 2.13
C GLU A 162 5.56 7.73 1.59
N VAL A 163 5.51 6.45 1.26
CA VAL A 163 4.29 5.84 0.74
C VAL A 163 3.10 6.11 1.66
N GLN A 164 3.25 5.73 2.92
CA GLN A 164 2.19 5.94 3.91
C GLN A 164 1.74 7.38 3.93
N ARG A 165 2.68 8.29 4.18
CA ARG A 165 2.37 9.71 4.22
C ARG A 165 1.67 10.17 2.94
N LEU A 166 2.10 9.63 1.81
CA LEU A 166 1.51 9.98 0.52
C LEU A 166 0.05 9.58 0.48
N LEU A 167 -0.24 8.34 0.87
CA LEU A 167 -1.61 7.84 0.87
C LEU A 167 -2.52 8.75 1.69
N MET A 168 -1.99 9.28 2.78
CA MET A 168 -2.75 10.17 3.66
C MET A 168 -2.49 11.63 3.31
N MET A 169 -2.17 11.88 2.05
CA MET A 169 -1.89 13.24 1.59
C MET A 169 -3.10 14.15 1.81
N GLY A 170 -2.85 15.45 1.84
CA GLY A 170 -3.93 16.40 2.04
C GLY A 170 -5.05 16.23 1.03
N GLU A 171 -4.69 15.84 -0.18
CA GLU A 171 -5.67 15.64 -1.23
C GLU A 171 -6.80 14.71 -0.77
N PRO A 172 -8.04 15.17 -0.93
CA PRO A 172 -9.23 14.41 -0.52
C PRO A 172 -9.45 13.19 -1.42
N ALA A 173 -9.70 12.04 -0.80
CA ALA A 173 -9.94 10.81 -1.54
C ALA A 173 -11.26 10.87 -2.29
N LYS A 174 -11.19 10.80 -3.61
CA LYS A 174 -12.38 10.84 -4.45
C LYS A 174 -13.15 9.53 -4.38
N GLY A 175 -12.54 8.53 -3.74
CA GLY A 175 -13.19 7.23 -3.62
C GLY A 175 -12.62 6.42 -2.47
N TRP A 176 -12.85 6.89 -1.24
CA TRP A 176 -12.36 6.20 -0.06
C TRP A 176 -13.22 4.99 0.26
N GLN A 177 -14.51 5.23 0.51
CA GLN A 177 -15.44 4.15 0.83
C GLN A 177 -15.51 3.14 -0.30
N GLU A 178 -15.36 3.62 -1.54
CA GLU A 178 -15.40 2.75 -2.70
C GLU A 178 -14.22 1.78 -2.70
N LEU A 179 -13.03 2.30 -2.42
CA LEU A 179 -11.82 1.48 -2.40
C LEU A 179 -11.91 0.41 -1.32
N ALA A 180 -12.33 0.82 -0.13
CA ALA A 180 -12.46 -0.11 1.00
C ALA A 180 -13.37 -1.27 0.63
N GLY A 181 -14.60 -0.96 0.23
CA GLY A 181 -15.55 -1.99 -0.14
C GLY A 181 -15.02 -2.93 -1.20
N HIS A 182 -14.50 -2.34 -2.28
CA HIS A 182 -13.94 -3.13 -3.38
C HIS A 182 -12.86 -4.08 -2.87
N LEU A 183 -12.06 -3.61 -1.93
CA LEU A 183 -10.98 -4.42 -1.36
C LEU A 183 -11.54 -5.56 -0.53
N GLY A 184 -12.78 -5.41 -0.07
CA GLY A 184 -13.41 -6.45 0.72
C GLY A 184 -13.59 -6.03 2.17
N TYR A 185 -13.66 -4.73 2.41
CA TYR A 185 -13.83 -4.20 3.76
C TYR A 185 -15.32 -4.01 4.08
N GLN A 186 -15.70 -4.40 5.30
CA GLN A 186 -17.08 -4.26 5.74
C GLN A 186 -17.25 -3.08 6.67
N ALA A 187 -18.45 -2.93 7.24
CA ALA A 187 -18.73 -1.84 8.16
C ALA A 187 -17.89 -1.94 9.42
N GLU A 188 -17.74 -3.15 9.93
CA GLU A 188 -16.96 -3.39 11.14
C GLU A 188 -15.47 -3.12 10.89
N ALA A 189 -15.03 -3.42 9.68
CA ALA A 189 -13.64 -3.21 9.31
C ALA A 189 -13.35 -1.73 9.06
N VAL A 190 -14.06 -1.14 8.10
CA VAL A 190 -13.88 0.26 7.77
C VAL A 190 -13.97 1.13 9.02
N GLU A 191 -14.82 0.73 9.96
CA GLU A 191 -15.02 1.47 11.19
C GLU A 191 -13.80 1.32 12.10
N THR A 192 -13.37 0.08 12.32
CA THR A 192 -12.23 -0.20 13.17
C THR A 192 -10.98 0.49 12.65
N MET A 193 -10.65 0.26 11.38
CA MET A 193 -9.48 0.87 10.77
C MET A 193 -9.56 2.38 10.81
N ALA A 194 -10.78 2.90 10.61
CA ALA A 194 -10.99 4.35 10.62
C ALA A 194 -10.60 4.95 11.96
N CYS A 195 -10.93 4.24 13.04
CA CYS A 195 -10.61 4.71 14.39
C CYS A 195 -9.12 5.03 14.51
N ASP A 196 -8.28 4.08 14.16
CA ASP A 196 -6.83 4.26 14.24
C ASP A 196 -6.34 5.19 13.13
N GLN A 197 -5.08 5.59 13.22
CA GLN A 197 -4.50 6.47 12.22
C GLN A 197 -3.43 5.75 11.41
N MET A 198 -3.68 4.48 11.10
CA MET A 198 -2.75 3.68 10.32
C MET A 198 -3.48 2.70 9.42
N PRO A 199 -4.19 3.24 8.41
CA PRO A 199 -4.95 2.43 7.46
C PRO A 199 -4.04 1.62 6.53
N ALA A 200 -2.99 2.26 6.04
CA ALA A 200 -2.05 1.60 5.14
C ALA A 200 -1.34 0.45 5.84
N TYR A 201 -0.95 0.67 7.09
CA TYR A 201 -0.25 -0.35 7.86
C TYR A 201 -1.20 -1.50 8.22
N THR A 202 -2.38 -1.15 8.70
CA THR A 202 -3.38 -2.14 9.08
C THR A 202 -3.89 -2.90 7.86
N LEU A 203 -3.93 -2.22 6.72
CA LEU A 203 -4.40 -2.84 5.49
C LEU A 203 -3.45 -3.95 5.04
N LEU A 204 -2.19 -3.60 4.82
CA LEU A 204 -1.19 -4.58 4.39
C LEU A 204 -1.00 -5.67 5.45
N ARG A 205 -1.01 -5.26 6.71
CA ARG A 205 -0.84 -6.20 7.82
C ARG A 205 -1.90 -7.30 7.76
N ASN A 206 -3.17 -6.90 7.81
CA ASN A 206 -4.27 -7.85 7.76
C ASN A 206 -4.36 -8.51 6.39
N TRP A 207 -3.85 -7.83 5.37
CA TRP A 207 -3.88 -8.35 4.01
C TRP A 207 -3.07 -9.64 3.91
N ALA A 208 -1.78 -9.54 4.20
CA ALA A 208 -0.90 -10.71 4.14
C ALA A 208 -1.19 -11.68 5.29
N ALA A 209 -1.68 -11.14 6.39
CA ALA A 209 -2.01 -11.95 7.56
C ALA A 209 -3.24 -12.81 7.31
N GLN A 210 -4.37 -12.15 7.03
CA GLN A 210 -5.61 -12.86 6.77
C GLN A 210 -5.48 -13.79 5.56
N GLU A 211 -4.97 -13.24 4.47
CA GLU A 211 -4.79 -14.01 3.24
C GLU A 211 -3.73 -15.10 3.44
N GLY A 212 -2.57 -14.70 3.95
CA GLY A 212 -1.49 -15.64 4.17
C GLY A 212 -1.14 -16.43 2.93
N ASN A 213 -1.35 -15.83 1.76
CA ASN A 213 -1.06 -16.49 0.49
C ASN A 213 0.24 -15.97 -0.11
N ARG A 214 0.44 -16.25 -1.39
CA ARG A 214 1.65 -15.81 -2.09
C ARG A 214 1.45 -14.42 -2.68
N ALA A 215 0.39 -13.74 -2.26
CA ALA A 215 0.09 -12.40 -2.74
C ALA A 215 1.30 -11.49 -2.60
N THR A 216 1.71 -10.88 -3.71
CA THR A 216 2.86 -9.98 -3.72
C THR A 216 2.42 -8.52 -3.81
N LEU A 217 3.30 -7.62 -3.44
CA LEU A 217 3.01 -6.18 -3.49
C LEU A 217 2.54 -5.77 -4.87
N ARG A 218 2.94 -6.55 -5.89
CA ARG A 218 2.55 -6.26 -7.26
C ARG A 218 1.04 -6.08 -7.38
N VAL A 219 0.29 -6.84 -6.57
CA VAL A 219 -1.16 -6.76 -6.59
C VAL A 219 -1.64 -5.40 -6.12
N LEU A 220 -0.90 -4.79 -5.21
CA LEU A 220 -1.25 -3.48 -4.67
C LEU A 220 -0.82 -2.37 -5.64
N GLU A 221 0.32 -2.55 -6.28
CA GLU A 221 0.83 -1.57 -7.22
C GLU A 221 -0.14 -1.36 -8.37
N ASP A 222 -0.63 -2.47 -8.92
CA ASP A 222 -1.59 -2.41 -10.04
C ASP A 222 -2.95 -1.96 -9.55
N ALA A 223 -3.45 -2.58 -8.48
CA ALA A 223 -4.75 -2.24 -7.93
C ALA A 223 -4.82 -0.76 -7.58
N LEU A 224 -3.69 -0.21 -7.12
CA LEU A 224 -3.63 1.20 -6.75
C LEU A 224 -3.38 2.08 -7.97
N ALA A 225 -2.46 1.65 -8.82
CA ALA A 225 -2.12 2.39 -10.03
C ALA A 225 -3.37 2.71 -10.84
N ALA A 226 -4.36 1.82 -10.78
CA ALA A 226 -5.61 2.01 -11.51
C ALA A 226 -6.27 3.32 -11.12
N ILE A 227 -5.98 3.79 -9.91
CA ILE A 227 -6.56 5.04 -9.42
C ILE A 227 -5.85 6.24 -10.03
N GLY A 228 -4.67 6.01 -10.58
CA GLY A 228 -3.90 7.09 -11.19
C GLY A 228 -2.91 7.72 -10.23
N ARG A 229 -2.37 6.90 -9.33
CA ARG A 229 -1.39 7.38 -8.36
C ARG A 229 0.03 7.06 -8.79
N GLU A 230 0.60 7.93 -9.62
CA GLU A 230 1.96 7.73 -10.11
C GLU A 230 2.99 8.06 -9.03
N ASP A 231 2.63 9.01 -8.17
CA ASP A 231 3.52 9.41 -7.07
C ASP A 231 4.04 8.19 -6.31
N VAL A 232 3.11 7.40 -5.79
CA VAL A 232 3.48 6.20 -5.03
C VAL A 232 4.16 5.18 -5.93
N VAL A 233 3.69 5.06 -7.16
CA VAL A 233 4.26 4.11 -8.12
C VAL A 233 5.74 4.39 -8.34
N GLN A 234 6.12 5.66 -8.30
CA GLN A 234 7.52 6.05 -8.49
C GLN A 234 8.32 5.87 -7.20
N VAL A 235 7.65 6.11 -6.07
CA VAL A 235 8.30 5.98 -4.77
C VAL A 235 8.82 4.56 -4.55
N LEU A 236 7.93 3.59 -4.74
CA LEU A 236 8.30 2.18 -4.57
C LEU A 236 8.84 1.59 -5.87
N SER A 237 8.23 1.97 -6.98
CA SER A 237 8.65 1.48 -8.29
C SER A 237 9.14 2.63 -9.17
N SER A 238 10.21 3.27 -8.76
CA SER A 238 10.78 4.40 -9.50
C SER A 238 10.97 4.02 -10.97
N PRO A 239 11.09 5.04 -11.83
CA PRO A 239 11.29 4.85 -13.27
C PRO A 239 12.66 4.28 -13.59
N ALA A 240 12.74 3.48 -14.64
CA ALA A 240 14.00 2.89 -15.06
C ALA A 240 14.22 3.06 -16.57
N GLU A 241 13.15 2.89 -17.33
CA GLU A 241 13.22 3.03 -18.79
C GLU A 241 11.96 3.68 -19.33
N SER A 242 12.13 4.57 -20.30
CA SER A 242 11.01 5.27 -20.92
C SER A 242 10.21 6.04 -19.86
N SER A 243 10.58 7.31 -19.66
CA SER A 243 9.91 8.16 -18.68
C SER A 243 9.66 9.54 -19.25
N SER A 244 8.40 9.98 -19.18
CA SER A 244 8.02 11.29 -19.69
C SER A 244 7.14 12.03 -18.70
N VAL A 245 6.22 11.29 -18.07
CA VAL A 245 5.31 11.88 -17.09
C VAL A 245 6.06 12.70 -16.05
N VAL A 246 7.28 12.26 -15.73
CA VAL A 246 8.10 12.97 -14.75
C VAL A 246 9.36 13.55 -15.40
N PRO A 145 13.20 -13.42 18.91
CA PRO A 145 11.92 -12.72 18.72
C PRO A 145 11.47 -12.71 17.27
N ASP A 146 10.34 -12.07 17.00
CA ASP A 146 9.80 -11.98 15.65
C ASP A 146 10.86 -11.45 14.68
N LEU A 147 11.40 -12.33 13.85
CA LEU A 147 12.41 -11.94 12.87
C LEU A 147 11.77 -11.34 11.62
N GLY A 148 10.74 -12.01 11.12
CA GLY A 148 10.05 -11.53 9.93
C GLY A 148 9.59 -12.67 9.04
N CYS A 149 8.38 -13.16 9.29
CA CYS A 149 7.82 -14.25 8.50
C CYS A 149 7.15 -13.72 7.24
N GLN A 150 6.52 -12.55 7.36
CA GLN A 150 5.84 -11.94 6.22
C GLN A 150 6.84 -11.37 5.22
N LEU A 151 6.33 -10.83 4.12
CA LEU A 151 7.18 -10.25 3.09
C LEU A 151 6.92 -8.76 2.93
N TYR A 152 5.77 -8.31 3.44
CA TYR A 152 5.39 -6.90 3.35
C TYR A 152 6.39 -6.03 4.10
N LEU A 153 6.89 -6.55 5.21
CA LEU A 153 7.85 -5.80 6.03
C LEU A 153 9.27 -5.94 5.46
N HIS A 154 9.37 -6.60 4.31
CA HIS A 154 10.67 -6.79 3.66
C HIS A 154 11.10 -5.51 2.95
N ILE A 155 10.14 -4.67 2.63
CA ILE A 155 10.43 -3.41 1.95
C ILE A 155 11.29 -2.49 2.80
N PRO A 156 12.07 -1.63 2.15
CA PRO A 156 12.96 -0.68 2.83
C PRO A 156 12.18 0.42 3.56
N GLN A 157 12.62 0.75 4.76
CA GLN A 157 11.97 1.78 5.56
C GLN A 157 11.81 3.07 4.75
N GLN A 158 12.76 3.32 3.86
CA GLN A 158 12.72 4.52 3.02
C GLN A 158 11.42 4.59 2.23
N GLN A 159 11.11 3.52 1.52
CA GLN A 159 9.88 3.47 0.72
C GLN A 159 8.65 3.39 1.62
N GLN A 160 8.75 2.59 2.68
CA GLN A 160 7.63 2.44 3.60
C GLN A 160 7.16 3.79 4.13
N GLU A 161 8.11 4.61 4.57
CA GLU A 161 7.78 5.94 5.09
C GLU A 161 7.24 6.84 3.99
N GLU A 162 7.89 6.81 2.83
CA GLU A 162 7.47 7.63 1.71
C GLU A 162 5.99 7.43 1.41
N VAL A 163 5.59 6.18 1.19
CA VAL A 163 4.21 5.85 0.90
C VAL A 163 3.30 6.27 2.04
N GLN A 164 3.67 5.91 3.26
CA GLN A 164 2.88 6.24 4.44
C GLN A 164 2.57 7.74 4.48
N ARG A 165 3.54 8.55 4.08
CA ARG A 165 3.38 10.00 4.07
C ARG A 165 2.37 10.42 3.00
N LEU A 166 2.49 9.83 1.82
CA LEU A 166 1.58 10.15 0.71
C LEU A 166 0.14 9.83 1.08
N LEU A 167 -0.09 8.62 1.57
CA LEU A 167 -1.43 8.20 1.97
C LEU A 167 -2.03 9.17 2.98
N MET A 168 -1.17 9.75 3.81
CA MET A 168 -1.62 10.69 4.83
C MET A 168 -1.48 12.13 4.33
N MET A 169 -1.61 12.31 3.02
CA MET A 169 -1.50 13.64 2.41
C MET A 169 -2.73 14.48 2.75
N GLY A 170 -2.51 15.78 2.91
CA GLY A 170 -3.60 16.68 3.24
C GLY A 170 -4.82 16.45 2.37
N GLU A 171 -4.61 16.36 1.06
CA GLU A 171 -5.69 16.13 0.12
C GLU A 171 -6.39 14.80 0.40
N PRO A 172 -7.72 14.81 0.36
CA PRO A 172 -8.54 13.60 0.60
C PRO A 172 -8.42 12.59 -0.54
N ALA A 173 -8.36 11.31 -0.17
CA ALA A 173 -8.24 10.24 -1.16
C ALA A 173 -9.32 10.37 -2.22
N LYS A 174 -8.95 10.07 -3.47
CA LYS A 174 -9.88 10.15 -4.58
C LYS A 174 -10.46 8.78 -4.91
N GLY A 175 -11.24 8.22 -3.98
CA GLY A 175 -11.84 6.92 -4.20
C GLY A 175 -11.38 5.90 -3.17
N TRP A 176 -11.45 6.28 -1.90
CA TRP A 176 -11.04 5.39 -0.81
C TRP A 176 -11.96 4.18 -0.72
N GLN A 177 -13.25 4.45 -0.49
CA GLN A 177 -14.23 3.38 -0.38
C GLN A 177 -14.20 2.47 -1.61
N GLU A 178 -14.09 3.08 -2.79
CA GLU A 178 -14.05 2.33 -4.04
C GLU A 178 -12.93 1.30 -4.01
N LEU A 179 -11.74 1.73 -3.56
CA LEU A 179 -10.58 0.84 -3.49
C LEU A 179 -10.86 -0.32 -2.55
N ALA A 180 -11.41 -0.02 -1.37
CA ALA A 180 -11.72 -1.05 -0.39
C ALA A 180 -12.59 -2.15 -0.99
N GLY A 181 -13.66 -1.74 -1.67
CA GLY A 181 -14.55 -2.72 -2.28
C GLY A 181 -13.93 -3.39 -3.49
N HIS A 182 -13.30 -2.60 -4.34
CA HIS A 182 -12.66 -3.13 -5.54
C HIS A 182 -11.69 -4.26 -5.19
N LEU A 183 -10.93 -4.05 -4.13
CA LEU A 183 -9.96 -5.05 -3.68
C LEU A 183 -10.65 -6.29 -3.15
N GLY A 184 -11.90 -6.13 -2.74
CA GLY A 184 -12.66 -7.26 -2.23
C GLY A 184 -12.62 -7.34 -0.72
N TYR A 185 -12.53 -6.19 -0.07
CA TYR A 185 -12.48 -6.14 1.38
C TYR A 185 -13.88 -5.98 1.98
N GLN A 186 -14.18 -6.81 2.98
CA GLN A 186 -15.47 -6.77 3.64
C GLN A 186 -15.67 -5.45 4.37
N ALA A 187 -16.92 -5.17 4.75
CA ALA A 187 -17.24 -3.94 5.46
C ALA A 187 -16.68 -3.97 6.88
N GLU A 188 -16.67 -5.15 7.49
CA GLU A 188 -16.17 -5.30 8.84
C GLU A 188 -14.67 -5.00 8.90
N ALA A 189 -13.92 -5.50 7.92
CA ALA A 189 -12.48 -5.29 7.85
C ALA A 189 -12.17 -3.82 7.59
N VAL A 190 -12.66 -3.29 6.48
CA VAL A 190 -12.42 -1.90 6.12
C VAL A 190 -12.76 -0.97 7.28
N GLU A 191 -13.77 -1.34 8.05
CA GLU A 191 -14.19 -0.53 9.19
C GLU A 191 -13.22 -0.70 10.37
N THR A 192 -12.70 -1.92 10.52
CA THR A 192 -11.77 -2.22 11.59
C THR A 192 -10.49 -1.39 11.46
N MET A 193 -9.92 -1.40 10.26
CA MET A 193 -8.69 -0.65 10.00
C MET A 193 -8.97 0.84 9.95
N ALA A 194 -10.06 1.21 9.29
CA ALA A 194 -10.44 2.61 9.17
C ALA A 194 -10.52 3.29 10.53
N CYS A 195 -11.11 2.58 11.50
CA CYS A 195 -11.25 3.11 12.85
C CYS A 195 -9.88 3.45 13.44
N ASP A 196 -8.88 2.66 13.11
CA ASP A 196 -7.53 2.88 13.61
C ASP A 196 -6.86 4.04 12.88
N GLN A 197 -5.96 4.73 13.56
CA GLN A 197 -5.25 5.86 12.97
C GLN A 197 -4.29 5.39 11.88
N MET A 198 -3.87 4.14 11.98
CA MET A 198 -2.95 3.57 10.99
C MET A 198 -3.66 2.53 10.12
N PRO A 199 -4.36 3.01 9.08
CA PRO A 199 -5.08 2.15 8.15
C PRO A 199 -4.16 1.32 7.27
N ALA A 200 -3.08 1.94 6.82
CA ALA A 200 -2.11 1.27 5.97
C ALA A 200 -1.44 0.10 6.71
N TYR A 201 -0.99 0.37 7.94
CA TYR A 201 -0.34 -0.64 8.74
C TYR A 201 -1.31 -1.77 9.09
N THR A 202 -2.50 -1.39 9.56
CA THR A 202 -3.52 -2.36 9.93
C THR A 202 -3.99 -3.16 8.72
N LEU A 203 -4.07 -2.49 7.57
CA LEU A 203 -4.51 -3.12 6.34
C LEU A 203 -3.59 -4.28 5.96
N LEU A 204 -2.29 -4.02 5.96
CA LEU A 204 -1.31 -5.04 5.63
C LEU A 204 -1.19 -6.08 6.74
N ARG A 205 -1.45 -5.64 7.97
CA ARG A 205 -1.39 -6.53 9.12
C ARG A 205 -2.34 -7.71 8.95
N ASN A 206 -3.62 -7.41 8.82
CA ASN A 206 -4.63 -8.45 8.65
C ASN A 206 -4.51 -9.11 7.28
N TRP A 207 -4.26 -8.31 6.26
CA TRP A 207 -4.12 -8.83 4.90
C TRP A 207 -2.99 -9.84 4.82
N ALA A 208 -1.78 -9.41 5.18
CA ALA A 208 -0.62 -10.28 5.15
C ALA A 208 -0.82 -11.51 6.03
N ALA A 209 -1.49 -11.30 7.17
CA ALA A 209 -1.76 -12.39 8.10
C ALA A 209 -2.76 -13.39 7.52
N GLN A 210 -3.67 -12.88 6.69
CA GLN A 210 -4.68 -13.73 6.07
C GLN A 210 -4.06 -14.63 5.01
N GLU A 211 -3.29 -14.04 4.10
CA GLU A 211 -2.65 -14.80 3.04
C GLU A 211 -1.14 -14.83 3.24
N GLY A 212 -0.51 -13.66 3.17
CA GLY A 212 0.92 -13.57 3.35
C GLY A 212 1.67 -14.62 2.55
N ASN A 213 1.12 -14.98 1.39
CA ASN A 213 1.74 -15.98 0.53
C ASN A 213 2.38 -15.32 -0.68
N ARG A 214 1.55 -14.92 -1.65
CA ARG A 214 2.03 -14.28 -2.87
C ARG A 214 1.72 -12.78 -2.85
N ALA A 215 1.33 -12.28 -1.68
CA ALA A 215 1.01 -10.86 -1.54
C ALA A 215 2.14 -9.98 -2.05
N THR A 216 1.98 -9.45 -3.25
CA THR A 216 2.99 -8.60 -3.86
C THR A 216 2.49 -7.16 -4.00
N LEU A 217 3.38 -6.20 -3.79
CA LEU A 217 3.02 -4.79 -3.90
C LEU A 217 2.37 -4.49 -5.24
N ARG A 218 2.69 -5.30 -6.24
CA ARG A 218 2.14 -5.12 -7.58
C ARG A 218 0.62 -5.03 -7.53
N VAL A 219 0.02 -5.75 -6.60
CA VAL A 219 -1.44 -5.75 -6.44
C VAL A 219 -1.94 -4.37 -6.00
N LEU A 220 -1.11 -3.67 -5.24
CA LEU A 220 -1.47 -2.33 -4.75
C LEU A 220 -1.25 -1.28 -5.83
N GLU A 221 -0.07 -1.31 -6.44
CA GLU A 221 0.28 -0.36 -7.49
C GLU A 221 -0.76 -0.38 -8.62
N ASP A 222 -1.25 -1.58 -8.93
CA ASP A 222 -2.25 -1.74 -9.98
C ASP A 222 -3.62 -1.29 -9.50
N ALA A 223 -4.07 -1.86 -8.38
CA ALA A 223 -5.37 -1.50 -7.81
C ALA A 223 -5.48 -0.01 -7.59
N LEU A 224 -4.37 0.62 -7.24
CA LEU A 224 -4.35 2.06 -6.99
C LEU A 224 -4.25 2.83 -8.30
N ALA A 225 -3.41 2.35 -9.21
CA ALA A 225 -3.23 2.99 -10.51
C ALA A 225 -4.56 3.12 -11.25
N ALA A 226 -5.46 2.17 -11.01
CA ALA A 226 -6.76 2.19 -11.65
C ALA A 226 -7.51 3.48 -11.35
N ILE A 227 -7.19 4.09 -10.22
CA ILE A 227 -7.83 5.34 -9.81
C ILE A 227 -7.26 6.52 -10.59
N GLY A 228 -6.10 6.32 -11.19
CA GLY A 228 -5.47 7.40 -11.96
C GLY A 228 -4.39 8.11 -11.17
N ARG A 229 -3.68 7.37 -10.32
CA ARG A 229 -2.62 7.95 -9.51
C ARG A 229 -1.25 7.46 -9.96
N GLU A 230 -0.63 8.22 -10.87
CA GLU A 230 0.68 7.86 -11.38
C GLU A 230 1.79 8.28 -10.41
N ASP A 231 1.58 9.39 -9.73
CA ASP A 231 2.55 9.90 -8.77
C ASP A 231 2.96 8.82 -7.79
N VAL A 232 1.98 8.24 -7.12
CA VAL A 232 2.24 7.17 -6.15
C VAL A 232 2.90 5.97 -6.81
N VAL A 233 2.53 5.72 -8.06
CA VAL A 233 3.08 4.59 -8.81
C VAL A 233 4.54 4.83 -9.15
N GLN A 234 4.90 6.10 -9.33
CA GLN A 234 6.28 6.45 -9.67
C GLN A 234 7.17 6.40 -8.43
N VAL A 235 6.62 6.81 -7.29
CA VAL A 235 7.37 6.81 -6.04
C VAL A 235 7.59 5.39 -5.52
N LEU A 236 6.58 4.54 -5.73
CA LEU A 236 6.66 3.15 -5.29
C LEU A 236 7.35 2.28 -6.34
N SER A 237 7.12 2.59 -7.60
CA SER A 237 7.72 1.84 -8.71
C SER A 237 8.62 2.74 -9.54
N SER A 238 9.64 3.30 -8.90
CA SER A 238 10.59 4.18 -9.57
C SER A 238 11.12 3.52 -10.86
N PRO A 239 11.66 4.35 -11.76
CA PRO A 239 12.21 3.88 -13.03
C PRO A 239 13.50 3.09 -12.85
N ALA A 240 13.54 1.90 -13.44
CA ALA A 240 14.72 1.04 -13.34
C ALA A 240 14.95 0.27 -14.63
N GLU A 241 15.97 -0.59 -14.63
CA GLU A 241 16.29 -1.38 -15.82
C GLU A 241 15.98 -2.86 -15.57
N SER A 242 15.93 -3.63 -16.65
CA SER A 242 15.66 -5.06 -16.56
C SER A 242 14.31 -5.30 -15.87
N SER A 243 13.24 -4.82 -16.50
CA SER A 243 11.90 -4.98 -15.95
C SER A 243 11.29 -6.31 -16.38
N SER A 244 10.08 -6.59 -15.89
CA SER A 244 9.39 -7.83 -16.21
C SER A 244 8.03 -7.54 -16.84
N VAL A 245 8.03 -6.74 -17.90
CA VAL A 245 6.79 -6.38 -18.59
C VAL A 245 6.60 -7.22 -19.84
N VAL A 246 5.37 -7.69 -20.05
CA VAL A 246 5.06 -8.51 -21.21
C VAL A 246 4.50 -7.67 -22.35
N PRO A 145 3.58 -7.30 11.22
CA PRO A 145 4.10 -8.52 11.84
C PRO A 145 5.48 -8.31 12.46
N ASP A 146 5.79 -9.10 13.49
CA ASP A 146 7.07 -9.00 14.17
C ASP A 146 7.99 -10.16 13.78
N LEU A 147 7.40 -11.34 13.59
CA LEU A 147 8.17 -12.51 13.21
C LEU A 147 8.27 -12.64 11.69
N GLY A 148 9.43 -13.11 11.22
CA GLY A 148 9.63 -13.26 9.79
C GLY A 148 10.63 -12.27 9.24
N CYS A 149 11.79 -12.76 8.85
CA CYS A 149 12.85 -11.91 8.30
C CYS A 149 12.56 -11.57 6.84
N GLN A 150 12.65 -12.57 5.97
CA GLN A 150 12.41 -12.39 4.55
C GLN A 150 10.92 -12.43 4.25
N LEU A 151 10.33 -11.26 4.02
CA LEU A 151 8.90 -11.17 3.72
C LEU A 151 8.59 -9.88 2.96
N TYR A 152 7.44 -9.85 2.30
CA TYR A 152 7.03 -8.67 1.54
C TYR A 152 6.73 -7.50 2.47
N LEU A 153 6.30 -7.82 3.68
CA LEU A 153 5.99 -6.79 4.67
C LEU A 153 7.24 -6.32 5.39
N HIS A 154 8.39 -6.85 4.96
CA HIS A 154 9.67 -6.48 5.56
C HIS A 154 10.32 -5.34 4.79
N ILE A 155 9.51 -4.57 4.07
CA ILE A 155 10.02 -3.44 3.29
C ILE A 155 10.89 -2.53 4.14
N PRO A 156 11.79 -1.78 3.48
CA PRO A 156 12.70 -0.86 4.15
C PRO A 156 11.98 0.36 4.73
N GLN A 157 12.55 0.94 5.78
CA GLN A 157 11.96 2.10 6.42
C GLN A 157 11.65 3.20 5.39
N GLN A 158 12.51 3.32 4.39
CA GLN A 158 12.33 4.31 3.34
C GLN A 158 11.07 4.04 2.53
N GLN A 159 10.76 2.77 2.35
CA GLN A 159 9.57 2.37 1.60
C GLN A 159 8.31 2.48 2.46
N GLN A 160 8.47 2.20 3.75
CA GLN A 160 7.34 2.26 4.68
C GLN A 160 7.01 3.71 5.03
N GLU A 161 8.03 4.56 5.04
CA GLU A 161 7.85 5.96 5.36
C GLU A 161 7.34 6.74 4.15
N GLU A 162 7.83 6.38 2.97
CA GLU A 162 7.42 7.04 1.74
C GLU A 162 5.98 6.66 1.38
N VAL A 163 5.62 5.42 1.63
CA VAL A 163 4.28 4.94 1.33
C VAL A 163 3.28 5.43 2.37
N GLN A 164 3.65 5.30 3.64
CA GLN A 164 2.78 5.73 4.73
C GLN A 164 2.53 7.24 4.68
N ARG A 165 3.56 7.98 4.29
CA ARG A 165 3.46 9.43 4.20
C ARG A 165 2.55 9.84 3.03
N LEU A 166 2.88 9.36 1.84
CA LEU A 166 2.10 9.68 0.65
C LEU A 166 0.63 9.36 0.87
N LEU A 167 0.34 8.13 1.27
CA LEU A 167 -1.04 7.70 1.51
C LEU A 167 -1.71 8.61 2.53
N MET A 168 -0.94 9.08 3.50
CA MET A 168 -1.47 9.96 4.54
C MET A 168 -1.20 11.42 4.19
N MET A 169 -1.14 11.72 2.89
CA MET A 169 -0.89 13.08 2.43
C MET A 169 -1.94 14.04 2.99
N GLY A 170 -1.53 15.30 3.16
CA GLY A 170 -2.44 16.29 3.70
C GLY A 170 -3.77 16.34 2.96
N GLU A 171 -3.71 16.10 1.65
CA GLU A 171 -4.92 16.12 0.83
C GLU A 171 -5.70 14.81 0.97
N PRO A 172 -7.02 14.92 1.13
CA PRO A 172 -7.90 13.77 1.28
C PRO A 172 -8.03 12.96 0.00
N ALA A 173 -8.02 11.63 0.13
CA ALA A 173 -8.13 10.76 -1.03
C ALA A 173 -9.59 10.59 -1.45
N LYS A 174 -9.86 10.77 -2.74
CA LYS A 174 -11.21 10.63 -3.27
C LYS A 174 -11.42 9.25 -3.88
N GLY A 175 -10.73 8.26 -3.33
CA GLY A 175 -10.86 6.90 -3.83
C GLY A 175 -10.55 5.86 -2.77
N TRP A 176 -10.87 6.18 -1.52
CA TRP A 176 -10.63 5.26 -0.42
C TRP A 176 -11.61 4.10 -0.44
N GLN A 177 -12.91 4.43 -0.45
CA GLN A 177 -13.96 3.42 -0.46
C GLN A 177 -13.75 2.45 -1.62
N GLU A 178 -13.57 2.99 -2.82
CA GLU A 178 -13.37 2.17 -4.01
C GLU A 178 -12.26 1.15 -3.78
N LEU A 179 -11.19 1.60 -3.13
CA LEU A 179 -10.05 0.74 -2.86
C LEU A 179 -10.45 -0.44 -1.96
N ALA A 180 -11.12 -0.13 -0.86
CA ALA A 180 -11.57 -1.15 0.08
C ALA A 180 -12.42 -2.20 -0.63
N GLY A 181 -13.47 -1.73 -1.31
CA GLY A 181 -14.36 -2.63 -2.02
C GLY A 181 -13.64 -3.46 -3.07
N HIS A 182 -12.84 -2.78 -3.90
CA HIS A 182 -12.08 -3.46 -4.94
C HIS A 182 -11.19 -4.55 -4.36
N LEU A 183 -10.65 -4.29 -3.18
CA LEU A 183 -9.77 -5.25 -2.51
C LEU A 183 -10.55 -6.49 -2.08
N GLY A 184 -11.86 -6.33 -1.93
CA GLY A 184 -12.71 -7.45 -1.51
C GLY A 184 -13.30 -7.25 -0.14
N TYR A 185 -13.22 -6.02 0.37
CA TYR A 185 -13.75 -5.70 1.69
C TYR A 185 -15.19 -5.19 1.59
N GLN A 186 -16.03 -5.65 2.50
CA GLN A 186 -17.44 -5.24 2.52
C GLN A 186 -17.60 -3.89 3.19
N ALA A 187 -18.74 -3.24 2.93
CA ALA A 187 -19.02 -1.94 3.51
C ALA A 187 -18.80 -1.95 5.03
N GLU A 188 -19.22 -3.04 5.66
CA GLU A 188 -19.07 -3.18 7.11
C GLU A 188 -17.60 -3.27 7.50
N ALA A 189 -16.81 -3.92 6.67
CA ALA A 189 -15.39 -4.08 6.92
C ALA A 189 -14.65 -2.76 6.76
N VAL A 190 -14.78 -2.14 5.58
CA VAL A 190 -14.13 -0.87 5.32
C VAL A 190 -14.42 0.15 6.41
N GLU A 191 -15.67 0.19 6.85
CA GLU A 191 -16.09 1.11 7.90
C GLU A 191 -15.41 0.78 9.22
N THR A 192 -15.34 -0.50 9.54
CA THR A 192 -14.71 -0.96 10.78
C THR A 192 -13.28 -0.48 10.88
N MET A 193 -12.46 -0.85 9.88
CA MET A 193 -11.06 -0.46 9.86
C MET A 193 -10.93 1.06 9.74
N ALA A 194 -11.75 1.66 8.88
CA ALA A 194 -11.72 3.10 8.68
C ALA A 194 -11.80 3.84 10.01
N CYS A 195 -12.60 3.31 10.94
CA CYS A 195 -12.76 3.92 12.25
C CYS A 195 -11.41 4.18 12.90
N ASP A 196 -10.47 3.27 12.69
CA ASP A 196 -9.13 3.41 13.25
C ASP A 196 -8.37 4.56 12.60
N GLN A 197 -7.35 5.05 13.29
CA GLN A 197 -6.54 6.16 12.78
C GLN A 197 -5.66 5.70 11.63
N MET A 198 -5.18 4.47 11.70
CA MET A 198 -4.32 3.91 10.67
C MET A 198 -4.99 2.72 9.99
N PRO A 199 -6.03 3.01 9.18
CA PRO A 199 -6.77 1.96 8.46
C PRO A 199 -5.94 1.33 7.35
N ALA A 200 -5.25 2.17 6.58
CA ALA A 200 -4.43 1.69 5.47
C ALA A 200 -3.38 0.70 5.97
N TYR A 201 -2.70 1.05 7.06
CA TYR A 201 -1.67 0.19 7.63
C TYR A 201 -2.29 -1.05 8.27
N THR A 202 -3.33 -0.84 9.06
CA THR A 202 -4.02 -1.93 9.74
C THR A 202 -4.55 -2.95 8.73
N LEU A 203 -5.07 -2.45 7.62
CA LEU A 203 -5.63 -3.31 6.57
C LEU A 203 -4.53 -4.14 5.92
N LEU A 204 -3.42 -3.49 5.59
CA LEU A 204 -2.28 -4.16 4.96
C LEU A 204 -1.69 -5.21 5.90
N ARG A 205 -1.27 -4.76 7.09
CA ARG A 205 -0.67 -5.65 8.08
C ARG A 205 -1.57 -6.86 8.31
N ASN A 206 -2.88 -6.64 8.28
CA ASN A 206 -3.85 -7.72 8.50
C ASN A 206 -3.86 -8.68 7.32
N TRP A 207 -4.06 -8.13 6.13
CA TRP A 207 -4.10 -8.94 4.91
C TRP A 207 -2.86 -9.83 4.80
N ALA A 208 -1.69 -9.19 4.89
CA ALA A 208 -0.43 -9.91 4.80
C ALA A 208 -0.29 -10.92 5.93
N ALA A 209 -0.80 -10.57 7.10
CA ALA A 209 -0.73 -11.44 8.26
C ALA A 209 -1.64 -12.66 8.09
N GLN A 210 -2.75 -12.47 7.39
CA GLN A 210 -3.69 -13.56 7.14
C GLN A 210 -3.11 -14.58 6.16
N GLU A 211 -2.64 -14.09 5.01
CA GLU A 211 -2.07 -14.96 4.00
C GLU A 211 -0.57 -14.71 3.87
N GLY A 212 -0.21 -13.51 3.46
CA GLY A 212 1.19 -13.15 3.30
C GLY A 212 1.88 -14.02 2.25
N ASN A 213 1.09 -14.71 1.44
CA ASN A 213 1.62 -15.57 0.40
C ASN A 213 1.44 -14.94 -0.97
N ARG A 214 0.19 -14.84 -1.42
CA ARG A 214 -0.12 -14.26 -2.71
C ARG A 214 -0.04 -12.72 -2.66
N ALA A 215 -0.26 -12.17 -1.47
CA ALA A 215 -0.21 -10.73 -1.29
C ALA A 215 1.10 -10.15 -1.84
N THR A 216 1.03 -9.57 -3.03
CA THR A 216 2.19 -8.98 -3.67
C THR A 216 2.00 -7.49 -3.90
N LEU A 217 3.05 -6.72 -3.66
CA LEU A 217 2.99 -5.27 -3.84
C LEU A 217 2.42 -4.92 -5.21
N ARG A 218 2.66 -5.79 -6.19
CA ARG A 218 2.18 -5.57 -7.54
C ARG A 218 0.67 -5.27 -7.54
N VAL A 219 -0.07 -6.03 -6.74
CA VAL A 219 -1.51 -5.85 -6.64
C VAL A 219 -1.86 -4.50 -6.02
N LEU A 220 -0.94 -3.98 -5.21
CA LEU A 220 -1.14 -2.70 -4.55
C LEU A 220 -1.01 -1.55 -5.55
N GLU A 221 0.02 -1.62 -6.39
CA GLU A 221 0.26 -0.59 -7.38
C GLU A 221 -0.80 -0.64 -8.48
N ASP A 222 -1.23 -1.85 -8.83
CA ASP A 222 -2.25 -2.02 -9.87
C ASP A 222 -3.62 -1.62 -9.35
N ALA A 223 -4.06 -2.26 -8.28
CA ALA A 223 -5.36 -1.95 -7.69
C ALA A 223 -5.50 -0.47 -7.39
N LEU A 224 -4.42 0.14 -6.92
CA LEU A 224 -4.42 1.56 -6.60
C LEU A 224 -4.40 2.42 -7.86
N ALA A 225 -3.61 1.99 -8.84
CA ALA A 225 -3.50 2.71 -10.11
C ALA A 225 -4.86 2.84 -10.79
N ALA A 226 -5.71 1.83 -10.60
CA ALA A 226 -7.04 1.82 -11.19
C ALA A 226 -7.83 3.05 -10.75
N ILE A 227 -7.46 3.61 -9.60
CA ILE A 227 -8.14 4.78 -9.07
C ILE A 227 -7.71 6.05 -9.80
N GLY A 228 -6.58 5.97 -10.50
CA GLY A 228 -6.08 7.11 -11.23
C GLY A 228 -4.99 7.85 -10.48
N ARG A 229 -4.18 7.10 -9.72
CA ARG A 229 -3.10 7.69 -8.95
C ARG A 229 -1.75 7.46 -9.63
N GLU A 230 -1.32 8.43 -10.43
CA GLU A 230 -0.06 8.33 -11.14
C GLU A 230 1.11 8.71 -10.23
N ASP A 231 0.87 9.66 -9.34
CA ASP A 231 1.89 10.13 -8.41
C ASP A 231 2.55 8.94 -7.70
N VAL A 232 1.73 8.14 -7.02
CA VAL A 232 2.22 6.97 -6.30
C VAL A 232 2.92 5.99 -7.24
N VAL A 233 2.43 5.92 -8.48
CA VAL A 233 3.01 5.03 -9.48
C VAL A 233 4.39 5.50 -9.90
N GLN A 234 4.59 6.82 -9.93
CA GLN A 234 5.86 7.39 -10.33
C GLN A 234 6.85 7.37 -9.16
N VAL A 235 6.33 7.47 -7.95
CA VAL A 235 7.16 7.46 -6.74
C VAL A 235 7.80 6.08 -6.53
N LEU A 236 6.96 5.04 -6.56
CA LEU A 236 7.43 3.68 -6.36
C LEU A 236 7.93 3.08 -7.68
N SER A 237 7.19 3.35 -8.76
CA SER A 237 7.56 2.84 -10.07
C SER A 237 7.83 3.98 -11.04
N SER A 238 8.90 4.72 -10.77
CA SER A 238 9.28 5.85 -11.62
C SER A 238 9.31 5.45 -13.09
N PRO A 239 9.15 6.43 -13.99
CA PRO A 239 9.16 6.20 -15.43
C PRO A 239 10.54 5.82 -15.95
N ALA A 240 11.34 6.83 -16.29
CA ALA A 240 12.68 6.61 -16.80
C ALA A 240 12.66 5.73 -18.05
N GLU A 241 11.63 5.90 -18.86
CA GLU A 241 11.49 5.12 -20.09
C GLU A 241 10.58 5.84 -21.09
N SER A 242 11.16 6.24 -22.22
CA SER A 242 10.40 6.94 -23.25
C SER A 242 10.33 6.11 -24.53
N SER A 243 9.33 5.25 -24.62
CA SER A 243 9.15 4.39 -25.78
C SER A 243 7.67 4.12 -26.05
N SER A 244 6.92 3.84 -24.98
CA SER A 244 5.50 3.56 -25.08
C SER A 244 4.72 4.28 -23.99
N VAL A 245 3.89 5.25 -24.39
CA VAL A 245 3.09 6.00 -23.45
C VAL A 245 1.80 6.49 -24.09
N VAL A 246 0.69 6.35 -23.37
CA VAL A 246 -0.61 6.78 -23.87
C VAL A 246 -0.94 8.19 -23.42
N PRO A 145 5.30 -14.71 23.59
CA PRO A 145 6.00 -14.25 22.39
C PRO A 145 7.22 -13.39 22.71
N ASP A 146 8.40 -13.97 22.55
CA ASP A 146 9.65 -13.27 22.82
C ASP A 146 10.63 -13.42 21.66
N LEU A 147 10.17 -13.12 20.45
CA LEU A 147 11.01 -13.23 19.26
C LEU A 147 10.81 -12.03 18.35
N GLY A 148 11.37 -12.12 17.14
CA GLY A 148 11.24 -11.04 16.18
C GLY A 148 12.42 -10.96 15.23
N CYS A 149 12.17 -11.24 13.96
CA CYS A 149 13.23 -11.20 12.95
C CYS A 149 12.79 -10.40 11.73
N GLN A 150 13.43 -10.64 10.59
CA GLN A 150 13.11 -9.94 9.36
C GLN A 150 11.84 -10.49 8.74
N LEU A 151 11.06 -9.62 8.10
CA LEU A 151 9.81 -10.03 7.46
C LEU A 151 9.34 -8.95 6.49
N TYR A 152 8.20 -9.22 5.83
CA TYR A 152 7.64 -8.28 4.88
C TYR A 152 7.26 -6.97 5.55
N LEU A 153 6.85 -7.05 6.81
CA LEU A 153 6.47 -5.87 7.57
C LEU A 153 7.69 -5.17 8.14
N HIS A 154 8.88 -5.67 7.81
CA HIS A 154 10.13 -5.09 8.28
C HIS A 154 10.68 -4.11 7.24
N ILE A 155 9.81 -3.58 6.40
CA ILE A 155 10.23 -2.63 5.37
C ILE A 155 11.04 -1.50 5.97
N PRO A 156 11.88 -0.86 5.13
CA PRO A 156 12.72 0.25 5.55
C PRO A 156 11.92 1.51 5.86
N GLN A 157 12.48 2.36 6.71
CA GLN A 157 11.80 3.61 7.10
C GLN A 157 11.43 4.42 5.87
N GLN A 158 12.28 4.38 4.85
CA GLN A 158 12.04 5.12 3.61
C GLN A 158 10.70 4.72 3.00
N GLN A 159 10.50 3.42 2.81
CA GLN A 159 9.26 2.92 2.24
C GLN A 159 8.10 3.11 3.20
N GLN A 160 8.37 2.94 4.49
CA GLN A 160 7.35 3.09 5.52
C GLN A 160 6.77 4.50 5.51
N GLU A 161 7.65 5.49 5.61
CA GLU A 161 7.23 6.89 5.63
C GLU A 161 6.68 7.30 4.27
N GLU A 162 7.24 6.73 3.20
CA GLU A 162 6.79 7.05 1.85
C GLU A 162 5.35 6.60 1.63
N VAL A 163 5.11 5.30 1.78
CA VAL A 163 3.78 4.74 1.61
C VAL A 163 2.76 5.47 2.48
N GLN A 164 3.12 5.67 3.75
CA GLN A 164 2.23 6.36 4.68
C GLN A 164 1.99 7.80 4.25
N ARG A 165 3.05 8.46 3.81
CA ARG A 165 2.95 9.84 3.36
C ARG A 165 1.95 9.99 2.24
N LEU A 166 1.89 9.00 1.37
CA LEU A 166 0.96 9.01 0.24
C LEU A 166 -0.46 8.69 0.70
N LEU A 167 -0.62 7.54 1.36
CA LEU A 167 -1.92 7.12 1.86
C LEU A 167 -2.54 8.20 2.74
N MET A 168 -1.71 8.85 3.55
CA MET A 168 -2.18 9.90 4.43
C MET A 168 -1.80 11.28 3.89
N MET A 169 -1.71 11.39 2.57
CA MET A 169 -1.37 12.65 1.93
C MET A 169 -2.27 13.78 2.42
N GLY A 170 -1.66 14.92 2.73
CA GLY A 170 -2.41 16.06 3.22
C GLY A 170 -3.58 16.41 2.31
N GLU A 171 -3.33 16.47 1.01
CA GLU A 171 -4.36 16.80 0.04
C GLU A 171 -5.57 15.88 0.21
N PRO A 172 -6.73 16.35 -0.25
CA PRO A 172 -7.99 15.59 -0.17
C PRO A 172 -7.99 14.39 -1.10
N ALA A 173 -8.16 13.20 -0.52
CA ALA A 173 -8.20 11.97 -1.31
C ALA A 173 -9.62 11.63 -1.74
N LYS A 174 -9.86 11.63 -3.05
CA LYS A 174 -11.17 11.32 -3.58
C LYS A 174 -11.26 9.84 -3.98
N GLY A 175 -10.40 9.02 -3.39
CA GLY A 175 -10.41 7.60 -3.70
C GLY A 175 -10.43 6.74 -2.45
N TRP A 176 -11.05 7.25 -1.39
CA TRP A 176 -11.14 6.52 -0.14
C TRP A 176 -12.21 5.44 -0.21
N GLN A 177 -13.45 5.84 -0.46
CA GLN A 177 -14.56 4.90 -0.56
C GLN A 177 -14.41 4.02 -1.80
N GLU A 178 -13.89 4.60 -2.88
CA GLU A 178 -13.71 3.87 -4.12
C GLU A 178 -12.80 2.67 -3.92
N LEU A 179 -11.66 2.90 -3.27
CA LEU A 179 -10.70 1.83 -3.01
C LEU A 179 -11.27 0.81 -2.04
N ALA A 180 -11.66 1.26 -0.86
CA ALA A 180 -12.23 0.38 0.14
C ALA A 180 -13.39 -0.43 -0.42
N GLY A 181 -14.19 0.21 -1.26
CA GLY A 181 -15.33 -0.47 -1.86
C GLY A 181 -14.92 -1.58 -2.79
N HIS A 182 -14.05 -1.27 -3.75
CA HIS A 182 -13.57 -2.27 -4.70
C HIS A 182 -12.90 -3.44 -3.99
N LEU A 183 -12.23 -3.14 -2.88
CA LEU A 183 -11.55 -4.17 -2.10
C LEU A 183 -12.56 -5.10 -1.43
N GLY A 184 -13.78 -4.62 -1.26
CA GLY A 184 -14.81 -5.42 -0.64
C GLY A 184 -14.91 -5.20 0.85
N TYR A 185 -14.71 -3.95 1.28
CA TYR A 185 -14.77 -3.60 2.69
C TYR A 185 -16.18 -3.16 3.09
N GLN A 186 -16.47 -3.25 4.39
CA GLN A 186 -17.78 -2.86 4.89
C GLN A 186 -17.66 -1.70 5.87
N ALA A 187 -18.75 -1.40 6.57
CA ALA A 187 -18.77 -0.32 7.54
C ALA A 187 -17.70 -0.52 8.61
N GLU A 188 -17.71 -1.69 9.22
CA GLU A 188 -16.74 -2.02 10.27
C GLU A 188 -15.32 -1.73 9.80
N ALA A 189 -15.09 -1.88 8.50
CA ALA A 189 -13.78 -1.64 7.92
C ALA A 189 -13.49 -0.15 7.83
N VAL A 190 -14.31 0.57 7.08
CA VAL A 190 -14.13 2.01 6.90
C VAL A 190 -14.06 2.72 8.26
N GLU A 191 -14.70 2.13 9.26
CA GLU A 191 -14.70 2.70 10.61
C GLU A 191 -13.36 2.44 11.31
N THR A 192 -12.88 1.21 11.20
CA THR A 192 -11.62 0.83 11.83
C THR A 192 -10.46 1.68 11.31
N MET A 193 -10.49 1.97 10.01
CA MET A 193 -9.45 2.78 9.39
C MET A 193 -9.64 4.25 9.70
N ALA A 194 -10.90 4.67 9.77
CA ALA A 194 -11.23 6.06 10.07
C ALA A 194 -10.67 6.48 11.43
N CYS A 195 -10.72 5.57 12.38
CA CYS A 195 -10.23 5.84 13.73
C CYS A 195 -8.75 5.48 13.86
N ASP A 196 -8.32 4.50 13.07
CA ASP A 196 -6.94 4.06 13.08
C ASP A 196 -6.01 5.15 12.58
N GLN A 197 -4.76 5.12 13.03
CA GLN A 197 -3.77 6.11 12.62
C GLN A 197 -2.78 5.52 11.63
N MET A 198 -2.52 4.23 11.77
CA MET A 198 -1.59 3.54 10.88
C MET A 198 -2.32 2.57 9.97
N PRO A 199 -2.93 3.11 8.90
CA PRO A 199 -3.67 2.30 7.93
C PRO A 199 -2.76 1.42 7.08
N ALA A 200 -1.66 1.99 6.61
CA ALA A 200 -0.70 1.26 5.79
C ALA A 200 -0.25 -0.03 6.49
N TYR A 201 0.00 0.08 7.79
CA TYR A 201 0.45 -1.08 8.58
C TYR A 201 -0.72 -2.03 8.84
N THR A 202 -1.76 -1.52 9.47
CA THR A 202 -2.94 -2.32 9.79
C THR A 202 -3.44 -3.07 8.56
N LEU A 203 -3.49 -2.37 7.43
CA LEU A 203 -3.95 -2.98 6.19
C LEU A 203 -3.02 -4.10 5.74
N LEU A 204 -1.75 -3.75 5.51
CA LEU A 204 -0.76 -4.73 5.09
C LEU A 204 -0.77 -5.95 6.00
N ARG A 205 -0.73 -5.70 7.31
CA ARG A 205 -0.74 -6.78 8.29
C ARG A 205 -1.89 -7.74 8.03
N ASN A 206 -3.11 -7.23 8.05
CA ASN A 206 -4.30 -8.04 7.82
C ASN A 206 -4.17 -8.82 6.52
N TRP A 207 -3.54 -8.21 5.52
CA TRP A 207 -3.35 -8.85 4.23
C TRP A 207 -2.39 -10.04 4.34
N ALA A 208 -1.22 -9.78 4.89
CA ALA A 208 -0.21 -10.83 5.06
C ALA A 208 -0.71 -11.93 5.98
N ALA A 209 -1.51 -11.53 6.98
CA ALA A 209 -2.06 -12.48 7.94
C ALA A 209 -3.23 -13.26 7.33
N GLN A 210 -3.95 -12.63 6.41
CA GLN A 210 -5.08 -13.27 5.76
C GLN A 210 -4.63 -14.39 4.84
N GLU A 211 -3.68 -14.08 3.96
CA GLU A 211 -3.16 -15.07 3.03
C GLU A 211 -1.71 -15.43 3.36
N GLY A 212 -0.83 -14.44 3.32
CA GLY A 212 0.56 -14.67 3.61
C GLY A 212 1.21 -15.66 2.67
N ASN A 213 0.60 -15.84 1.50
CA ASN A 213 1.12 -16.76 0.51
C ASN A 213 1.79 -16.01 -0.65
N ARG A 214 0.98 -15.42 -1.52
CA ARG A 214 1.49 -14.68 -2.65
C ARG A 214 1.23 -13.18 -2.48
N ALA A 215 0.84 -12.78 -1.28
CA ALA A 215 0.56 -11.38 -0.99
C ALA A 215 1.80 -10.51 -1.21
N THR A 216 1.86 -9.90 -2.39
CA THR A 216 2.99 -9.04 -2.74
C THR A 216 2.53 -7.61 -2.98
N LEU A 217 3.41 -6.65 -2.68
CA LEU A 217 3.10 -5.24 -2.86
C LEU A 217 2.56 -4.97 -4.27
N ARG A 218 3.01 -5.79 -5.22
CA ARG A 218 2.57 -5.65 -6.61
C ARG A 218 1.05 -5.59 -6.70
N VAL A 219 0.38 -6.43 -5.90
CA VAL A 219 -1.07 -6.47 -5.89
C VAL A 219 -1.67 -5.10 -5.59
N LEU A 220 -0.93 -4.31 -4.81
CA LEU A 220 -1.38 -2.97 -4.45
C LEU A 220 -1.12 -1.98 -5.57
N GLU A 221 0.10 -2.03 -6.12
CA GLU A 221 0.48 -1.13 -7.21
C GLU A 221 -0.41 -1.35 -8.43
N ASP A 222 -0.71 -2.61 -8.71
CA ASP A 222 -1.56 -2.95 -9.85
C ASP A 222 -3.02 -2.59 -9.58
N ALA A 223 -3.57 -3.15 -8.51
CA ALA A 223 -4.95 -2.89 -8.14
C ALA A 223 -5.22 -1.39 -8.05
N LEU A 224 -4.22 -0.64 -7.59
CA LEU A 224 -4.35 0.80 -7.45
C LEU A 224 -4.15 1.50 -8.79
N ALA A 225 -3.18 1.03 -9.56
CA ALA A 225 -2.89 1.60 -10.87
C ALA A 225 -4.12 1.59 -11.76
N ALA A 226 -4.96 0.56 -11.59
CA ALA A 226 -6.17 0.43 -12.38
C ALA A 226 -7.07 1.66 -12.23
N ILE A 227 -6.97 2.30 -11.06
CA ILE A 227 -7.78 3.48 -10.78
C ILE A 227 -7.19 4.72 -11.47
N GLY A 228 -5.93 4.62 -11.89
CA GLY A 228 -5.29 5.72 -12.56
C GLY A 228 -4.38 6.51 -11.63
N ARG A 229 -3.69 5.80 -10.74
CA ARG A 229 -2.79 6.44 -9.80
C ARG A 229 -1.35 6.41 -10.30
N GLU A 230 -0.95 7.46 -11.01
CA GLU A 230 0.41 7.54 -11.55
C GLU A 230 1.40 8.01 -10.49
N ASP A 231 0.93 8.89 -9.60
CA ASP A 231 1.77 9.42 -8.53
C ASP A 231 2.45 8.29 -7.77
N VAL A 232 1.65 7.37 -7.24
CA VAL A 232 2.18 6.24 -6.49
C VAL A 232 3.13 5.40 -7.35
N VAL A 233 2.81 5.29 -8.63
CA VAL A 233 3.63 4.52 -9.55
C VAL A 233 5.00 5.16 -9.74
N GLN A 234 5.01 6.49 -9.84
CA GLN A 234 6.27 7.23 -10.01
C GLN A 234 7.16 7.08 -8.79
N VAL A 235 6.59 7.30 -7.61
CA VAL A 235 7.34 7.19 -6.37
C VAL A 235 7.91 5.78 -6.19
N LEU A 236 7.03 4.79 -6.29
CA LEU A 236 7.44 3.40 -6.13
C LEU A 236 8.47 3.01 -7.20
N SER A 237 8.28 3.52 -8.41
CA SER A 237 9.18 3.23 -9.52
C SER A 237 9.96 4.47 -9.93
N SER A 238 10.61 5.10 -8.96
CA SER A 238 11.40 6.30 -9.21
C SER A 238 12.37 6.08 -10.36
N PRO A 239 12.85 7.18 -10.95
CA PRO A 239 13.80 7.14 -12.06
C PRO A 239 15.18 6.67 -11.64
N ALA A 240 16.07 6.45 -12.61
CA ALA A 240 17.42 6.00 -12.33
C ALA A 240 18.14 6.98 -11.40
N GLU A 241 19.41 6.69 -11.13
CA GLU A 241 20.22 7.54 -10.27
C GLU A 241 20.27 8.97 -10.82
N SER A 242 20.34 9.08 -12.14
CA SER A 242 20.40 10.39 -12.79
C SER A 242 21.68 11.13 -12.40
N SER A 243 22.81 10.63 -12.89
CA SER A 243 24.10 11.24 -12.60
C SER A 243 24.12 12.71 -13.02
N SER A 244 25.25 13.37 -12.78
CA SER A 244 25.40 14.78 -13.13
C SER A 244 26.23 14.94 -14.39
N VAL A 245 27.48 14.49 -14.35
CA VAL A 245 28.37 14.58 -15.49
C VAL A 245 29.21 13.32 -15.64
N VAL A 246 30.02 13.28 -16.70
CA VAL A 246 30.88 12.13 -16.94
C VAL A 246 32.07 12.10 -15.99
N PRO A 145 3.28 -23.05 14.53
CA PRO A 145 4.33 -22.21 13.94
C PRO A 145 4.36 -22.30 12.41
N ASP A 146 4.70 -21.19 11.77
CA ASP A 146 4.76 -21.15 10.31
C ASP A 146 6.16 -20.75 9.84
N LEU A 147 6.67 -21.45 8.83
CA LEU A 147 7.99 -21.17 8.30
C LEU A 147 7.99 -19.85 7.52
N GLY A 148 9.17 -19.44 7.05
CA GLY A 148 9.28 -18.21 6.31
C GLY A 148 9.68 -17.03 7.18
N CYS A 149 10.87 -16.50 6.94
CA CYS A 149 11.36 -15.36 7.72
C CYS A 149 11.27 -14.07 6.90
N GLN A 150 11.53 -14.18 5.60
CA GLN A 150 11.49 -13.02 4.72
C GLN A 150 10.17 -12.98 3.94
N LEU A 151 9.27 -12.11 4.37
CA LEU A 151 7.96 -11.97 3.71
C LEU A 151 7.53 -10.52 3.68
N TYR A 152 6.36 -10.26 3.10
CA TYR A 152 5.83 -8.92 2.99
C TYR A 152 5.74 -8.26 4.37
N LEU A 153 5.45 -9.06 5.38
CA LEU A 153 5.33 -8.56 6.74
C LEU A 153 6.67 -8.00 7.24
N HIS A 154 7.74 -8.33 6.53
CA HIS A 154 9.07 -7.85 6.89
C HIS A 154 9.40 -6.55 6.15
N ILE A 155 8.36 -5.82 5.75
CA ILE A 155 8.54 -4.57 5.05
C ILE A 155 9.32 -3.56 5.89
N PRO A 156 10.35 -2.96 5.29
CA PRO A 156 11.21 -1.97 5.97
C PRO A 156 10.47 -0.67 6.24
N GLN A 157 10.90 0.04 7.28
CA GLN A 157 10.27 1.31 7.65
C GLN A 157 10.31 2.29 6.48
N GLN A 158 11.37 2.22 5.68
CA GLN A 158 11.52 3.10 4.54
C GLN A 158 10.29 3.05 3.65
N GLN A 159 9.93 1.85 3.20
CA GLN A 159 8.76 1.68 2.34
C GLN A 159 7.48 1.99 3.10
N GLN A 160 7.41 1.52 4.34
CA GLN A 160 6.23 1.75 5.17
C GLN A 160 5.90 3.24 5.26
N GLU A 161 6.92 4.04 5.56
CA GLU A 161 6.74 5.48 5.68
C GLU A 161 6.28 6.08 4.36
N GLU A 162 6.97 5.72 3.28
CA GLU A 162 6.63 6.22 1.96
C GLU A 162 5.15 5.99 1.65
N VAL A 163 4.73 4.74 1.72
CA VAL A 163 3.34 4.38 1.45
C VAL A 163 2.40 5.04 2.44
N GLN A 164 2.73 4.94 3.73
CA GLN A 164 1.91 5.54 4.77
C GLN A 164 1.65 7.02 4.49
N ARG A 165 2.72 7.77 4.24
CA ARG A 165 2.60 9.19 3.97
C ARG A 165 1.67 9.44 2.78
N LEU A 166 1.82 8.63 1.74
CA LEU A 166 0.99 8.76 0.55
C LEU A 166 -0.49 8.56 0.89
N LEU A 167 -0.80 7.42 1.49
CA LEU A 167 -2.17 7.10 1.88
C LEU A 167 -2.76 8.21 2.74
N MET A 168 -1.92 8.81 3.58
CA MET A 168 -2.35 9.88 4.47
C MET A 168 -2.07 11.25 3.85
N MET A 169 -2.08 11.30 2.52
CA MET A 169 -1.83 12.54 1.81
C MET A 169 -2.72 13.66 2.34
N GLY A 170 -2.15 14.87 2.45
CA GLY A 170 -2.91 16.00 2.96
C GLY A 170 -4.12 16.31 2.10
N GLU A 171 -3.89 16.49 0.80
CA GLU A 171 -4.97 16.80 -0.13
C GLU A 171 -6.03 15.70 -0.12
N PRO A 172 -7.25 16.05 -0.54
CA PRO A 172 -8.37 15.11 -0.58
C PRO A 172 -8.20 14.05 -1.66
N ALA A 173 -8.32 12.78 -1.26
CA ALA A 173 -8.18 11.67 -2.19
C ALA A 173 -9.40 11.55 -3.09
N LYS A 174 -9.21 10.98 -4.28
CA LYS A 174 -10.30 10.79 -5.22
C LYS A 174 -10.51 9.32 -5.54
N GLY A 175 -10.21 8.45 -4.57
CA GLY A 175 -10.37 7.03 -4.77
C GLY A 175 -10.15 6.24 -3.48
N TRP A 176 -10.58 6.80 -2.36
CA TRP A 176 -10.43 6.14 -1.07
C TRP A 176 -11.45 5.03 -0.90
N GLN A 177 -12.72 5.38 -1.02
CA GLN A 177 -13.80 4.40 -0.88
C GLN A 177 -13.75 3.38 -2.01
N GLU A 178 -13.46 3.85 -3.22
CA GLU A 178 -13.38 2.97 -4.38
C GLU A 178 -12.42 1.82 -4.13
N LEU A 179 -11.20 2.15 -3.71
CA LEU A 179 -10.18 1.15 -3.44
C LEU A 179 -10.62 0.21 -2.31
N ALA A 180 -11.17 0.80 -1.25
CA ALA A 180 -11.64 0.02 -0.11
C ALA A 180 -12.62 -1.08 -0.55
N GLY A 181 -13.68 -0.67 -1.23
CA GLY A 181 -14.67 -1.63 -1.70
C GLY A 181 -14.12 -2.55 -2.77
N HIS A 182 -13.44 -1.98 -3.75
CA HIS A 182 -12.86 -2.77 -4.83
C HIS A 182 -11.97 -3.87 -4.29
N LEU A 183 -11.18 -3.54 -3.27
CA LEU A 183 -10.28 -4.51 -2.66
C LEU A 183 -11.06 -5.59 -1.91
N GLY A 184 -12.29 -5.27 -1.55
CA GLY A 184 -13.12 -6.22 -0.84
C GLY A 184 -13.10 -6.02 0.66
N TYR A 185 -12.96 -4.76 1.08
CA TYR A 185 -12.91 -4.43 2.50
C TYR A 185 -14.31 -4.11 3.03
N GLN A 186 -14.63 -4.66 4.20
CA GLN A 186 -15.93 -4.42 4.81
C GLN A 186 -15.96 -3.09 5.55
N ALA A 187 -17.12 -2.75 6.10
CA ALA A 187 -17.28 -1.51 6.84
C ALA A 187 -16.34 -1.47 8.05
N GLU A 188 -16.20 -2.60 8.72
CA GLU A 188 -15.34 -2.69 9.90
C GLU A 188 -13.89 -2.39 9.53
N ALA A 189 -13.44 -2.95 8.42
CA ALA A 189 -12.06 -2.74 7.96
C ALA A 189 -11.81 -1.27 7.64
N VAL A 190 -12.66 -0.70 6.79
CA VAL A 190 -12.52 0.71 6.41
C VAL A 190 -12.68 1.62 7.62
N GLU A 191 -13.55 1.22 8.54
CA GLU A 191 -13.79 2.01 9.75
C GLU A 191 -12.60 1.94 10.70
N THR A 192 -11.97 0.77 10.76
CA THR A 192 -10.81 0.58 11.62
C THR A 192 -9.64 1.43 11.17
N MET A 193 -9.38 1.44 9.86
CA MET A 193 -8.29 2.23 9.30
C MET A 193 -8.58 3.73 9.42
N ALA A 194 -9.84 4.09 9.24
CA ALA A 194 -10.25 5.49 9.32
C ALA A 194 -10.07 6.03 10.74
N CYS A 195 -10.33 5.19 11.72
CA CYS A 195 -10.19 5.58 13.12
C CYS A 195 -8.75 5.48 13.58
N ASP A 196 -8.14 4.32 13.34
CA ASP A 196 -6.75 4.08 13.74
C ASP A 196 -5.84 5.19 13.19
N GLN A 197 -4.77 5.47 13.93
CA GLN A 197 -3.83 6.50 13.52
C GLN A 197 -2.86 5.98 12.46
N MET A 198 -2.55 4.68 12.53
CA MET A 198 -1.65 4.06 11.57
C MET A 198 -2.41 3.06 10.69
N PRO A 199 -3.14 3.58 9.70
CA PRO A 199 -3.91 2.77 8.76
C PRO A 199 -3.03 1.96 7.81
N ALA A 200 -1.92 2.59 7.39
CA ALA A 200 -0.99 1.93 6.48
C ALA A 200 -0.40 0.68 7.12
N TYR A 201 -0.07 0.76 8.40
CA TYR A 201 0.51 -0.36 9.12
C TYR A 201 -0.56 -1.39 9.46
N THR A 202 -1.67 -0.92 10.04
CA THR A 202 -2.76 -1.81 10.42
C THR A 202 -3.31 -2.56 9.21
N LEU A 203 -3.41 -1.86 8.08
CA LEU A 203 -3.92 -2.46 6.86
C LEU A 203 -2.93 -3.50 6.31
N LEU A 204 -1.72 -3.06 6.00
CA LEU A 204 -0.70 -3.96 5.48
C LEU A 204 -0.52 -5.17 6.38
N ARG A 205 -0.59 -4.96 7.68
CA ARG A 205 -0.44 -6.04 8.64
C ARG A 205 -1.61 -7.03 8.53
N ASN A 206 -2.82 -6.50 8.42
CA ASN A 206 -4.01 -7.33 8.30
C ASN A 206 -4.03 -8.08 6.96
N TRP A 207 -3.54 -7.40 5.92
CA TRP A 207 -3.51 -8.00 4.58
C TRP A 207 -2.52 -9.15 4.53
N ALA A 208 -1.27 -8.88 4.90
CA ALA A 208 -0.22 -9.90 4.89
C ALA A 208 -0.56 -11.03 5.86
N ALA A 209 -1.22 -10.69 6.96
CA ALA A 209 -1.61 -11.68 7.96
C ALA A 209 -2.82 -12.47 7.51
N GLN A 210 -3.69 -11.83 6.72
CA GLN A 210 -4.89 -12.48 6.22
C GLN A 210 -4.55 -13.58 5.22
N GLU A 211 -3.73 -13.24 4.23
CA GLU A 211 -3.33 -14.20 3.20
C GLU A 211 -1.84 -14.52 3.33
N GLY A 212 -1.00 -13.51 3.15
CA GLY A 212 0.44 -13.70 3.25
C GLY A 212 0.91 -14.87 2.43
N ASN A 213 0.22 -15.15 1.32
CA ASN A 213 0.58 -16.25 0.45
C ASN A 213 1.27 -15.74 -0.82
N ARG A 214 0.48 -15.18 -1.73
CA ARG A 214 1.03 -14.66 -2.99
C ARG A 214 0.93 -13.14 -3.01
N ALA A 215 0.65 -12.54 -1.86
CA ALA A 215 0.54 -11.09 -1.76
C ALA A 215 1.77 -10.40 -2.35
N THR A 216 1.62 -9.88 -3.56
CA THR A 216 2.72 -9.20 -4.24
C THR A 216 2.37 -7.74 -4.52
N LEU A 217 3.35 -6.86 -4.39
CA LEU A 217 3.15 -5.44 -4.63
C LEU A 217 2.50 -5.20 -5.98
N ARG A 218 2.72 -6.13 -6.91
CA ARG A 218 2.15 -6.02 -8.24
C ARG A 218 0.65 -5.78 -8.18
N VAL A 219 -0.02 -6.47 -7.26
CA VAL A 219 -1.45 -6.34 -7.09
C VAL A 219 -1.83 -4.95 -6.58
N LEU A 220 -0.90 -4.33 -5.85
CA LEU A 220 -1.12 -3.00 -5.30
C LEU A 220 -0.88 -1.93 -6.37
N GLU A 221 0.31 -1.95 -6.96
CA GLU A 221 0.66 -0.97 -7.98
C GLU A 221 -0.39 -0.95 -9.09
N ASP A 222 -0.90 -2.13 -9.44
CA ASP A 222 -1.91 -2.24 -10.48
C ASP A 222 -3.26 -1.71 -9.99
N ALA A 223 -3.75 -2.29 -8.91
CA ALA A 223 -5.03 -1.87 -8.33
C ALA A 223 -5.07 -0.37 -8.10
N LEU A 224 -3.93 0.19 -7.69
CA LEU A 224 -3.83 1.62 -7.44
C LEU A 224 -3.74 2.41 -8.74
N ALA A 225 -2.83 1.99 -9.61
CA ALA A 225 -2.64 2.65 -10.89
C ALA A 225 -3.96 2.78 -11.64
N ALA A 226 -4.84 1.82 -11.44
CA ALA A 226 -6.15 1.82 -12.10
C ALA A 226 -6.90 3.12 -11.80
N ILE A 227 -6.63 3.69 -10.63
CA ILE A 227 -7.29 4.93 -10.24
C ILE A 227 -6.69 6.14 -10.95
N GLY A 228 -5.49 5.95 -11.50
CA GLY A 228 -4.82 7.03 -12.21
C GLY A 228 -3.82 7.76 -11.33
N ARG A 229 -3.25 7.05 -10.36
CA ARG A 229 -2.28 7.63 -9.45
C ARG A 229 -0.89 7.65 -10.09
N GLU A 230 -0.46 8.82 -10.54
CA GLU A 230 0.85 8.97 -11.17
C GLU A 230 1.95 9.06 -10.11
N ASP A 231 1.63 9.66 -8.97
CA ASP A 231 2.59 9.81 -7.89
C ASP A 231 3.23 8.48 -7.54
N VAL A 232 2.40 7.50 -7.19
CA VAL A 232 2.88 6.17 -6.84
C VAL A 232 3.65 5.54 -7.99
N VAL A 233 3.23 5.85 -9.22
CA VAL A 233 3.89 5.31 -10.40
C VAL A 233 5.27 5.92 -10.59
N GLN A 234 5.42 7.17 -10.18
CA GLN A 234 6.70 7.87 -10.30
C GLN A 234 7.64 7.48 -9.18
N VAL A 235 7.07 7.15 -8.02
CA VAL A 235 7.86 6.76 -6.87
C VAL A 235 8.44 5.36 -7.03
N LEU A 236 7.58 4.43 -7.44
CA LEU A 236 8.01 3.04 -7.65
C LEU A 236 8.59 2.86 -9.04
N SER A 237 7.96 3.46 -10.04
CA SER A 237 8.41 3.36 -11.42
C SER A 237 8.78 4.73 -11.97
N SER A 238 9.76 5.37 -11.34
CA SER A 238 10.21 6.69 -11.76
C SER A 238 10.54 6.70 -13.25
N PRO A 239 10.57 7.91 -13.84
CA PRO A 239 10.87 8.08 -15.26
C PRO A 239 12.33 7.77 -15.59
N ALA A 240 13.13 7.57 -14.56
CA ALA A 240 14.55 7.26 -14.73
C ALA A 240 14.73 6.11 -15.72
N GLU A 241 13.79 5.18 -15.72
CA GLU A 241 13.85 4.02 -16.61
C GLU A 241 13.15 4.31 -17.93
N SER A 242 12.06 5.07 -17.86
CA SER A 242 11.28 5.42 -19.04
C SER A 242 11.82 6.69 -19.68
N SER A 243 11.06 7.23 -20.64
CA SER A 243 11.46 8.45 -21.34
C SER A 243 11.11 9.68 -20.51
N SER A 244 11.89 10.74 -20.69
CA SER A 244 11.68 11.98 -19.95
C SER A 244 11.51 13.16 -20.91
N VAL A 245 12.27 13.14 -21.99
CA VAL A 245 12.21 14.21 -23.00
C VAL A 245 10.78 14.46 -23.45
N VAL A 246 10.58 15.52 -24.21
CA VAL A 246 9.25 15.87 -24.72
C VAL A 246 8.60 14.68 -25.41
N PRO A 145 30.83 0.33 -1.77
CA PRO A 145 29.44 0.78 -1.76
C PRO A 145 28.46 -0.35 -1.48
N ASP A 146 27.62 -0.17 -0.47
CA ASP A 146 26.64 -1.18 -0.09
C ASP A 146 25.49 -0.55 0.69
N LEU A 147 24.33 -1.18 0.63
CA LEU A 147 23.15 -0.69 1.33
C LEU A 147 23.05 -1.29 2.72
N GLY A 148 21.92 -1.07 3.39
CA GLY A 148 21.72 -1.60 4.72
C GLY A 148 20.90 -2.88 4.72
N CYS A 149 19.64 -2.77 4.31
CA CYS A 149 18.75 -3.91 4.27
C CYS A 149 17.42 -3.55 3.62
N GLN A 150 17.24 -3.96 2.36
CA GLN A 150 16.02 -3.66 1.63
C GLN A 150 15.04 -4.83 1.73
N LEU A 151 14.03 -4.68 2.57
CA LEU A 151 13.02 -5.72 2.76
C LEU A 151 11.67 -5.28 2.19
N TYR A 152 10.78 -6.24 1.98
CA TYR A 152 9.45 -5.96 1.44
C TYR A 152 8.55 -5.37 2.51
N LEU A 153 8.34 -6.12 3.59
CA LEU A 153 7.50 -5.67 4.69
C LEU A 153 8.32 -4.97 5.76
N HIS A 154 9.59 -5.34 5.86
CA HIS A 154 10.49 -4.74 6.84
C HIS A 154 11.21 -3.52 6.27
N ILE A 155 10.55 -2.86 5.31
CA ILE A 155 11.12 -1.67 4.68
C ILE A 155 11.64 -0.69 5.72
N PRO A 156 12.60 0.15 5.33
CA PRO A 156 13.20 1.16 6.21
C PRO A 156 12.22 2.28 6.56
N GLN A 157 12.48 2.98 7.65
CA GLN A 157 11.63 4.08 8.08
C GLN A 157 11.50 5.13 6.98
N GLN A 158 12.57 5.35 6.24
CA GLN A 158 12.58 6.32 5.16
C GLN A 158 11.42 6.07 4.20
N GLN A 159 11.37 4.86 3.66
CA GLN A 159 10.33 4.48 2.71
C GLN A 159 8.96 4.46 3.40
N GLN A 160 8.94 3.95 4.63
CA GLN A 160 7.71 3.86 5.40
C GLN A 160 7.04 5.23 5.53
N GLU A 161 7.82 6.21 5.99
CA GLU A 161 7.30 7.57 6.17
C GLU A 161 6.87 8.16 4.82
N GLU A 162 7.64 7.86 3.78
CA GLU A 162 7.33 8.37 2.44
C GLU A 162 5.99 7.85 1.97
N VAL A 163 5.78 6.54 2.07
CA VAL A 163 4.53 5.93 1.65
C VAL A 163 3.34 6.50 2.43
N GLN A 164 3.37 6.32 3.75
CA GLN A 164 2.30 6.81 4.61
C GLN A 164 2.03 8.29 4.34
N ARG A 165 3.08 9.03 4.04
CA ARG A 165 2.96 10.47 3.76
C ARG A 165 2.15 10.71 2.49
N LEU A 166 2.51 10.00 1.42
CA LEU A 166 1.81 10.14 0.14
C LEU A 166 0.35 9.76 0.28
N LEU A 167 0.10 8.55 0.78
CA LEU A 167 -1.26 8.05 0.97
C LEU A 167 -2.07 9.02 1.83
N MET A 168 -1.43 9.57 2.85
CA MET A 168 -2.09 10.50 3.75
C MET A 168 -1.74 11.95 3.40
N MET A 169 -1.47 12.18 2.12
CA MET A 169 -1.12 13.51 1.65
C MET A 169 -2.16 14.54 2.10
N GLY A 170 -1.77 15.81 2.11
CA GLY A 170 -2.67 16.86 2.53
C GLY A 170 -4.01 16.79 1.80
N GLU A 171 -3.97 16.38 0.54
CA GLU A 171 -5.18 16.27 -0.26
C GLU A 171 -6.05 15.10 0.21
N PRO A 172 -7.37 15.33 0.27
CA PRO A 172 -8.33 14.31 0.71
C PRO A 172 -8.47 13.18 -0.31
N ALA A 173 -8.14 11.97 0.11
CA ALA A 173 -8.23 10.80 -0.77
C ALA A 173 -9.63 10.68 -1.36
N LYS A 174 -9.72 10.78 -2.68
CA LYS A 174 -11.00 10.68 -3.38
C LYS A 174 -11.30 9.23 -3.75
N GLY A 175 -10.25 8.43 -3.91
CA GLY A 175 -10.43 7.04 -4.26
C GLY A 175 -10.28 6.11 -3.07
N TRP A 176 -10.66 6.61 -1.89
CA TRP A 176 -10.57 5.81 -0.67
C TRP A 176 -11.75 4.85 -0.55
N GLN A 177 -12.95 5.40 -0.55
CA GLN A 177 -14.17 4.59 -0.44
C GLN A 177 -14.22 3.55 -1.56
N GLU A 178 -13.81 3.96 -2.75
CA GLU A 178 -13.83 3.06 -3.91
C GLU A 178 -12.87 1.90 -3.69
N LEU A 179 -11.73 2.17 -3.06
CA LEU A 179 -10.74 1.14 -2.80
C LEU A 179 -11.27 0.10 -1.81
N ALA A 180 -11.79 0.58 -0.68
CA ALA A 180 -12.33 -0.30 0.35
C ALA A 180 -13.38 -1.23 -0.25
N GLY A 181 -14.28 -0.67 -1.06
CA GLY A 181 -15.33 -1.47 -1.66
C GLY A 181 -14.78 -2.44 -2.70
N HIS A 182 -13.93 -1.95 -3.59
CA HIS A 182 -13.35 -2.77 -4.63
C HIS A 182 -12.66 -4.00 -4.04
N LEU A 183 -11.96 -3.78 -2.93
CA LEU A 183 -11.25 -4.87 -2.25
C LEU A 183 -12.23 -5.86 -1.63
N GLY A 184 -13.46 -5.40 -1.39
CA GLY A 184 -14.47 -6.26 -0.80
C GLY A 184 -14.58 -6.08 0.70
N TYR A 185 -14.22 -4.91 1.18
CA TYR A 185 -14.27 -4.61 2.61
C TYR A 185 -15.60 -3.97 2.98
N GLN A 186 -16.14 -4.36 4.14
CA GLN A 186 -17.42 -3.83 4.61
C GLN A 186 -17.20 -2.52 5.37
N ALA A 187 -18.30 -1.92 5.82
CA ALA A 187 -18.25 -0.66 6.56
C ALA A 187 -17.64 -0.88 7.94
N GLU A 188 -17.86 -2.07 8.50
CA GLU A 188 -17.33 -2.39 9.82
C GLU A 188 -15.83 -2.65 9.77
N ALA A 189 -15.37 -3.16 8.63
CA ALA A 189 -13.96 -3.46 8.45
C ALA A 189 -13.16 -2.19 8.14
N VAL A 190 -13.74 -1.32 7.32
CA VAL A 190 -13.09 -0.07 6.94
C VAL A 190 -13.09 0.91 8.11
N GLU A 191 -14.17 0.89 8.90
CA GLU A 191 -14.28 1.77 10.05
C GLU A 191 -13.42 1.29 11.21
N THR A 192 -13.31 -0.04 11.35
CA THR A 192 -12.52 -0.64 12.41
C THR A 192 -11.04 -0.33 12.24
N MET A 193 -10.54 -0.57 11.03
CA MET A 193 -9.13 -0.32 10.73
C MET A 193 -8.83 1.18 10.73
N ALA A 194 -9.75 1.96 10.17
CA ALA A 194 -9.59 3.40 10.11
C ALA A 194 -9.47 4.01 11.51
N CYS A 195 -10.19 3.43 12.45
CA CYS A 195 -10.16 3.91 13.83
C CYS A 195 -8.74 4.00 14.35
N ASP A 196 -7.89 3.08 13.90
CA ASP A 196 -6.49 3.05 14.31
C ASP A 196 -5.73 4.25 13.74
N GLN A 197 -4.43 4.30 14.00
CA GLN A 197 -3.59 5.39 13.52
C GLN A 197 -2.96 5.03 12.18
N MET A 198 -2.66 3.74 11.99
CA MET A 198 -2.06 3.27 10.76
C MET A 198 -2.89 2.16 10.13
N PRO A 199 -4.01 2.54 9.50
CA PRO A 199 -4.92 1.58 8.84
C PRO A 199 -4.30 0.96 7.59
N ALA A 200 -3.54 1.76 6.86
CA ALA A 200 -2.89 1.29 5.64
C ALA A 200 -1.89 0.18 5.94
N TYR A 201 -1.07 0.39 6.96
CA TYR A 201 -0.06 -0.59 7.34
C TYR A 201 -0.72 -1.83 7.96
N THR A 202 -1.67 -1.60 8.86
CA THR A 202 -2.38 -2.69 9.52
C THR A 202 -3.19 -3.50 8.51
N LEU A 203 -3.73 -2.81 7.51
CA LEU A 203 -4.53 -3.48 6.48
C LEU A 203 -3.68 -4.44 5.66
N LEU A 204 -2.55 -3.96 5.17
CA LEU A 204 -1.65 -4.77 4.38
C LEU A 204 -1.15 -5.98 5.17
N ARG A 205 -0.74 -5.73 6.41
CA ARG A 205 -0.25 -6.80 7.28
C ARG A 205 -1.32 -7.86 7.50
N ASN A 206 -2.48 -7.43 7.99
CA ASN A 206 -3.59 -8.34 8.25
C ASN A 206 -4.03 -9.03 6.97
N TRP A 207 -3.91 -8.31 5.85
CA TRP A 207 -4.31 -8.86 4.56
C TRP A 207 -3.44 -10.05 4.17
N ALA A 208 -2.15 -9.81 3.98
CA ALA A 208 -1.21 -10.86 3.62
C ALA A 208 -1.16 -11.94 4.70
N ALA A 209 -1.36 -11.54 5.95
CA ALA A 209 -1.33 -12.46 7.07
C ALA A 209 -2.56 -13.39 7.04
N GLN A 210 -3.74 -12.79 7.12
CA GLN A 210 -4.98 -13.56 7.11
C GLN A 210 -5.07 -14.43 5.87
N GLU A 211 -4.77 -13.84 4.71
CA GLU A 211 -4.82 -14.57 3.45
C GLU A 211 -3.73 -15.64 3.40
N GLY A 212 -2.51 -15.25 3.70
CA GLY A 212 -1.40 -16.19 3.68
C GLY A 212 -1.25 -16.88 2.34
N ASN A 213 -1.60 -16.17 1.27
CA ASN A 213 -1.51 -16.72 -0.08
C ASN A 213 -0.28 -16.17 -0.80
N ARG A 214 -0.24 -16.37 -2.12
CA ARG A 214 0.87 -15.88 -2.93
C ARG A 214 0.63 -14.45 -3.40
N ALA A 215 -0.37 -13.80 -2.81
CA ALA A 215 -0.71 -12.43 -3.16
C ALA A 215 0.52 -11.53 -3.09
N THR A 216 0.94 -11.03 -4.24
CA THR A 216 2.11 -10.15 -4.31
C THR A 216 1.70 -8.69 -4.43
N LEU A 217 2.64 -7.79 -4.20
CA LEU A 217 2.38 -6.35 -4.28
C LEU A 217 1.72 -5.99 -5.60
N ARG A 218 1.96 -6.81 -6.62
CA ARG A 218 1.39 -6.58 -7.95
C ARG A 218 -0.11 -6.36 -7.86
N VAL A 219 -0.76 -7.10 -6.97
CA VAL A 219 -2.21 -6.99 -6.78
C VAL A 219 -2.58 -5.64 -6.18
N LEU A 220 -1.68 -5.10 -5.36
CA LEU A 220 -1.92 -3.81 -4.72
C LEU A 220 -1.63 -2.67 -5.68
N GLU A 221 -0.47 -2.72 -6.34
CA GLU A 221 -0.08 -1.69 -7.29
C GLU A 221 -1.17 -1.49 -8.35
N ASP A 222 -1.72 -2.58 -8.84
CA ASP A 222 -2.76 -2.52 -9.85
C ASP A 222 -4.08 -2.02 -9.27
N ALA A 223 -4.54 -2.70 -8.21
CA ALA A 223 -5.79 -2.31 -7.55
C ALA A 223 -5.77 -0.84 -7.16
N LEU A 224 -4.59 -0.35 -6.78
CA LEU A 224 -4.44 1.04 -6.38
C LEU A 224 -4.29 1.95 -7.61
N ALA A 225 -3.53 1.48 -8.59
CA ALA A 225 -3.31 2.23 -9.82
C ALA A 225 -4.63 2.59 -10.50
N ALA A 226 -5.64 1.73 -10.31
CA ALA A 226 -6.94 1.94 -10.91
C ALA A 226 -7.53 3.28 -10.48
N ILE A 227 -7.09 3.77 -9.32
CA ILE A 227 -7.57 5.04 -8.81
C ILE A 227 -6.90 6.21 -9.52
N GLY A 228 -5.79 5.92 -10.19
CA GLY A 228 -5.08 6.97 -10.91
C GLY A 228 -3.92 7.53 -10.11
N ARG A 229 -3.29 6.68 -9.31
CA ARG A 229 -2.15 7.08 -8.49
C ARG A 229 -0.85 6.56 -9.07
N GLU A 230 -0.30 7.25 -10.06
CA GLU A 230 0.94 6.84 -10.69
C GLU A 230 2.14 7.31 -9.88
N ASP A 231 1.96 8.41 -9.16
CA ASP A 231 3.04 8.97 -8.34
C ASP A 231 3.64 7.89 -7.45
N VAL A 232 2.82 7.26 -6.62
CA VAL A 232 3.27 6.22 -5.72
C VAL A 232 3.95 5.09 -6.48
N VAL A 233 3.43 4.78 -7.67
CA VAL A 233 3.99 3.72 -8.50
C VAL A 233 5.43 4.03 -8.89
N GLN A 234 5.64 5.21 -9.46
CA GLN A 234 6.97 5.62 -9.88
C GLN A 234 7.91 5.71 -8.69
N VAL A 235 7.35 5.97 -7.51
CA VAL A 235 8.13 6.08 -6.29
C VAL A 235 8.77 4.75 -5.92
N LEU A 236 7.94 3.71 -5.81
CA LEU A 236 8.41 2.38 -5.46
C LEU A 236 8.89 1.63 -6.70
N SER A 237 8.76 2.27 -7.86
CA SER A 237 9.18 1.67 -9.11
C SER A 237 10.70 1.70 -9.25
N SER A 238 11.33 2.70 -8.65
CA SER A 238 12.78 2.85 -8.70
C SER A 238 13.47 1.54 -8.34
N PRO A 239 14.24 0.99 -9.29
CA PRO A 239 14.96 -0.27 -9.09
C PRO A 239 16.13 -0.11 -8.10
N ALA A 240 16.96 -1.14 -8.02
CA ALA A 240 18.11 -1.12 -7.11
C ALA A 240 19.31 -1.84 -7.73
N GLU A 241 20.29 -1.05 -8.15
CA GLU A 241 21.50 -1.61 -8.76
C GLU A 241 22.25 -2.49 -7.78
N SER A 242 22.46 -1.98 -6.57
CA SER A 242 23.18 -2.72 -5.53
C SER A 242 22.51 -4.06 -5.28
N SER A 243 23.33 -5.09 -5.06
CA SER A 243 22.81 -6.43 -4.80
C SER A 243 22.01 -6.46 -3.50
N SER A 244 21.47 -7.63 -3.17
CA SER A 244 20.68 -7.79 -1.96
C SER A 244 21.40 -8.70 -0.96
N VAL A 245 20.90 -8.73 0.27
CA VAL A 245 21.48 -9.55 1.32
C VAL A 245 22.93 -9.15 1.58
N VAL A 246 23.11 -7.95 2.13
CA VAL A 246 24.44 -7.44 2.44
C VAL A 246 24.70 -7.43 3.93
N PRO A 145 15.93 -5.55 -18.55
CA PRO A 145 15.31 -5.99 -17.30
C PRO A 145 15.94 -5.34 -16.08
N ASP A 146 15.15 -4.56 -15.34
CA ASP A 146 15.65 -3.88 -14.15
C ASP A 146 15.30 -4.67 -12.90
N LEU A 147 15.92 -5.84 -12.75
CA LEU A 147 15.67 -6.69 -11.60
C LEU A 147 16.94 -6.85 -10.76
N GLY A 148 17.05 -6.06 -9.70
CA GLY A 148 18.22 -6.13 -8.84
C GLY A 148 18.46 -4.84 -8.09
N CYS A 149 17.64 -4.57 -7.09
CA CYS A 149 17.78 -3.35 -6.30
C CYS A 149 17.78 -3.67 -4.81
N GLN A 150 17.20 -2.78 -4.01
CA GLN A 150 17.15 -2.98 -2.56
C GLN A 150 15.84 -3.65 -2.15
N LEU A 151 15.74 -4.01 -0.88
CA LEU A 151 14.54 -4.66 -0.35
C LEU A 151 13.51 -3.63 0.09
N TYR A 152 12.31 -3.73 -0.48
CA TYR A 152 11.23 -2.81 -0.14
C TYR A 152 10.68 -3.10 1.26
N LEU A 153 10.64 -4.38 1.62
CA LEU A 153 10.14 -4.78 2.93
C LEU A 153 11.15 -4.47 4.03
N HIS A 154 12.34 -4.05 3.61
CA HIS A 154 13.39 -3.69 4.57
C HIS A 154 13.79 -2.22 4.42
N ILE A 155 12.87 -1.42 3.91
CA ILE A 155 13.13 0.00 3.72
C ILE A 155 13.30 0.71 5.05
N PRO A 156 14.05 1.82 5.04
CA PRO A 156 14.31 2.62 6.24
C PRO A 156 13.06 3.35 6.73
N GLN A 157 13.09 3.79 7.98
CA GLN A 157 11.97 4.50 8.57
C GLN A 157 11.55 5.67 7.69
N GLN A 158 12.53 6.32 7.06
CA GLN A 158 12.25 7.46 6.18
C GLN A 158 11.30 7.07 5.06
N GLN A 159 11.62 5.95 4.40
CA GLN A 159 10.80 5.46 3.30
C GLN A 159 9.40 5.09 3.78
N GLN A 160 9.33 4.41 4.92
CA GLN A 160 8.06 3.98 5.48
C GLN A 160 7.12 5.18 5.65
N GLU A 161 7.55 6.15 6.44
CA GLU A 161 6.74 7.35 6.68
C GLU A 161 6.39 8.04 5.37
N GLU A 162 7.32 7.98 4.42
CA GLU A 162 7.10 8.61 3.12
C GLU A 162 5.84 8.07 2.46
N VAL A 163 5.78 6.76 2.27
CA VAL A 163 4.63 6.12 1.65
C VAL A 163 3.36 6.37 2.46
N GLN A 164 3.41 6.04 3.75
CA GLN A 164 2.26 6.24 4.63
C GLN A 164 1.78 7.68 4.57
N ARG A 165 2.71 8.62 4.43
CA ARG A 165 2.36 10.03 4.36
C ARG A 165 1.69 10.37 3.03
N LEU A 166 2.08 9.66 1.98
CA LEU A 166 1.51 9.88 0.66
C LEU A 166 0.05 9.45 0.61
N LEU A 167 -0.23 8.25 1.12
CA LEU A 167 -1.58 7.72 1.13
C LEU A 167 -2.55 8.71 1.79
N MET A 168 -2.07 9.39 2.84
CA MET A 168 -2.89 10.36 3.55
C MET A 168 -2.31 11.76 3.40
N MET A 169 -1.67 12.02 2.26
CA MET A 169 -1.08 13.32 1.99
C MET A 169 -2.08 14.44 2.24
N GLY A 170 -1.58 15.67 2.37
CA GLY A 170 -2.45 16.80 2.62
C GLY A 170 -3.78 16.68 1.90
N GLU A 171 -3.75 16.86 0.58
CA GLU A 171 -4.97 16.78 -0.22
C GLU A 171 -5.69 15.44 0.02
N PRO A 172 -7.01 15.44 -0.22
CA PRO A 172 -7.83 14.24 -0.04
C PRO A 172 -7.54 13.17 -1.08
N ALA A 173 -7.60 11.91 -0.68
CA ALA A 173 -7.34 10.79 -1.58
C ALA A 173 -8.23 10.87 -2.81
N LYS A 174 -7.83 10.17 -3.87
CA LYS A 174 -8.59 10.15 -5.11
C LYS A 174 -9.33 8.83 -5.29
N GLY A 175 -9.79 8.26 -4.17
CA GLY A 175 -10.51 7.00 -4.23
C GLY A 175 -10.35 6.19 -2.96
N TRP A 176 -10.34 6.86 -1.82
CA TRP A 176 -10.19 6.20 -0.54
C TRP A 176 -11.37 5.26 -0.26
N GLN A 177 -12.57 5.84 -0.22
CA GLN A 177 -13.77 5.06 0.03
C GLN A 177 -14.08 4.13 -1.14
N GLU A 178 -13.77 4.59 -2.35
CA GLU A 178 -14.02 3.81 -3.56
C GLU A 178 -13.15 2.56 -3.57
N LEU A 179 -11.88 2.72 -3.24
CA LEU A 179 -10.94 1.61 -3.21
C LEU A 179 -11.35 0.57 -2.16
N ALA A 180 -11.67 1.05 -0.96
CA ALA A 180 -12.07 0.17 0.13
C ALA A 180 -13.24 -0.71 -0.29
N GLY A 181 -14.28 -0.09 -0.85
CA GLY A 181 -15.44 -0.84 -1.28
C GLY A 181 -15.16 -1.69 -2.51
N HIS A 182 -14.58 -1.07 -3.53
CA HIS A 182 -14.27 -1.77 -4.77
C HIS A 182 -13.41 -3.00 -4.49
N LEU A 183 -12.51 -2.89 -3.52
CA LEU A 183 -11.63 -3.99 -3.14
C LEU A 183 -12.42 -5.12 -2.51
N GLY A 184 -13.59 -4.80 -1.96
CA GLY A 184 -14.42 -5.80 -1.33
C GLY A 184 -14.33 -5.75 0.19
N TYR A 185 -13.94 -4.60 0.71
CA TYR A 185 -13.81 -4.42 2.16
C TYR A 185 -15.11 -3.88 2.75
N GLN A 186 -15.55 -4.50 3.85
CA GLN A 186 -16.77 -4.08 4.51
C GLN A 186 -16.63 -2.66 5.07
N ALA A 187 -17.72 -1.91 5.05
CA ALA A 187 -17.72 -0.55 5.56
C ALA A 187 -17.26 -0.49 7.00
N GLU A 188 -17.71 -1.45 7.80
CA GLU A 188 -17.34 -1.52 9.21
C GLU A 188 -15.85 -1.78 9.37
N ALA A 189 -15.31 -2.62 8.49
CA ALA A 189 -13.89 -2.96 8.53
C ALA A 189 -13.02 -1.75 8.19
N VAL A 190 -13.23 -1.20 6.99
CA VAL A 190 -12.46 -0.06 6.53
C VAL A 190 -12.53 1.08 7.55
N GLU A 191 -13.67 1.21 8.21
CA GLU A 191 -13.86 2.26 9.22
C GLU A 191 -13.06 1.95 10.48
N THR A 192 -12.98 0.66 10.82
CA THR A 192 -12.25 0.24 12.01
C THR A 192 -10.75 0.46 11.84
N MET A 193 -10.19 -0.10 10.77
CA MET A 193 -8.76 0.04 10.49
C MET A 193 -8.38 1.50 10.32
N ALA A 194 -9.24 2.25 9.61
CA ALA A 194 -8.98 3.67 9.36
C ALA A 194 -9.09 4.47 10.66
N CYS A 195 -9.99 4.05 11.54
CA CYS A 195 -10.19 4.73 12.81
C CYS A 195 -9.07 4.39 13.79
N ASP A 196 -8.58 3.15 13.70
CA ASP A 196 -7.51 2.70 14.58
C ASP A 196 -6.31 3.63 14.50
N GLN A 197 -5.59 3.56 13.38
CA GLN A 197 -4.41 4.39 13.17
C GLN A 197 -4.09 4.55 11.69
N MET A 198 -3.94 3.43 11.00
CA MET A 198 -3.65 3.43 9.58
C MET A 198 -4.35 2.28 8.87
N PRO A 199 -5.26 2.62 7.95
CA PRO A 199 -6.03 1.62 7.18
C PRO A 199 -5.16 0.88 6.18
N ALA A 200 -4.36 1.63 5.42
CA ALA A 200 -3.48 1.04 4.42
C ALA A 200 -2.40 0.19 5.08
N TYR A 201 -1.91 0.66 6.22
CA TYR A 201 -0.86 -0.05 6.95
C TYR A 201 -1.41 -1.32 7.59
N THR A 202 -2.59 -1.21 8.21
CA THR A 202 -3.22 -2.35 8.86
C THR A 202 -3.77 -3.34 7.84
N LEU A 203 -4.20 -2.82 6.69
CA LEU A 203 -4.74 -3.66 5.62
C LEU A 203 -3.66 -4.55 5.03
N LEU A 204 -2.66 -3.93 4.41
CA LEU A 204 -1.56 -4.67 3.81
C LEU A 204 -0.89 -5.59 4.83
N ARG A 205 -0.59 -5.04 6.00
CA ARG A 205 0.06 -5.82 7.06
C ARG A 205 -0.70 -7.12 7.32
N ASN A 206 -1.98 -6.99 7.69
CA ASN A 206 -2.81 -8.15 7.96
C ASN A 206 -2.94 -9.04 6.73
N TRP A 207 -2.97 -8.43 5.56
CA TRP A 207 -3.09 -9.16 4.31
C TRP A 207 -2.01 -10.23 4.21
N ALA A 208 -0.75 -9.80 4.22
CA ALA A 208 0.37 -10.73 4.14
C ALA A 208 0.55 -11.50 5.44
N ALA A 209 0.43 -10.80 6.56
CA ALA A 209 0.58 -11.42 7.87
C ALA A 209 -0.35 -12.62 8.01
N GLN A 210 -1.52 -12.53 7.40
CA GLN A 210 -2.51 -13.62 7.47
C GLN A 210 -2.14 -14.73 6.49
N GLU A 211 -1.94 -14.37 5.22
CA GLU A 211 -1.59 -15.34 4.20
C GLU A 211 -0.18 -15.10 3.68
N GLY A 212 0.04 -13.94 3.08
CA GLY A 212 1.34 -13.61 2.55
C GLY A 212 1.91 -14.71 1.69
N ASN A 213 1.04 -15.53 1.10
CA ASN A 213 1.47 -16.62 0.25
C ASN A 213 1.23 -16.30 -1.22
N ARG A 214 0.01 -15.85 -1.53
CA ARG A 214 -0.34 -15.51 -2.90
C ARG A 214 -0.56 -14.01 -3.05
N ALA A 215 -1.01 -13.38 -1.97
CA ALA A 215 -1.26 -11.94 -1.97
C ALA A 215 0.05 -11.15 -2.05
N THR A 216 0.24 -10.46 -3.17
CA THR A 216 1.46 -9.67 -3.36
C THR A 216 1.12 -8.19 -3.55
N LEU A 217 2.08 -7.34 -3.23
CA LEU A 217 1.89 -5.89 -3.35
C LEU A 217 1.42 -5.53 -4.76
N ARG A 218 1.75 -6.38 -5.73
CA ARG A 218 1.36 -6.15 -7.11
C ARG A 218 -0.14 -5.85 -7.21
N VAL A 219 -0.93 -6.55 -6.41
CA VAL A 219 -2.38 -6.36 -6.41
C VAL A 219 -2.74 -4.93 -6.05
N LEU A 220 -1.94 -4.32 -5.19
CA LEU A 220 -2.18 -2.94 -4.76
C LEU A 220 -1.72 -1.95 -5.82
N GLU A 221 -0.54 -2.20 -6.39
CA GLU A 221 0.00 -1.34 -7.42
C GLU A 221 -0.99 -1.16 -8.57
N ASP A 222 -1.62 -2.25 -8.97
CA ASP A 222 -2.59 -2.22 -10.05
C ASP A 222 -3.89 -1.56 -9.61
N ALA A 223 -4.47 -2.07 -8.54
CA ALA A 223 -5.72 -1.52 -8.01
C ALA A 223 -5.60 -0.02 -7.78
N LEU A 224 -4.41 0.42 -7.39
CA LEU A 224 -4.17 1.83 -7.14
C LEU A 224 -3.82 2.56 -8.43
N ALA A 225 -3.10 1.89 -9.32
CA ALA A 225 -2.71 2.48 -10.59
C ALA A 225 -3.94 2.91 -11.39
N ALA A 226 -5.03 2.16 -11.27
CA ALA A 226 -6.26 2.47 -11.98
C ALA A 226 -6.75 3.87 -11.63
N ILE A 227 -6.35 4.36 -10.46
CA ILE A 227 -6.76 5.69 -10.01
C ILE A 227 -5.94 6.77 -10.70
N GLY A 228 -4.81 6.37 -11.28
CA GLY A 228 -3.95 7.32 -11.97
C GLY A 228 -2.75 7.73 -11.14
N ARG A 229 -2.26 6.81 -10.32
CA ARG A 229 -1.12 7.08 -9.46
C ARG A 229 0.11 6.28 -9.92
N GLU A 230 0.84 6.82 -10.88
CA GLU A 230 2.04 6.17 -11.41
C GLU A 230 3.22 6.36 -10.47
N ASP A 231 3.23 7.49 -9.76
CA ASP A 231 4.31 7.80 -8.83
C ASP A 231 4.47 6.68 -7.80
N VAL A 232 3.40 6.40 -7.08
CA VAL A 232 3.42 5.35 -6.06
C VAL A 232 3.72 3.99 -6.67
N VAL A 233 3.21 3.78 -7.88
CA VAL A 233 3.42 2.51 -8.57
C VAL A 233 4.89 2.32 -8.93
N GLN A 234 5.52 3.39 -9.42
CA GLN A 234 6.93 3.34 -9.80
C GLN A 234 7.81 3.07 -8.59
N VAL A 235 7.44 3.65 -7.45
CA VAL A 235 8.20 3.47 -6.22
C VAL A 235 8.00 2.07 -5.65
N LEU A 236 6.80 1.53 -5.82
CA LEU A 236 6.47 0.21 -5.32
C LEU A 236 6.75 -0.86 -6.38
N SER A 237 7.17 -0.40 -7.57
CA SER A 237 7.47 -1.31 -8.67
C SER A 237 8.79 -2.03 -8.44
N SER A 238 9.71 -1.34 -7.76
CA SER A 238 11.04 -1.90 -7.48
C SER A 238 10.91 -3.30 -6.90
N PRO A 239 11.97 -4.11 -7.07
CA PRO A 239 12.01 -5.48 -6.56
C PRO A 239 12.10 -5.53 -5.04
N ALA A 240 11.53 -6.58 -4.45
CA ALA A 240 11.56 -6.74 -3.01
C ALA A 240 11.53 -8.22 -2.62
N GLU A 241 12.66 -8.90 -2.83
CA GLU A 241 12.76 -10.32 -2.51
C GLU A 241 12.87 -10.53 -0.99
N SER A 242 11.95 -11.34 -0.45
CA SER A 242 11.94 -11.61 0.98
C SER A 242 12.53 -12.99 1.27
N SER A 243 13.70 -13.26 0.71
CA SER A 243 14.37 -14.54 0.90
C SER A 243 15.82 -14.34 1.31
N SER A 244 16.41 -15.36 1.92
CA SER A 244 17.80 -15.30 2.35
C SER A 244 18.01 -14.12 3.31
N VAL A 245 17.01 -13.85 4.14
CA VAL A 245 17.09 -12.76 5.10
C VAL A 245 17.25 -13.29 6.52
N VAL A 246 18.09 -12.62 7.30
CA VAL A 246 18.34 -13.01 8.68
C VAL A 246 17.18 -12.61 9.59
N PRO A 145 -1.22 -22.58 -6.12
CA PRO A 145 0.25 -22.67 -6.12
C PRO A 145 0.85 -22.18 -4.80
N ASP A 146 2.00 -22.74 -4.44
CA ASP A 146 2.69 -22.36 -3.21
C ASP A 146 3.99 -21.63 -3.52
N LEU A 147 4.02 -20.34 -3.17
CA LEU A 147 5.20 -19.52 -3.41
C LEU A 147 5.37 -18.46 -2.32
N GLY A 148 6.41 -18.62 -1.50
CA GLY A 148 6.65 -17.67 -0.43
C GLY A 148 7.98 -16.94 -0.59
N CYS A 149 8.89 -17.16 0.35
CA CYS A 149 10.20 -16.52 0.31
C CYS A 149 10.06 -15.02 0.16
N GLN A 150 9.10 -14.44 0.88
CA GLN A 150 8.86 -13.00 0.82
C GLN A 150 10.04 -12.23 1.41
N LEU A 151 10.87 -11.66 0.54
CA LEU A 151 12.03 -10.90 0.97
C LEU A 151 11.92 -9.44 0.53
N TYR A 152 11.17 -9.20 -0.54
CA TYR A 152 10.98 -7.85 -1.05
C TYR A 152 10.34 -6.95 -0.01
N LEU A 153 9.71 -7.57 1.00
CA LEU A 153 9.06 -6.82 2.06
C LEU A 153 10.08 -6.28 3.06
N HIS A 154 11.35 -6.51 2.77
CA HIS A 154 12.42 -6.04 3.64
C HIS A 154 12.84 -4.62 3.29
N ILE A 155 11.94 -3.89 2.62
CA ILE A 155 12.21 -2.52 2.22
C ILE A 155 12.70 -1.69 3.40
N PRO A 156 13.43 -0.60 3.09
CA PRO A 156 13.96 0.30 4.12
C PRO A 156 12.87 1.12 4.80
N GLN A 157 13.18 1.66 5.97
CA GLN A 157 12.24 2.46 6.72
C GLN A 157 11.83 3.71 5.94
N GLN A 158 12.78 4.27 5.21
CA GLN A 158 12.52 5.46 4.41
C GLN A 158 11.34 5.24 3.46
N GLN A 159 11.44 4.20 2.64
CA GLN A 159 10.39 3.88 1.69
C GLN A 159 9.08 3.57 2.40
N GLN A 160 9.16 2.76 3.46
CA GLN A 160 7.98 2.40 4.23
C GLN A 160 7.25 3.63 4.74
N GLU A 161 7.99 4.51 5.39
CA GLU A 161 7.42 5.74 5.93
C GLU A 161 6.89 6.64 4.81
N GLU A 162 7.62 6.66 3.70
CA GLU A 162 7.23 7.48 2.55
C GLU A 162 5.86 7.05 2.02
N VAL A 163 5.76 5.78 1.64
CA VAL A 163 4.51 5.23 1.11
C VAL A 163 3.35 5.50 2.06
N GLN A 164 3.56 5.24 3.35
CA GLN A 164 2.53 5.46 4.36
C GLN A 164 2.14 6.93 4.43
N ARG A 165 3.14 7.79 4.54
CA ARG A 165 2.91 9.23 4.63
C ARG A 165 2.20 9.73 3.38
N LEU A 166 2.52 9.15 2.23
CA LEU A 166 1.92 9.54 0.97
C LEU A 166 0.41 9.29 0.98
N LEU A 167 0.02 8.08 1.34
CA LEU A 167 -1.39 7.72 1.41
C LEU A 167 -2.16 8.71 2.27
N MET A 168 -1.55 9.13 3.37
CA MET A 168 -2.19 10.08 4.29
C MET A 168 -1.87 11.51 3.88
N MET A 169 -1.64 11.73 2.59
CA MET A 169 -1.34 13.06 2.07
C MET A 169 -2.37 14.08 2.54
N GLY A 170 -1.95 15.34 2.65
CA GLY A 170 -2.85 16.39 3.09
C GLY A 170 -4.11 16.45 2.26
N GLU A 171 -3.95 16.43 0.94
CA GLU A 171 -5.10 16.49 0.03
C GLU A 171 -5.92 15.21 0.11
N PRO A 172 -7.25 15.37 0.23
CA PRO A 172 -8.17 14.24 0.32
C PRO A 172 -8.29 13.48 -0.99
N ALA A 173 -8.04 12.17 -0.93
CA ALA A 173 -8.11 11.33 -2.12
C ALA A 173 -9.55 10.93 -2.42
N LYS A 174 -10.04 11.32 -3.60
CA LYS A 174 -11.40 11.00 -4.00
C LYS A 174 -11.48 9.60 -4.60
N GLY A 175 -11.59 8.60 -3.75
CA GLY A 175 -11.68 7.23 -4.21
C GLY A 175 -11.33 6.22 -3.13
N TRP A 176 -11.79 6.48 -1.91
CA TRP A 176 -11.53 5.60 -0.79
C TRP A 176 -12.47 4.41 -0.79
N GLN A 177 -13.77 4.69 -0.79
CA GLN A 177 -14.79 3.64 -0.80
C GLN A 177 -14.66 2.77 -2.05
N GLU A 178 -14.44 3.42 -3.18
CA GLU A 178 -14.31 2.72 -4.45
C GLU A 178 -13.22 1.65 -4.37
N LEU A 179 -12.08 2.02 -3.80
CA LEU A 179 -10.96 1.09 -3.66
C LEU A 179 -11.33 -0.08 -2.75
N ALA A 180 -11.92 0.23 -1.60
CA ALA A 180 -12.32 -0.79 -0.65
C ALA A 180 -13.20 -1.84 -1.32
N GLY A 181 -14.28 -1.39 -1.95
CA GLY A 181 -15.17 -2.32 -2.63
C GLY A 181 -14.48 -3.12 -3.71
N HIS A 182 -13.70 -2.44 -4.54
CA HIS A 182 -12.98 -3.10 -5.63
C HIS A 182 -12.13 -4.25 -5.09
N LEU A 183 -11.48 -4.02 -3.95
CA LEU A 183 -10.63 -5.04 -3.33
C LEU A 183 -11.48 -6.19 -2.80
N GLY A 184 -12.76 -5.92 -2.55
CA GLY A 184 -13.64 -6.95 -2.05
C GLY A 184 -13.96 -6.77 -0.57
N TYR A 185 -13.83 -5.55 -0.09
CA TYR A 185 -14.09 -5.24 1.32
C TYR A 185 -15.54 -4.79 1.50
N GLN A 186 -16.10 -5.09 2.67
CA GLN A 186 -17.47 -4.72 2.98
C GLN A 186 -17.51 -3.48 3.87
N ALA A 187 -18.71 -2.92 4.05
CA ALA A 187 -18.89 -1.74 4.88
C ALA A 187 -18.34 -1.97 6.28
N GLU A 188 -18.59 -3.16 6.82
CA GLU A 188 -18.12 -3.50 8.16
C GLU A 188 -16.60 -3.45 8.24
N ALA A 189 -15.95 -3.85 7.15
CA ALA A 189 -14.49 -3.85 7.09
C ALA A 189 -13.94 -2.43 7.05
N VAL A 190 -14.32 -1.68 6.02
CA VAL A 190 -13.87 -0.30 5.87
C VAL A 190 -14.11 0.50 7.13
N GLU A 191 -15.22 0.21 7.81
CA GLU A 191 -15.56 0.92 9.05
C GLU A 191 -14.63 0.51 10.18
N THR A 192 -14.29 -0.78 10.21
CA THR A 192 -13.41 -1.31 11.26
C THR A 192 -12.03 -0.65 11.19
N MET A 193 -11.44 -0.62 10.01
CA MET A 193 -10.13 -0.02 9.81
C MET A 193 -10.20 1.50 9.93
N ALA A 194 -11.32 2.07 9.50
CA ALA A 194 -11.53 3.50 9.55
C ALA A 194 -11.48 4.01 10.99
N CYS A 195 -12.09 3.26 11.90
CA CYS A 195 -12.12 3.63 13.31
C CYS A 195 -10.70 3.82 13.85
N ASP A 196 -9.78 2.99 13.38
CA ASP A 196 -8.39 3.07 13.81
C ASP A 196 -7.70 4.31 13.22
N GLN A 197 -6.55 4.65 13.78
CA GLN A 197 -5.80 5.82 13.31
C GLN A 197 -4.94 5.46 12.11
N MET A 198 -4.44 4.23 12.08
CA MET A 198 -3.61 3.77 10.97
C MET A 198 -4.30 2.65 10.20
N PRO A 199 -5.28 3.02 9.37
CA PRO A 199 -6.04 2.06 8.56
C PRO A 199 -5.19 1.44 7.45
N ALA A 200 -4.37 2.27 6.80
CA ALA A 200 -3.51 1.80 5.73
C ALA A 200 -2.51 0.76 6.24
N TYR A 201 -1.87 1.05 7.36
CA TYR A 201 -0.90 0.13 7.95
C TYR A 201 -1.58 -1.12 8.49
N THR A 202 -2.69 -0.92 9.20
CA THR A 202 -3.44 -2.02 9.77
C THR A 202 -4.02 -2.92 8.70
N LEU A 203 -4.41 -2.31 7.58
CA LEU A 203 -4.98 -3.06 6.46
C LEU A 203 -3.94 -3.98 5.84
N LEU A 204 -2.77 -3.43 5.52
CA LEU A 204 -1.70 -4.20 4.91
C LEU A 204 -1.10 -5.18 5.92
N ARG A 205 -1.00 -4.74 7.17
CA ARG A 205 -0.44 -5.58 8.23
C ARG A 205 -1.30 -6.82 8.44
N ASN A 206 -2.60 -6.61 8.70
CA ASN A 206 -3.52 -7.72 8.93
C ASN A 206 -3.63 -8.60 7.69
N TRP A 207 -3.70 -7.96 6.52
CA TRP A 207 -3.80 -8.69 5.27
C TRP A 207 -2.70 -9.73 5.14
N ALA A 208 -1.46 -9.32 5.39
CA ALA A 208 -0.33 -10.22 5.32
C ALA A 208 -0.26 -11.13 6.54
N ALA A 209 -0.65 -10.59 7.69
CA ALA A 209 -0.65 -11.36 8.93
C ALA A 209 -1.58 -12.55 8.85
N GLN A 210 -2.70 -12.38 8.14
CA GLN A 210 -3.68 -13.44 7.98
C GLN A 210 -3.25 -14.44 6.91
N GLU A 211 -2.90 -13.92 5.74
CA GLU A 211 -2.47 -14.76 4.63
C GLU A 211 -0.98 -14.56 4.34
N GLY A 212 -0.60 -13.34 4.01
CA GLY A 212 0.79 -13.04 3.72
C GLY A 212 1.34 -13.88 2.58
N ASN A 213 0.46 -14.29 1.67
CA ASN A 213 0.86 -15.11 0.54
C ASN A 213 0.90 -14.29 -0.74
N ARG A 214 -0.27 -13.83 -1.18
CA ARG A 214 -0.37 -13.02 -2.39
C ARG A 214 -0.29 -11.53 -2.07
N ALA A 215 0.12 -11.23 -0.84
CA ALA A 215 0.25 -9.84 -0.41
C ALA A 215 1.46 -9.17 -1.04
N THR A 216 1.38 -8.90 -2.34
CA THR A 216 2.48 -8.27 -3.06
C THR A 216 2.10 -6.86 -3.51
N LEU A 217 3.02 -5.92 -3.36
CA LEU A 217 2.79 -4.54 -3.77
C LEU A 217 2.24 -4.47 -5.19
N ARG A 218 2.61 -5.45 -6.01
CA ARG A 218 2.16 -5.50 -7.40
C ARG A 218 0.65 -5.37 -7.48
N VAL A 219 -0.05 -6.06 -6.58
CA VAL A 219 -1.51 -6.02 -6.55
C VAL A 219 -2.02 -4.66 -6.12
N LEU A 220 -1.19 -3.95 -5.34
CA LEU A 220 -1.56 -2.62 -4.86
C LEU A 220 -1.33 -1.56 -5.94
N GLU A 221 -0.26 -1.74 -6.72
CA GLU A 221 0.06 -0.80 -7.78
C GLU A 221 -0.99 -0.85 -8.89
N ASP A 222 -1.38 -2.06 -9.28
CA ASP A 222 -2.37 -2.25 -10.33
C ASP A 222 -3.76 -1.85 -9.84
N ALA A 223 -4.15 -2.40 -8.69
CA ALA A 223 -5.46 -2.10 -8.12
C ALA A 223 -5.67 -0.59 -7.99
N LEU A 224 -4.61 0.12 -7.61
CA LEU A 224 -4.68 1.57 -7.46
C LEU A 224 -4.54 2.27 -8.81
N ALA A 225 -3.69 1.73 -9.67
CA ALA A 225 -3.48 2.29 -10.99
C ALA A 225 -4.78 2.43 -11.75
N ALA A 226 -5.69 1.48 -11.54
CA ALA A 226 -6.98 1.49 -12.21
C ALA A 226 -7.73 2.78 -11.93
N ILE A 227 -7.50 3.36 -10.76
CA ILE A 227 -8.15 4.59 -10.36
C ILE A 227 -7.50 5.80 -11.03
N GLY A 228 -6.29 5.60 -11.55
CA GLY A 228 -5.57 6.68 -12.21
C GLY A 228 -4.54 7.33 -11.32
N ARG A 229 -3.88 6.52 -10.49
CA ARG A 229 -2.85 7.03 -9.58
C ARG A 229 -1.46 6.67 -10.08
N GLU A 230 -1.22 6.90 -11.37
CA GLU A 230 0.08 6.61 -11.97
C GLU A 230 1.15 7.58 -11.45
N ASP A 231 0.74 8.81 -11.21
CA ASP A 231 1.66 9.83 -10.71
C ASP A 231 2.44 9.33 -9.50
N VAL A 232 1.71 8.92 -8.47
CA VAL A 232 2.33 8.41 -7.25
C VAL A 232 3.14 7.14 -7.53
N VAL A 233 2.64 6.34 -8.47
CA VAL A 233 3.33 5.09 -8.83
C VAL A 233 4.68 5.36 -9.47
N GLN A 234 4.74 6.44 -10.25
CA GLN A 234 5.98 6.81 -10.93
C GLN A 234 6.99 7.38 -9.94
N VAL A 235 6.52 8.27 -9.06
CA VAL A 235 7.38 8.89 -8.06
C VAL A 235 7.95 7.84 -7.11
N LEU A 236 7.20 6.78 -6.89
CA LEU A 236 7.62 5.71 -6.00
C LEU A 236 8.50 4.70 -6.73
N SER A 237 8.21 4.50 -8.02
CA SER A 237 8.96 3.56 -8.84
C SER A 237 10.32 4.15 -9.23
N SER A 238 10.35 5.45 -9.46
CA SER A 238 11.57 6.14 -9.84
C SER A 238 12.69 5.83 -8.85
N PRO A 239 13.93 5.77 -9.36
CA PRO A 239 15.12 5.50 -8.54
C PRO A 239 15.45 6.64 -7.59
N ALA A 240 16.34 6.38 -6.64
CA ALA A 240 16.74 7.39 -5.67
C ALA A 240 18.26 7.43 -5.51
N GLU A 241 18.74 8.34 -4.68
CA GLU A 241 20.17 8.47 -4.43
C GLU A 241 20.67 7.40 -3.46
N SER A 242 21.99 7.29 -3.33
CA SER A 242 22.58 6.30 -2.44
C SER A 242 22.15 4.89 -2.81
N SER A 243 22.37 4.53 -4.07
CA SER A 243 22.00 3.20 -4.56
C SER A 243 22.87 2.13 -3.93
N SER A 244 22.38 0.90 -3.95
CA SER A 244 23.11 -0.23 -3.36
C SER A 244 24.27 -0.64 -4.26
N VAL A 245 25.28 -1.26 -3.66
CA VAL A 245 26.46 -1.71 -4.40
C VAL A 245 26.12 -2.91 -5.29
N VAL A 246 26.63 -2.89 -6.51
CA VAL A 246 26.39 -3.97 -7.47
C VAL A 246 24.90 -4.26 -7.59
N PRO A 145 9.74 -19.86 -3.29
CA PRO A 145 11.00 -19.19 -3.58
C PRO A 145 12.14 -19.68 -2.71
N ASP A 146 13.35 -19.20 -3.00
CA ASP A 146 14.53 -19.59 -2.23
C ASP A 146 14.31 -19.37 -0.74
N LEU A 147 13.96 -18.14 -0.38
CA LEU A 147 13.72 -17.80 1.02
C LEU A 147 15.01 -17.83 1.82
N GLY A 148 16.13 -18.06 1.13
CA GLY A 148 17.42 -18.11 1.80
C GLY A 148 17.78 -16.78 2.45
N CYS A 149 17.35 -15.69 1.83
CA CYS A 149 17.65 -14.36 2.35
C CYS A 149 16.40 -13.48 2.30
N GLN A 150 15.59 -13.52 3.36
CA GLN A 150 14.38 -12.73 3.43
C GLN A 150 14.67 -11.25 3.18
N LEU A 151 14.26 -10.76 2.02
CA LEU A 151 14.48 -9.36 1.66
C LEU A 151 13.16 -8.68 1.31
N TYR A 152 12.07 -9.44 1.35
CA TYR A 152 10.75 -8.91 1.04
C TYR A 152 10.32 -7.87 2.07
N LEU A 153 10.28 -8.28 3.33
CA LEU A 153 9.89 -7.38 4.42
C LEU A 153 11.10 -6.64 4.98
N HIS A 154 12.25 -6.84 4.35
CA HIS A 154 13.48 -6.20 4.79
C HIS A 154 13.62 -4.81 4.17
N ILE A 155 12.57 -4.37 3.47
CA ILE A 155 12.57 -3.07 2.82
C ILE A 155 12.97 -1.97 3.81
N PRO A 156 13.59 -0.90 3.29
CA PRO A 156 14.02 0.24 4.09
C PRO A 156 12.85 1.06 4.63
N GLN A 157 12.97 1.51 5.88
CA GLN A 157 11.92 2.29 6.51
C GLN A 157 11.63 3.56 5.70
N GLN A 158 12.68 4.21 5.22
CA GLN A 158 12.54 5.42 4.44
C GLN A 158 11.54 5.24 3.31
N GLN A 159 11.52 4.04 2.72
CA GLN A 159 10.61 3.74 1.63
C GLN A 159 9.21 3.45 2.17
N GLN A 160 9.12 2.55 3.13
CA GLN A 160 7.84 2.18 3.73
C GLN A 160 7.12 3.40 4.27
N GLU A 161 7.90 4.38 4.74
CA GLU A 161 7.33 5.61 5.29
C GLU A 161 6.87 6.54 4.17
N GLU A 162 7.71 6.72 3.16
CA GLU A 162 7.39 7.58 2.04
C GLU A 162 6.06 7.19 1.42
N VAL A 163 5.87 5.89 1.19
CA VAL A 163 4.64 5.38 0.60
C VAL A 163 3.46 5.53 1.57
N GLN A 164 3.66 5.06 2.80
CA GLN A 164 2.61 5.15 3.81
C GLN A 164 2.09 6.57 3.94
N ARG A 165 2.99 7.55 3.88
CA ARG A 165 2.63 8.95 3.98
C ARG A 165 2.08 9.47 2.66
N LEU A 166 2.66 9.00 1.56
CA LEU A 166 2.22 9.42 0.23
C LEU A 166 0.72 9.24 0.07
N LEU A 167 0.25 8.03 0.32
CA LEU A 167 -1.18 7.73 0.20
C LEU A 167 -2.01 8.69 1.04
N MET A 168 -1.47 9.10 2.18
CA MET A 168 -2.16 10.03 3.07
C MET A 168 -1.71 11.46 2.83
N MET A 169 -1.32 11.74 1.58
CA MET A 169 -0.87 13.08 1.21
C MET A 169 -1.96 14.11 1.49
N GLY A 170 -1.55 15.38 1.61
CA GLY A 170 -2.51 16.44 1.87
C GLY A 170 -3.66 16.43 0.89
N GLU A 171 -3.39 16.01 -0.34
CA GLU A 171 -4.41 15.97 -1.39
C GLU A 171 -5.65 15.24 -0.89
N PRO A 172 -6.81 15.56 -1.50
CA PRO A 172 -8.09 14.95 -1.13
C PRO A 172 -8.17 13.48 -1.55
N ALA A 173 -9.19 12.79 -1.04
CA ALA A 173 -9.37 11.38 -1.35
C ALA A 173 -9.47 11.17 -2.86
N LYS A 174 -8.51 10.41 -3.40
CA LYS A 174 -8.48 10.13 -4.83
C LYS A 174 -8.70 8.65 -5.10
N GLY A 175 -9.91 8.17 -4.83
CA GLY A 175 -10.22 6.77 -5.05
C GLY A 175 -10.15 5.95 -3.77
N TRP A 176 -10.53 6.57 -2.66
CA TRP A 176 -10.50 5.90 -1.36
C TRP A 176 -11.67 4.92 -1.24
N GLN A 177 -12.89 5.45 -1.32
CA GLN A 177 -14.09 4.63 -1.22
C GLN A 177 -14.04 3.46 -2.22
N GLU A 178 -13.52 3.74 -3.41
CA GLU A 178 -13.42 2.72 -4.44
C GLU A 178 -12.45 1.61 -4.03
N LEU A 179 -11.35 2.01 -3.42
CA LEU A 179 -10.33 1.06 -2.97
C LEU A 179 -10.89 0.12 -1.92
N ALA A 180 -11.36 0.69 -0.81
CA ALA A 180 -11.93 -0.10 0.28
C ALA A 180 -13.10 -0.94 -0.21
N GLY A 181 -14.05 -0.31 -0.89
CA GLY A 181 -15.20 -1.02 -1.40
C GLY A 181 -14.82 -2.16 -2.32
N HIS A 182 -14.06 -1.84 -3.37
CA HIS A 182 -13.62 -2.85 -4.33
C HIS A 182 -12.80 -3.94 -3.64
N LEU A 183 -12.12 -3.57 -2.56
CA LEU A 183 -11.30 -4.51 -1.81
C LEU A 183 -12.17 -5.56 -1.13
N GLY A 184 -13.43 -5.23 -0.91
CA GLY A 184 -14.35 -6.16 -0.26
C GLY A 184 -14.99 -5.57 0.97
N TYR A 185 -14.77 -4.28 1.20
CA TYR A 185 -15.33 -3.59 2.36
C TYR A 185 -16.68 -2.96 2.01
N GLN A 186 -17.47 -2.68 3.05
CA GLN A 186 -18.78 -2.07 2.86
C GLN A 186 -18.82 -0.66 3.46
N ALA A 187 -19.95 0.02 3.28
CA ALA A 187 -20.11 1.37 3.80
C ALA A 187 -19.93 1.40 5.32
N GLU A 188 -20.71 0.59 6.02
CA GLU A 188 -20.63 0.52 7.47
C GLU A 188 -19.32 -0.12 7.92
N ALA A 189 -18.85 -1.09 7.14
CA ALA A 189 -17.61 -1.78 7.46
C ALA A 189 -16.42 -0.82 7.40
N VAL A 190 -16.19 -0.24 6.24
CA VAL A 190 -15.08 0.70 6.06
C VAL A 190 -15.21 1.89 7.02
N GLU A 191 -16.44 2.28 7.32
CA GLU A 191 -16.69 3.39 8.22
C GLU A 191 -16.36 3.01 9.66
N THR A 192 -16.81 1.83 10.07
CA THR A 192 -16.56 1.35 11.43
C THR A 192 -15.07 1.30 11.73
N MET A 193 -14.31 0.71 10.81
CA MET A 193 -12.86 0.59 10.96
C MET A 193 -12.19 1.96 10.83
N ALA A 194 -12.66 2.75 9.88
CA ALA A 194 -12.10 4.08 9.65
C ALA A 194 -12.21 4.94 10.90
N CYS A 195 -13.21 4.66 11.73
CA CYS A 195 -13.43 5.41 12.95
C CYS A 195 -12.15 5.49 13.78
N ASP A 196 -11.63 4.33 14.16
CA ASP A 196 -10.41 4.26 14.96
C ASP A 196 -9.50 3.14 14.47
N GLN A 197 -9.22 3.12 13.17
CA GLN A 197 -8.37 2.10 12.58
C GLN A 197 -8.23 2.32 11.07
N MET A 198 -7.15 3.00 10.68
CA MET A 198 -6.89 3.27 9.28
C MET A 198 -7.05 2.01 8.44
N PRO A 199 -7.54 2.17 7.20
CA PRO A 199 -7.75 1.05 6.28
C PRO A 199 -6.43 0.46 5.79
N ALA A 200 -5.52 1.32 5.35
CA ALA A 200 -4.22 0.90 4.85
C ALA A 200 -3.48 0.08 5.90
N TYR A 201 -3.62 0.47 7.16
CA TYR A 201 -2.95 -0.22 8.25
C TYR A 201 -3.63 -1.56 8.54
N THR A 202 -4.93 -1.51 8.78
CA THR A 202 -5.71 -2.72 9.07
C THR A 202 -5.61 -3.72 7.92
N LEU A 203 -5.54 -3.19 6.70
CA LEU A 203 -5.45 -4.04 5.51
C LEU A 203 -4.12 -4.79 5.48
N LEU A 204 -3.03 -4.05 5.37
CA LEU A 204 -1.71 -4.64 5.33
C LEU A 204 -1.45 -5.49 6.57
N ARG A 205 -1.86 -4.98 7.73
CA ARG A 205 -1.68 -5.69 9.00
C ARG A 205 -2.23 -7.11 8.90
N ASN A 206 -3.51 -7.23 8.61
CA ASN A 206 -4.16 -8.54 8.49
C ASN A 206 -3.59 -9.31 7.30
N TRP A 207 -3.29 -8.60 6.22
CA TRP A 207 -2.76 -9.22 5.02
C TRP A 207 -1.47 -9.98 5.34
N ALA A 208 -0.50 -9.29 5.93
CA ALA A 208 0.77 -9.89 6.29
C ALA A 208 0.62 -10.83 7.47
N ALA A 209 -0.23 -10.45 8.42
CA ALA A 209 -0.48 -11.27 9.60
C ALA A 209 -0.94 -12.67 9.22
N GLN A 210 -1.70 -12.76 8.14
CA GLN A 210 -2.21 -14.04 7.67
C GLN A 210 -1.15 -14.80 6.88
N GLU A 211 -0.57 -14.12 5.88
CA GLU A 211 0.46 -14.73 5.05
C GLU A 211 1.82 -14.08 5.30
N GLY A 212 1.91 -12.78 5.02
CA GLY A 212 3.15 -12.06 5.22
C GLY A 212 4.32 -12.72 4.51
N ASN A 213 4.01 -13.51 3.50
CA ASN A 213 5.05 -14.20 2.73
C ASN A 213 5.24 -13.56 1.36
N ARG A 214 4.31 -13.84 0.45
CA ARG A 214 4.37 -13.29 -0.89
C ARG A 214 3.73 -11.91 -0.94
N ALA A 215 2.86 -11.62 0.02
CA ALA A 215 2.18 -10.33 0.09
C ALA A 215 3.17 -9.18 -0.01
N THR A 216 3.24 -8.56 -1.19
CA THR A 216 4.15 -7.45 -1.40
C THR A 216 3.39 -6.18 -1.77
N LEU A 217 3.94 -5.03 -1.37
CA LEU A 217 3.31 -3.75 -1.65
C LEU A 217 2.95 -3.63 -3.13
N ARG A 218 3.71 -4.32 -3.97
CA ARG A 218 3.48 -4.29 -5.41
C ARG A 218 2.01 -4.53 -5.73
N VAL A 219 1.40 -5.45 -4.99
CA VAL A 219 -0.01 -5.78 -5.19
C VAL A 219 -0.88 -4.54 -5.14
N LEU A 220 -0.52 -3.60 -4.26
CA LEU A 220 -1.27 -2.36 -4.12
C LEU A 220 -0.92 -1.38 -5.23
N GLU A 221 0.35 -1.39 -5.65
CA GLU A 221 0.81 -0.50 -6.70
C GLU A 221 0.00 -0.70 -7.98
N ASP A 222 -0.13 -1.96 -8.38
CA ASP A 222 -0.88 -2.30 -9.60
C ASP A 222 -2.38 -2.14 -9.37
N ALA A 223 -2.88 -2.73 -8.29
CA ALA A 223 -4.29 -2.66 -7.96
C ALA A 223 -4.77 -1.21 -7.89
N LEU A 224 -3.89 -0.33 -7.42
CA LEU A 224 -4.22 1.09 -7.31
C LEU A 224 -3.97 1.81 -8.62
N ALA A 225 -2.91 1.41 -9.32
CA ALA A 225 -2.57 2.02 -10.61
C ALA A 225 -3.72 1.91 -11.59
N ALA A 226 -4.48 0.82 -11.49
CA ALA A 226 -5.61 0.59 -12.38
C ALA A 226 -6.61 1.75 -12.30
N ILE A 227 -6.62 2.44 -11.16
CA ILE A 227 -7.53 3.57 -10.96
C ILE A 227 -7.02 4.81 -11.68
N GLY A 228 -5.75 4.79 -12.07
CA GLY A 228 -5.18 5.93 -12.77
C GLY A 228 -4.34 6.80 -11.87
N ARG A 229 -3.62 6.18 -10.94
CA ARG A 229 -2.78 6.93 -10.01
C ARG A 229 -1.33 6.93 -10.48
N GLU A 230 -1.06 7.67 -11.56
CA GLU A 230 0.28 7.76 -12.10
C GLU A 230 1.17 8.63 -11.22
N ASP A 231 0.57 9.61 -10.56
CA ASP A 231 1.31 10.51 -9.68
C ASP A 231 2.18 9.72 -8.72
N VAL A 232 1.56 8.82 -7.96
CA VAL A 232 2.28 8.00 -6.99
C VAL A 232 3.24 7.05 -7.69
N VAL A 233 2.84 6.55 -8.85
CA VAL A 233 3.66 5.63 -9.62
C VAL A 233 4.97 6.29 -10.05
N GLN A 234 4.89 7.54 -10.47
CA GLN A 234 6.07 8.27 -10.91
C GLN A 234 6.98 8.58 -9.72
N VAL A 235 6.38 9.03 -8.62
CA VAL A 235 7.15 9.36 -7.42
C VAL A 235 7.89 8.14 -6.90
N LEU A 236 7.33 6.96 -7.13
CA LEU A 236 7.95 5.71 -6.68
C LEU A 236 8.94 5.19 -7.72
N SER A 237 8.57 5.30 -8.99
CA SER A 237 9.41 4.83 -10.08
C SER A 237 10.21 5.98 -10.68
N SER A 238 10.74 6.84 -9.81
CA SER A 238 11.52 7.99 -10.25
C SER A 238 12.93 7.57 -10.66
N PRO A 239 13.59 8.43 -11.44
CA PRO A 239 14.96 8.16 -11.93
C PRO A 239 15.99 8.24 -10.80
N ALA A 240 16.54 7.09 -10.43
CA ALA A 240 17.54 7.02 -9.37
C ALA A 240 18.95 6.91 -9.95
N GLU A 241 19.94 6.78 -9.07
CA GLU A 241 21.32 6.67 -9.50
C GLU A 241 21.54 5.39 -10.31
N SER A 242 22.40 5.47 -11.32
CA SER A 242 22.69 4.33 -12.18
C SER A 242 23.77 3.45 -11.55
N SER A 243 23.65 2.15 -11.75
CA SER A 243 24.61 1.20 -11.20
C SER A 243 25.76 0.95 -12.19
N SER A 244 26.91 0.56 -11.66
CA SER A 244 28.07 0.29 -12.50
C SER A 244 28.51 -1.16 -12.37
N VAL A 245 28.32 -1.92 -13.44
CA VAL A 245 28.69 -3.34 -13.45
C VAL A 245 29.75 -3.62 -14.52
N VAL A 246 30.64 -4.55 -14.21
CA VAL A 246 31.70 -4.92 -15.15
C VAL A 246 31.13 -5.34 -16.49
N PRO A 145 8.51 -19.27 -11.77
CA PRO A 145 9.95 -19.16 -12.03
C PRO A 145 10.78 -19.21 -10.76
N ASP A 146 12.08 -18.93 -10.88
CA ASP A 146 12.97 -18.95 -9.73
C ASP A 146 12.44 -18.07 -8.61
N LEU A 147 12.77 -18.43 -7.37
CA LEU A 147 12.33 -17.68 -6.21
C LEU A 147 13.24 -16.47 -5.96
N GLY A 148 12.90 -15.69 -4.94
CA GLY A 148 13.70 -14.51 -4.61
C GLY A 148 13.30 -13.90 -3.28
N CYS A 149 14.07 -14.21 -2.24
CA CYS A 149 13.78 -13.68 -0.91
C CYS A 149 13.62 -12.17 -0.94
N GLN A 150 14.48 -11.51 -1.72
CA GLN A 150 14.43 -10.06 -1.85
C GLN A 150 13.20 -9.61 -2.63
N LEU A 151 12.22 -9.06 -1.92
CA LEU A 151 10.99 -8.60 -2.54
C LEU A 151 10.88 -7.08 -2.44
N TYR A 152 9.81 -6.54 -3.02
CA TYR A 152 9.58 -5.10 -3.01
C TYR A 152 9.22 -4.61 -1.61
N LEU A 153 8.57 -5.48 -0.84
CA LEU A 153 8.17 -5.14 0.52
C LEU A 153 9.38 -5.05 1.43
N HIS A 154 10.53 -5.50 0.94
CA HIS A 154 11.77 -5.47 1.71
C HIS A 154 12.47 -4.13 1.56
N ILE A 155 11.79 -3.18 0.92
CA ILE A 155 12.34 -1.85 0.72
C ILE A 155 12.86 -1.25 2.02
N PRO A 156 13.79 -0.31 1.91
CA PRO A 156 14.38 0.36 3.08
C PRO A 156 13.39 1.28 3.79
N GLN A 157 13.71 1.64 5.02
CA GLN A 157 12.84 2.51 5.82
C GLN A 157 12.49 3.77 5.03
N GLN A 158 13.44 4.27 4.26
CA GLN A 158 13.23 5.47 3.46
C GLN A 158 12.02 5.31 2.54
N GLN A 159 12.05 4.28 1.70
CA GLN A 159 10.97 4.01 0.78
C GLN A 159 9.71 3.60 1.52
N GLN A 160 9.87 2.76 2.54
CA GLN A 160 8.74 2.29 3.33
C GLN A 160 7.93 3.46 3.88
N GLU A 161 8.63 4.42 4.49
CA GLU A 161 7.98 5.59 5.06
C GLU A 161 7.30 6.42 3.96
N GLU A 162 8.01 6.61 2.85
CA GLU A 162 7.49 7.39 1.73
C GLU A 162 6.11 6.88 1.31
N VAL A 163 6.00 5.56 1.13
CA VAL A 163 4.76 4.93 0.73
C VAL A 163 3.69 5.08 1.81
N GLN A 164 4.02 4.62 3.01
CA GLN A 164 3.10 4.70 4.14
C GLN A 164 2.57 6.12 4.31
N ARG A 165 3.45 7.10 4.14
CA ARG A 165 3.06 8.50 4.28
C ARG A 165 2.25 8.96 3.08
N LEU A 166 2.61 8.45 1.91
CA LEU A 166 1.91 8.81 0.67
C LEU A 166 0.42 8.50 0.77
N LEU A 167 0.10 7.25 1.08
CA LEU A 167 -1.28 6.82 1.22
C LEU A 167 -2.02 7.68 2.23
N MET A 168 -1.32 8.11 3.27
CA MET A 168 -1.91 8.95 4.30
C MET A 168 -1.64 10.43 4.03
N MET A 169 -1.51 10.77 2.76
CA MET A 169 -1.25 12.15 2.35
C MET A 169 -2.25 13.10 3.01
N GLY A 170 -1.83 14.35 3.19
CA GLY A 170 -2.70 15.34 3.81
C GLY A 170 -4.01 15.51 3.07
N GLU A 171 -3.95 15.43 1.75
CA GLU A 171 -5.14 15.59 0.91
C GLU A 171 -6.06 14.38 1.06
N PRO A 172 -7.35 14.57 0.75
CA PRO A 172 -8.35 13.51 0.84
C PRO A 172 -8.17 12.44 -0.24
N ALA A 173 -8.73 11.26 0.01
CA ALA A 173 -8.62 10.16 -0.94
C ALA A 173 -9.79 10.17 -1.92
N LYS A 174 -9.47 10.25 -3.21
CA LYS A 174 -10.50 10.27 -4.25
C LYS A 174 -11.08 8.88 -4.46
N GLY A 175 -10.31 7.86 -4.09
CA GLY A 175 -10.77 6.49 -4.25
C GLY A 175 -10.68 5.70 -2.96
N TRP A 176 -11.47 6.12 -1.97
CA TRP A 176 -11.48 5.44 -0.67
C TRP A 176 -12.35 4.19 -0.72
N GLN A 177 -13.63 4.38 -1.01
CA GLN A 177 -14.58 3.27 -1.09
C GLN A 177 -14.24 2.35 -2.25
N GLU A 178 -13.82 2.94 -3.37
CA GLU A 178 -13.47 2.17 -4.55
C GLU A 178 -12.39 1.14 -4.24
N LEU A 179 -11.34 1.59 -3.53
CA LEU A 179 -10.24 0.70 -3.17
C LEU A 179 -10.71 -0.39 -2.21
N ALA A 180 -11.39 0.03 -1.14
CA ALA A 180 -11.90 -0.91 -0.15
C ALA A 180 -12.79 -1.96 -0.79
N GLY A 181 -13.77 -1.51 -1.57
CA GLY A 181 -14.68 -2.43 -2.24
C GLY A 181 -13.96 -3.41 -3.14
N HIS A 182 -13.14 -2.88 -4.05
CA HIS A 182 -12.39 -3.71 -4.98
C HIS A 182 -11.50 -4.70 -4.23
N LEU A 183 -10.99 -4.27 -3.08
CA LEU A 183 -10.12 -5.12 -2.27
C LEU A 183 -10.90 -6.29 -1.68
N GLY A 184 -12.22 -6.12 -1.58
CA GLY A 184 -13.06 -7.18 -1.04
C GLY A 184 -13.49 -6.90 0.40
N TYR A 185 -13.55 -5.63 0.75
CA TYR A 185 -13.93 -5.23 2.10
C TYR A 185 -15.44 -4.98 2.19
N GLN A 186 -16.00 -5.17 3.37
CA GLN A 186 -17.43 -4.97 3.59
C GLN A 186 -17.66 -3.80 4.53
N ALA A 187 -18.93 -3.40 4.66
CA ALA A 187 -19.30 -2.29 5.53
C ALA A 187 -18.75 -2.49 6.93
N GLU A 188 -18.88 -3.71 7.45
CA GLU A 188 -18.40 -4.03 8.80
C GLU A 188 -16.88 -3.91 8.87
N ALA A 189 -16.21 -4.25 7.77
CA ALA A 189 -14.76 -4.18 7.71
C ALA A 189 -14.28 -2.73 7.70
N VAL A 190 -14.72 -1.97 6.70
CA VAL A 190 -14.34 -0.57 6.59
C VAL A 190 -14.56 0.18 7.89
N GLU A 191 -15.65 -0.17 8.58
CA GLU A 191 -15.97 0.47 9.86
C GLU A 191 -14.98 0.05 10.95
N THR A 192 -14.61 -1.22 10.94
CA THR A 192 -13.67 -1.74 11.93
C THR A 192 -12.27 -1.14 11.73
N MET A 193 -11.72 -1.33 10.54
CA MET A 193 -10.39 -0.79 10.24
C MET A 193 -10.35 0.71 10.46
N ALA A 194 -11.45 1.39 10.16
CA ALA A 194 -11.53 2.83 10.33
C ALA A 194 -11.46 3.22 11.80
N CYS A 195 -12.10 2.42 12.65
CA CYS A 195 -12.12 2.67 14.08
C CYS A 195 -10.72 2.49 14.68
N ASP A 196 -9.96 1.55 14.14
CA ASP A 196 -8.62 1.28 14.63
C ASP A 196 -7.76 2.54 14.56
N GLN A 197 -7.23 2.83 13.38
CA GLN A 197 -6.39 4.01 13.19
C GLN A 197 -6.40 4.45 11.73
N MET A 198 -5.60 3.79 10.91
CA MET A 198 -5.51 4.12 9.48
C MET A 198 -5.94 2.93 8.62
N PRO A 199 -6.51 3.23 7.45
CA PRO A 199 -6.97 2.20 6.51
C PRO A 199 -5.81 1.42 5.88
N ALA A 200 -4.83 2.16 5.37
CA ALA A 200 -3.67 1.55 4.73
C ALA A 200 -2.91 0.66 5.71
N TYR A 201 -2.69 1.17 6.92
CA TYR A 201 -1.98 0.41 7.94
C TYR A 201 -2.76 -0.84 8.33
N THR A 202 -4.06 -0.67 8.57
CA THR A 202 -4.92 -1.77 8.96
C THR A 202 -4.99 -2.82 7.85
N LEU A 203 -5.36 -2.38 6.66
CA LEU A 203 -5.47 -3.28 5.51
C LEU A 203 -4.26 -4.20 5.43
N LEU A 204 -3.07 -3.60 5.40
CA LEU A 204 -1.84 -4.37 5.32
C LEU A 204 -1.59 -5.17 6.59
N ARG A 205 -2.11 -4.65 7.72
CA ARG A 205 -1.95 -5.32 9.00
C ARG A 205 -2.52 -6.73 8.96
N ASN A 206 -3.81 -6.83 8.63
CA ASN A 206 -4.48 -8.13 8.55
C ASN A 206 -3.93 -8.95 7.39
N TRP A 207 -3.89 -8.34 6.20
CA TRP A 207 -3.38 -9.02 5.02
C TRP A 207 -2.06 -9.70 5.30
N ALA A 208 -1.15 -8.97 5.95
CA ALA A 208 0.16 -9.51 6.28
C ALA A 208 0.08 -10.47 7.47
N ALA A 209 -0.50 -9.99 8.56
CA ALA A 209 -0.64 -10.81 9.76
C ALA A 209 -1.22 -12.18 9.43
N GLN A 210 -2.09 -12.22 8.42
CA GLN A 210 -2.71 -13.48 8.01
C GLN A 210 -1.75 -14.31 7.17
N GLU A 211 -1.23 -13.72 6.10
CA GLU A 211 -0.30 -14.41 5.22
C GLU A 211 1.10 -13.79 5.30
N GLY A 212 1.20 -12.52 4.90
CA GLY A 212 2.48 -11.84 4.94
C GLY A 212 3.50 -12.47 4.02
N ASN A 213 3.04 -13.37 3.16
CA ASN A 213 3.93 -14.05 2.22
C ASN A 213 3.72 -13.52 0.80
N ARG A 214 2.61 -13.91 0.18
CA ARG A 214 2.30 -13.48 -1.18
C ARG A 214 1.99 -11.99 -1.22
N ALA A 215 1.50 -11.46 -0.09
CA ALA A 215 1.16 -10.04 0.00
C ALA A 215 2.33 -9.17 -0.47
N THR A 216 2.22 -8.66 -1.69
CA THR A 216 3.27 -7.82 -2.25
C THR A 216 2.73 -6.43 -2.57
N LEU A 217 3.54 -5.41 -2.32
CA LEU A 217 3.15 -4.03 -2.59
C LEU A 217 2.62 -3.87 -4.01
N ARG A 218 3.09 -4.72 -4.90
CA ARG A 218 2.66 -4.69 -6.30
C ARG A 218 1.14 -4.70 -6.40
N VAL A 219 0.51 -5.54 -5.57
CA VAL A 219 -0.95 -5.64 -5.56
C VAL A 219 -1.59 -4.30 -5.25
N LEU A 220 -0.89 -3.47 -4.49
CA LEU A 220 -1.39 -2.16 -4.11
C LEU A 220 -1.21 -1.16 -5.25
N GLU A 221 -0.04 -1.19 -5.87
CA GLU A 221 0.26 -0.27 -6.97
C GLU A 221 -0.74 -0.45 -8.10
N ASP A 222 -1.10 -1.70 -8.38
CA ASP A 222 -2.05 -2.01 -9.44
C ASP A 222 -3.48 -1.65 -9.02
N ALA A 223 -3.92 -2.21 -7.90
CA ALA A 223 -5.26 -1.94 -7.40
C ALA A 223 -5.50 -0.45 -7.24
N LEU A 224 -4.44 0.28 -6.87
CA LEU A 224 -4.53 1.72 -6.67
C LEU A 224 -4.48 2.45 -8.01
N ALA A 225 -3.56 2.02 -8.88
CA ALA A 225 -3.41 2.63 -10.20
C ALA A 225 -4.73 2.62 -10.96
N ALA A 226 -5.54 1.59 -10.71
CA ALA A 226 -6.83 1.46 -11.38
C ALA A 226 -7.70 2.69 -11.15
N ILE A 227 -7.42 3.41 -10.07
CA ILE A 227 -8.18 4.61 -9.73
C ILE A 227 -7.76 5.79 -10.60
N GLY A 228 -6.59 5.67 -11.23
CA GLY A 228 -6.09 6.73 -12.09
C GLY A 228 -5.15 7.67 -11.36
N ARG A 229 -4.33 7.12 -10.47
CA ARG A 229 -3.38 7.91 -9.70
C ARG A 229 -1.96 7.72 -10.24
N GLU A 230 -1.53 8.63 -11.10
CA GLU A 230 -0.20 8.57 -11.68
C GLU A 230 0.84 9.15 -10.72
N ASP A 231 0.45 10.20 -10.01
CA ASP A 231 1.34 10.86 -9.06
C ASP A 231 1.97 9.84 -8.11
N VAL A 232 1.12 9.10 -7.40
CA VAL A 232 1.60 8.09 -6.46
C VAL A 232 2.51 7.08 -7.15
N VAL A 233 2.19 6.78 -8.40
CA VAL A 233 2.98 5.82 -9.18
C VAL A 233 4.36 6.38 -9.50
N GLN A 234 4.44 7.70 -9.67
CA GLN A 234 5.69 8.36 -9.98
C GLN A 234 6.62 8.38 -8.76
N VAL A 235 6.10 8.89 -7.65
CA VAL A 235 6.87 8.97 -6.42
C VAL A 235 7.42 7.60 -6.02
N LEU A 236 6.57 6.59 -6.10
CA LEU A 236 6.97 5.23 -5.76
C LEU A 236 7.94 4.65 -6.80
N SER A 237 7.68 4.98 -8.07
CA SER A 237 8.52 4.50 -9.16
C SER A 237 9.26 5.66 -9.83
N SER A 238 10.01 6.40 -9.04
CA SER A 238 10.77 7.53 -9.55
C SER A 238 12.10 7.08 -10.14
N PRO A 239 12.64 7.89 -11.06
CA PRO A 239 13.92 7.59 -11.73
C PRO A 239 15.11 7.70 -10.78
N ALA A 240 14.89 8.34 -9.64
CA ALA A 240 15.95 8.53 -8.65
C ALA A 240 16.61 7.19 -8.32
N GLU A 241 17.92 7.11 -8.53
CA GLU A 241 18.67 5.89 -8.25
C GLU A 241 18.72 5.61 -6.76
N SER A 242 18.80 4.33 -6.40
CA SER A 242 18.84 3.94 -5.00
C SER A 242 19.89 2.85 -4.78
N SER A 243 20.66 2.99 -3.70
CA SER A 243 21.70 2.01 -3.38
C SER A 243 21.41 1.32 -2.05
N SER A 244 22.13 0.23 -1.79
CA SER A 244 21.94 -0.52 -0.56
C SER A 244 22.21 0.35 0.66
N VAL A 245 21.19 0.55 1.48
CA VAL A 245 21.32 1.36 2.69
C VAL A 245 21.12 0.51 3.95
N VAL A 246 21.93 0.77 4.96
CA VAL A 246 21.84 0.04 6.23
C VAL A 246 20.47 0.24 6.88
N PRO A 145 21.48 -21.05 -5.81
CA PRO A 145 20.78 -21.51 -4.62
C PRO A 145 20.38 -20.36 -3.70
N ASP A 146 19.12 -19.92 -3.82
CA ASP A 146 18.62 -18.83 -3.00
C ASP A 146 17.09 -18.75 -3.09
N LEU A 147 16.46 -18.51 -1.94
CA LEU A 147 15.00 -18.40 -1.88
C LEU A 147 14.54 -16.98 -2.19
N GLY A 148 14.72 -16.09 -1.23
CA GLY A 148 14.32 -14.71 -1.42
C GLY A 148 12.88 -14.58 -1.87
N CYS A 149 11.98 -15.27 -1.18
CA CYS A 149 10.56 -15.24 -1.52
C CYS A 149 9.87 -14.07 -0.85
N GLN A 150 10.01 -13.99 0.48
CA GLN A 150 9.39 -12.91 1.25
C GLN A 150 10.37 -11.76 1.47
N LEU A 151 10.18 -10.70 0.70
CA LEU A 151 11.05 -9.53 0.81
C LEU A 151 10.26 -8.30 1.23
N TYR A 152 8.99 -8.25 0.84
CA TYR A 152 8.12 -7.13 1.18
C TYR A 152 8.06 -6.93 2.69
N LEU A 153 7.93 -8.02 3.43
CA LEU A 153 7.85 -7.97 4.88
C LEU A 153 9.07 -7.24 5.45
N HIS A 154 10.17 -7.26 4.71
CA HIS A 154 11.40 -6.61 5.15
C HIS A 154 11.46 -5.17 4.61
N ILE A 155 10.31 -4.60 4.33
CA ILE A 155 10.24 -3.23 3.80
C ILE A 155 11.07 -2.28 4.65
N PRO A 156 11.90 -1.46 3.98
CA PRO A 156 12.75 -0.48 4.66
C PRO A 156 11.96 0.66 5.27
N GLN A 157 12.31 1.03 6.50
CA GLN A 157 11.63 2.11 7.19
C GLN A 157 11.55 3.36 6.31
N GLN A 158 12.65 3.66 5.62
CA GLN A 158 12.70 4.83 4.75
C GLN A 158 11.51 4.85 3.80
N GLN A 159 11.35 3.77 3.04
CA GLN A 159 10.24 3.67 2.09
C GLN A 159 8.91 3.54 2.81
N GLN A 160 8.92 2.86 3.96
CA GLN A 160 7.71 2.67 4.75
C GLN A 160 7.05 4.01 5.06
N GLU A 161 7.84 4.96 5.53
CA GLU A 161 7.32 6.28 5.87
C GLU A 161 7.03 7.09 4.61
N GLU A 162 7.88 6.93 3.60
CA GLU A 162 7.72 7.64 2.34
C GLU A 162 6.38 7.31 1.69
N VAL A 163 6.12 6.02 1.53
CA VAL A 163 4.87 5.56 0.91
C VAL A 163 3.67 5.93 1.78
N GLN A 164 3.78 5.65 3.07
CA GLN A 164 2.69 5.97 4.01
C GLN A 164 2.26 7.42 3.87
N ARG A 165 3.23 8.30 3.64
CA ARG A 165 2.94 9.73 3.50
C ARG A 165 2.24 10.00 2.17
N LEU A 166 2.72 9.37 1.12
CA LEU A 166 2.14 9.55 -0.21
C LEU A 166 0.67 9.15 -0.23
N LEU A 167 0.40 7.92 0.19
CA LEU A 167 -0.98 7.42 0.23
C LEU A 167 -1.89 8.36 1.01
N MET A 168 -1.33 8.96 2.07
CA MET A 168 -2.09 9.89 2.90
C MET A 168 -1.85 11.33 2.46
N MET A 169 -1.56 11.51 1.18
CA MET A 169 -1.30 12.84 0.64
C MET A 169 -2.50 13.76 0.85
N GLY A 170 -2.27 15.07 0.81
CA GLY A 170 -3.34 16.02 1.00
C GLY A 170 -4.46 15.84 0.00
N GLU A 171 -4.10 15.76 -1.29
CA GLU A 171 -5.09 15.59 -2.35
C GLU A 171 -5.98 14.38 -2.08
N PRO A 172 -7.27 14.64 -1.83
CA PRO A 172 -8.25 13.59 -1.55
C PRO A 172 -8.55 12.74 -2.78
N ALA A 173 -8.53 11.42 -2.60
CA ALA A 173 -8.81 10.50 -3.69
C ALA A 173 -10.27 10.56 -4.11
N LYS A 174 -10.58 9.98 -5.26
CA LYS A 174 -11.95 9.98 -5.78
C LYS A 174 -12.92 9.44 -4.73
N GLY A 175 -12.93 8.13 -4.54
CA GLY A 175 -13.82 7.52 -3.57
C GLY A 175 -13.14 6.41 -2.80
N TRP A 176 -12.86 6.67 -1.52
CA TRP A 176 -12.22 5.68 -0.67
C TRP A 176 -13.03 4.38 -0.62
N GLN A 177 -14.34 4.51 -0.63
CA GLN A 177 -15.23 3.35 -0.59
C GLN A 177 -14.93 2.40 -1.74
N GLU A 178 -14.77 2.96 -2.93
CA GLU A 178 -14.48 2.15 -4.12
C GLU A 178 -13.28 1.24 -3.87
N LEU A 179 -12.27 1.76 -3.19
CA LEU A 179 -11.07 0.99 -2.88
C LEU A 179 -11.37 -0.12 -1.88
N ALA A 180 -11.94 0.27 -0.74
CA ALA A 180 -12.28 -0.70 0.30
C ALA A 180 -13.16 -1.81 -0.25
N GLY A 181 -14.15 -1.44 -1.07
CA GLY A 181 -15.04 -2.41 -1.65
C GLY A 181 -14.36 -3.28 -2.70
N HIS A 182 -13.66 -2.63 -3.63
CA HIS A 182 -12.97 -3.35 -4.69
C HIS A 182 -12.00 -4.38 -4.10
N LEU A 183 -11.37 -4.03 -2.99
CA LEU A 183 -10.43 -4.93 -2.34
C LEU A 183 -11.15 -6.13 -1.73
N GLY A 184 -12.43 -5.97 -1.47
CA GLY A 184 -13.21 -7.05 -0.90
C GLY A 184 -13.71 -6.74 0.50
N TYR A 185 -13.37 -5.54 0.99
CA TYR A 185 -13.79 -5.11 2.32
C TYR A 185 -15.10 -4.36 2.26
N GLN A 186 -16.00 -4.68 3.20
CA GLN A 186 -17.30 -4.02 3.26
C GLN A 186 -17.21 -2.69 4.02
N ALA A 187 -18.35 -2.02 4.15
CA ALA A 187 -18.40 -0.74 4.84
C ALA A 187 -18.03 -0.90 6.32
N GLU A 188 -18.43 -2.02 6.90
CA GLU A 188 -18.16 -2.29 8.30
C GLU A 188 -16.65 -2.46 8.53
N ALA A 189 -15.98 -3.10 7.58
CA ALA A 189 -14.54 -3.32 7.67
C ALA A 189 -13.78 -2.01 7.51
N VAL A 190 -13.99 -1.34 6.39
CA VAL A 190 -13.31 -0.08 6.10
C VAL A 190 -13.49 0.90 7.25
N GLU A 191 -14.65 0.85 7.90
CA GLU A 191 -14.95 1.73 9.02
C GLU A 191 -14.15 1.33 10.26
N THR A 192 -14.05 0.02 10.47
CA THR A 192 -13.33 -0.51 11.62
C THR A 192 -11.87 -0.10 11.59
N MET A 193 -11.21 -0.36 10.47
CA MET A 193 -9.80 -0.02 10.31
C MET A 193 -9.61 1.51 10.28
N ALA A 194 -10.55 2.20 9.64
CA ALA A 194 -10.49 3.64 9.53
C ALA A 194 -10.41 4.29 10.91
N CYS A 195 -11.19 3.76 11.85
CA CYS A 195 -11.20 4.29 13.21
C CYS A 195 -9.80 4.31 13.81
N ASP A 196 -9.01 3.30 13.48
CA ASP A 196 -7.65 3.19 13.97
C ASP A 196 -6.78 4.31 13.41
N GLN A 197 -5.67 4.60 14.10
CA GLN A 197 -4.76 5.65 13.67
C GLN A 197 -3.91 5.18 12.49
N MET A 198 -3.59 3.89 12.48
CA MET A 198 -2.79 3.32 11.40
C MET A 198 -3.58 2.28 10.62
N PRO A 199 -4.55 2.76 9.80
CA PRO A 199 -5.40 1.90 8.99
C PRO A 199 -4.64 1.25 7.85
N ALA A 200 -3.66 1.98 7.29
CA ALA A 200 -2.86 1.46 6.19
C ALA A 200 -1.99 0.30 6.65
N TYR A 201 -1.34 0.47 7.80
CA TYR A 201 -0.46 -0.57 8.34
C TYR A 201 -1.29 -1.74 8.87
N THR A 202 -2.39 -1.44 9.55
CA THR A 202 -3.25 -2.46 10.11
C THR A 202 -3.94 -3.26 9.00
N LEU A 203 -4.27 -2.59 7.91
CA LEU A 203 -4.92 -3.23 6.78
C LEU A 203 -3.98 -4.21 6.09
N LEU A 204 -2.78 -3.75 5.76
CA LEU A 204 -1.78 -4.59 5.11
C LEU A 204 -1.38 -5.77 6.00
N ARG A 205 -1.20 -5.49 7.28
CA ARG A 205 -0.82 -6.52 8.24
C ARG A 205 -1.90 -7.59 8.34
N ASN A 206 -3.15 -7.16 8.50
CA ASN A 206 -4.27 -8.08 8.62
C ASN A 206 -4.51 -8.81 7.31
N TRP A 207 -4.31 -8.10 6.20
CA TRP A 207 -4.51 -8.68 4.88
C TRP A 207 -3.46 -9.76 4.59
N ALA A 208 -2.20 -9.43 4.82
CA ALA A 208 -1.11 -10.37 4.59
C ALA A 208 -1.25 -11.60 5.48
N ALA A 209 -1.70 -11.38 6.71
CA ALA A 209 -1.88 -12.48 7.66
C ALA A 209 -3.11 -13.31 7.31
N GLN A 210 -4.27 -12.66 7.26
CA GLN A 210 -5.52 -13.34 6.93
C GLN A 210 -5.38 -14.15 5.64
N GLU A 211 -4.55 -13.65 4.73
CA GLU A 211 -4.33 -14.33 3.45
C GLU A 211 -3.27 -15.42 3.59
N GLY A 212 -2.08 -15.03 4.05
CA GLY A 212 -1.00 -15.97 4.22
C GLY A 212 -0.42 -16.43 2.90
N ASN A 213 -0.60 -15.63 1.86
CA ASN A 213 -0.10 -15.95 0.53
C ASN A 213 1.10 -15.10 0.18
N ARG A 214 1.52 -15.15 -1.09
CA ARG A 214 2.66 -14.37 -1.55
C ARG A 214 2.23 -12.98 -2.01
N ALA A 215 0.99 -12.62 -1.70
CA ALA A 215 0.45 -11.31 -2.08
C ALA A 215 1.38 -10.19 -1.66
N THR A 216 2.12 -9.65 -2.62
CA THR A 216 3.06 -8.56 -2.35
C THR A 216 2.44 -7.21 -2.67
N LEU A 217 3.13 -6.14 -2.29
CA LEU A 217 2.65 -4.78 -2.53
C LEU A 217 2.28 -4.60 -4.00
N ARG A 218 2.93 -5.37 -4.87
CA ARG A 218 2.66 -5.29 -6.30
C ARG A 218 1.17 -5.37 -6.59
N VAL A 219 0.49 -6.25 -5.86
CA VAL A 219 -0.95 -6.43 -6.04
C VAL A 219 -1.70 -5.11 -5.87
N LEU A 220 -1.18 -4.25 -5.01
CA LEU A 220 -1.79 -2.95 -4.75
C LEU A 220 -1.43 -1.96 -5.87
N GLU A 221 -0.19 -2.02 -6.33
CA GLU A 221 0.28 -1.13 -7.38
C GLU A 221 -0.58 -1.28 -8.64
N ASP A 222 -0.88 -2.53 -8.99
CA ASP A 222 -1.69 -2.82 -10.17
C ASP A 222 -3.16 -2.48 -9.93
N ALA A 223 -3.70 -2.99 -8.82
CA ALA A 223 -5.09 -2.74 -8.47
C ALA A 223 -5.37 -1.24 -8.39
N LEU A 224 -4.40 -0.50 -7.91
CA LEU A 224 -4.54 0.96 -7.77
C LEU A 224 -4.30 1.65 -9.11
N ALA A 225 -3.30 1.18 -9.85
CA ALA A 225 -2.99 1.76 -11.15
C ALA A 225 -4.20 1.76 -12.07
N ALA A 226 -5.03 0.72 -11.95
CA ALA A 226 -6.22 0.60 -12.77
C ALA A 226 -7.12 1.82 -12.62
N ILE A 227 -7.06 2.45 -11.44
CA ILE A 227 -7.88 3.63 -11.17
C ILE A 227 -7.27 4.87 -11.82
N GLY A 228 -6.00 4.78 -12.20
CA GLY A 228 -5.34 5.89 -12.84
C GLY A 228 -4.45 6.66 -11.88
N ARG A 229 -3.78 5.93 -10.99
CA ARG A 229 -2.91 6.56 -10.00
C ARG A 229 -1.44 6.38 -10.40
N GLU A 230 -1.01 7.11 -11.43
CA GLU A 230 0.37 7.02 -11.91
C GLU A 230 1.28 7.94 -11.09
N ASP A 231 0.73 9.07 -10.67
CA ASP A 231 1.50 10.03 -9.89
C ASP A 231 2.20 9.35 -8.71
N VAL A 232 1.41 8.64 -7.90
CA VAL A 232 1.96 7.94 -6.74
C VAL A 232 3.07 6.99 -7.15
N VAL A 233 2.93 6.37 -8.32
CA VAL A 233 3.92 5.45 -8.83
C VAL A 233 5.19 6.18 -9.28
N GLN A 234 5.01 7.37 -9.83
CA GLN A 234 6.13 8.17 -10.31
C GLN A 234 6.99 8.64 -9.14
N VAL A 235 6.34 8.97 -8.03
CA VAL A 235 7.04 9.43 -6.83
C VAL A 235 7.79 8.28 -6.16
N LEU A 236 7.11 7.14 -6.03
CA LEU A 236 7.71 5.97 -5.41
C LEU A 236 8.90 5.46 -6.21
N SER A 237 8.77 5.47 -7.53
CA SER A 237 9.82 5.02 -8.42
C SER A 237 10.55 6.20 -9.06
N SER A 238 10.74 7.27 -8.29
CA SER A 238 11.40 8.47 -8.78
C SER A 238 12.91 8.36 -8.59
N PRO A 239 13.66 9.17 -9.34
CA PRO A 239 15.12 9.19 -9.28
C PRO A 239 15.63 9.78 -7.96
N ALA A 240 16.27 8.94 -7.17
CA ALA A 240 16.82 9.36 -5.88
C ALA A 240 18.34 9.26 -5.87
N GLU A 241 18.85 8.04 -5.80
CA GLU A 241 20.28 7.81 -5.78
C GLU A 241 20.78 7.24 -7.12
N SER A 242 20.44 7.93 -8.19
CA SER A 242 20.84 7.49 -9.53
C SER A 242 21.21 8.69 -10.40
N SER A 243 22.34 8.56 -11.10
CA SER A 243 22.82 9.63 -11.98
C SER A 243 22.18 9.52 -13.36
N SER A 244 22.23 10.61 -14.11
CA SER A 244 21.65 10.65 -15.45
C SER A 244 22.33 9.63 -16.36
N VAL A 245 21.53 8.92 -17.15
CA VAL A 245 22.05 7.92 -18.06
C VAL A 245 22.15 8.46 -19.47
N VAL A 246 23.15 7.99 -20.22
CA VAL A 246 23.35 8.43 -21.60
C VAL A 246 22.09 8.22 -22.43
N PRO A 145 9.59 -24.99 6.63
CA PRO A 145 10.51 -23.98 7.14
C PRO A 145 10.13 -22.57 6.72
N ASP A 146 9.76 -21.74 7.68
CA ASP A 146 9.37 -20.36 7.40
C ASP A 146 10.54 -19.56 6.86
N LEU A 147 10.36 -18.95 5.70
CA LEU A 147 11.41 -18.15 5.07
C LEU A 147 10.99 -16.69 4.96
N GLY A 148 11.94 -15.83 4.59
CA GLY A 148 11.65 -14.42 4.44
C GLY A 148 11.27 -14.04 3.04
N CYS A 149 10.37 -14.83 2.44
CA CYS A 149 9.93 -14.57 1.07
C CYS A 149 9.29 -13.20 0.95
N GLN A 150 8.47 -12.84 1.94
CA GLN A 150 7.81 -11.54 1.95
C GLN A 150 8.82 -10.41 1.82
N LEU A 151 8.61 -9.55 0.83
CA LEU A 151 9.51 -8.42 0.61
C LEU A 151 9.07 -7.21 1.43
N TYR A 152 7.78 -7.14 1.74
CA TYR A 152 7.24 -6.04 2.52
C TYR A 152 7.93 -5.93 3.87
N LEU A 153 8.12 -7.07 4.53
CA LEU A 153 8.77 -7.10 5.84
C LEU A 153 10.20 -6.58 5.74
N HIS A 154 10.81 -6.76 4.58
CA HIS A 154 12.18 -6.29 4.35
C HIS A 154 12.22 -4.79 4.12
N ILE A 155 11.09 -4.24 3.68
CA ILE A 155 11.00 -2.81 3.41
C ILE A 155 11.48 -2.00 4.61
N PRO A 156 12.45 -1.10 4.37
CA PRO A 156 13.01 -0.23 5.41
C PRO A 156 12.03 0.81 5.90
N GLN A 157 12.30 1.39 7.06
CA GLN A 157 11.43 2.41 7.63
C GLN A 157 11.24 3.56 6.66
N GLN A 158 12.27 3.85 5.88
CA GLN A 158 12.21 4.93 4.90
C GLN A 158 11.03 4.75 3.96
N GLN A 159 10.96 3.59 3.31
CA GLN A 159 9.89 3.30 2.38
C GLN A 159 8.54 3.21 3.10
N GLN A 160 8.56 2.68 4.32
CA GLN A 160 7.35 2.55 5.11
C GLN A 160 6.67 3.90 5.30
N GLU A 161 7.41 4.87 5.83
CA GLU A 161 6.88 6.20 6.07
C GLU A 161 6.49 6.87 4.74
N GLU A 162 7.29 6.61 3.70
CA GLU A 162 7.03 7.19 2.39
C GLU A 162 5.60 6.91 1.94
N VAL A 163 5.24 5.63 1.88
CA VAL A 163 3.91 5.23 1.47
C VAL A 163 2.85 5.78 2.41
N GLN A 164 3.10 5.65 3.72
CA GLN A 164 2.17 6.13 4.73
C GLN A 164 1.80 7.59 4.46
N ARG A 165 2.80 8.46 4.42
CA ARG A 165 2.58 9.88 4.17
C ARG A 165 2.05 10.11 2.76
N LEU A 166 2.51 9.29 1.82
CA LEU A 166 2.09 9.42 0.43
C LEU A 166 0.57 9.37 0.31
N LEU A 167 -0.05 8.53 1.13
CA LEU A 167 -1.51 8.40 1.12
C LEU A 167 -2.18 9.76 1.27
N MET A 168 -1.62 10.60 2.12
CA MET A 168 -2.16 11.94 2.34
C MET A 168 -1.48 12.96 1.43
N MET A 169 -1.04 12.51 0.26
CA MET A 169 -0.37 13.39 -0.69
C MET A 169 -1.19 14.64 -0.94
N GLY A 170 -0.54 15.67 -1.46
CA GLY A 170 -1.24 16.92 -1.76
C GLY A 170 -2.51 16.71 -2.54
N GLU A 171 -2.58 15.61 -3.28
CA GLU A 171 -3.76 15.29 -4.07
C GLU A 171 -5.03 15.43 -3.25
N PRO A 172 -6.17 15.53 -3.94
CA PRO A 172 -7.48 15.67 -3.28
C PRO A 172 -7.91 14.40 -2.57
N ALA A 173 -8.97 14.51 -1.77
CA ALA A 173 -9.48 13.36 -1.03
C ALA A 173 -9.67 12.16 -1.94
N LYS A 174 -8.93 11.09 -1.68
CA LYS A 174 -9.02 9.88 -2.48
C LYS A 174 -10.19 9.01 -2.01
N GLY A 175 -10.38 7.88 -2.68
CA GLY A 175 -11.46 6.98 -2.32
C GLY A 175 -10.99 5.82 -1.46
N TRP A 176 -10.55 6.14 -0.25
CA TRP A 176 -10.06 5.11 0.68
C TRP A 176 -11.08 3.99 0.82
N GLN A 177 -12.34 4.35 0.98
CA GLN A 177 -13.41 3.36 1.12
C GLN A 177 -13.59 2.57 -0.17
N GLU A 178 -13.59 3.27 -1.30
CA GLU A 178 -13.77 2.64 -2.60
C GLU A 178 -12.71 1.56 -2.82
N LEU A 179 -11.48 1.86 -2.45
CA LEU A 179 -10.38 0.91 -2.61
C LEU A 179 -10.59 -0.33 -1.73
N ALA A 180 -10.86 -0.10 -0.45
CA ALA A 180 -11.10 -1.20 0.48
C ALA A 180 -12.19 -2.14 -0.03
N GLY A 181 -13.37 -1.58 -0.30
CA GLY A 181 -14.47 -2.37 -0.79
C GLY A 181 -14.11 -3.18 -2.03
N HIS A 182 -13.52 -2.50 -3.01
CA HIS A 182 -13.13 -3.16 -4.26
C HIS A 182 -12.18 -4.32 -3.97
N LEU A 183 -11.30 -4.14 -3.00
CA LEU A 183 -10.34 -5.18 -2.62
C LEU A 183 -11.05 -6.37 -2.00
N GLY A 184 -12.25 -6.14 -1.47
CA GLY A 184 -13.01 -7.20 -0.85
C GLY A 184 -13.17 -7.01 0.65
N TYR A 185 -13.07 -5.76 1.09
CA TYR A 185 -13.19 -5.45 2.51
C TYR A 185 -14.64 -5.10 2.87
N GLN A 186 -15.00 -5.33 4.12
CA GLN A 186 -16.36 -5.04 4.58
C GLN A 186 -16.40 -3.72 5.34
N ALA A 187 -17.59 -3.13 5.43
CA ALA A 187 -17.76 -1.86 6.13
C ALA A 187 -17.18 -1.94 7.53
N GLU A 188 -17.37 -3.07 8.19
CA GLU A 188 -16.86 -3.26 9.54
C GLU A 188 -15.33 -3.33 9.55
N ALA A 189 -14.78 -4.04 8.58
CA ALA A 189 -13.33 -4.19 8.46
C ALA A 189 -12.67 -2.86 8.12
N VAL A 190 -13.06 -2.29 6.99
CA VAL A 190 -12.50 -1.02 6.55
C VAL A 190 -12.58 0.03 7.64
N GLU A 191 -13.70 0.03 8.38
CA GLU A 191 -13.90 0.98 9.46
C GLU A 191 -12.97 0.69 10.63
N THR A 192 -12.68 -0.59 10.84
CA THR A 192 -11.80 -1.00 11.93
C THR A 192 -10.38 -0.54 11.68
N MET A 193 -9.77 -1.02 10.61
CA MET A 193 -8.41 -0.65 10.26
C MET A 193 -8.28 0.87 10.10
N ALA A 194 -9.35 1.50 9.64
CA ALA A 194 -9.36 2.94 9.45
C ALA A 194 -9.36 3.68 10.79
N CYS A 195 -10.10 3.13 11.75
CA CYS A 195 -10.19 3.74 13.08
C CYS A 195 -8.81 3.89 13.70
N ASP A 196 -7.87 3.05 13.27
CA ASP A 196 -6.51 3.09 13.79
C ASP A 196 -5.78 4.34 13.31
N GLN A 197 -4.61 4.58 13.88
CA GLN A 197 -3.81 5.75 13.51
C GLN A 197 -2.92 5.45 12.31
N MET A 198 -2.39 4.22 12.27
CA MET A 198 -1.53 3.80 11.17
C MET A 198 -2.22 2.78 10.29
N PRO A 199 -3.03 3.28 9.33
CA PRO A 199 -3.77 2.42 8.40
C PRO A 199 -2.85 1.72 7.40
N ALA A 200 -1.72 2.36 7.11
CA ALA A 200 -0.75 1.79 6.16
C ALA A 200 -0.33 0.39 6.58
N TYR A 201 0.24 0.28 7.78
CA TYR A 201 0.69 -1.00 8.30
C TYR A 201 -0.48 -1.85 8.74
N THR A 202 -1.46 -1.21 9.38
CA THR A 202 -2.64 -1.92 9.86
C THR A 202 -3.35 -2.65 8.72
N LEU A 203 -3.57 -1.95 7.62
CA LEU A 203 -4.23 -2.53 6.46
C LEU A 203 -3.34 -3.56 5.78
N LEU A 204 -2.05 -3.25 5.69
CA LEU A 204 -1.09 -4.16 5.07
C LEU A 204 -0.99 -5.46 5.83
N ARG A 205 -0.58 -5.38 7.10
CA ARG A 205 -0.46 -6.56 7.94
C ARG A 205 -1.76 -7.35 7.99
N ASN A 206 -2.88 -6.63 7.97
CA ASN A 206 -4.20 -7.26 8.00
C ASN A 206 -4.50 -7.96 6.68
N TRP A 207 -4.13 -7.32 5.58
CA TRP A 207 -4.36 -7.88 4.25
C TRP A 207 -3.57 -9.17 4.06
N ALA A 208 -2.26 -9.10 4.29
CA ALA A 208 -1.39 -10.27 4.14
C ALA A 208 -1.77 -11.36 5.13
N ALA A 209 -2.25 -10.95 6.30
CA ALA A 209 -2.66 -11.89 7.34
C ALA A 209 -3.95 -12.61 6.95
N GLN A 210 -5.01 -11.85 6.76
CA GLN A 210 -6.30 -12.41 6.39
C GLN A 210 -6.18 -13.30 5.15
N GLU A 211 -5.50 -12.79 4.13
CA GLU A 211 -5.31 -13.53 2.89
C GLU A 211 -4.38 -14.73 3.11
N GLY A 212 -3.25 -14.48 3.77
CA GLY A 212 -2.30 -15.54 4.04
C GLY A 212 -1.88 -16.27 2.78
N ASN A 213 -1.98 -15.59 1.65
CA ASN A 213 -1.62 -16.18 0.36
C ASN A 213 -0.28 -15.62 -0.14
N ARG A 214 0.02 -15.86 -1.40
CA ARG A 214 1.26 -15.38 -2.00
C ARG A 214 1.07 -13.98 -2.59
N ALA A 215 -0.04 -13.34 -2.24
CA ALA A 215 -0.34 -12.01 -2.74
C ALA A 215 0.84 -11.07 -2.52
N THR A 216 1.46 -10.64 -3.62
CA THR A 216 2.60 -9.74 -3.56
C THR A 216 2.20 -8.32 -3.94
N LEU A 217 3.15 -7.39 -3.81
CA LEU A 217 2.90 -5.99 -4.15
C LEU A 217 2.29 -5.87 -5.55
N ARG A 218 2.60 -6.84 -6.41
CA ARG A 218 2.08 -6.84 -7.77
C ARG A 218 0.57 -6.65 -7.78
N VAL A 219 -0.11 -7.27 -6.83
CA VAL A 219 -1.56 -7.18 -6.73
C VAL A 219 -1.99 -5.75 -6.40
N LEU A 220 -1.14 -5.04 -5.67
CA LEU A 220 -1.44 -3.66 -5.29
C LEU A 220 -1.12 -2.70 -6.42
N GLU A 221 0.01 -2.92 -7.09
CA GLU A 221 0.43 -2.08 -8.20
C GLU A 221 -0.61 -2.08 -9.31
N ASP A 222 -1.12 -3.27 -9.62
CA ASP A 222 -2.13 -3.42 -10.67
C ASP A 222 -3.48 -2.91 -10.20
N ALA A 223 -3.91 -3.40 -9.04
CA ALA A 223 -5.21 -2.99 -8.48
C ALA A 223 -5.28 -1.48 -8.31
N LEU A 224 -4.14 -0.87 -7.98
CA LEU A 224 -4.07 0.58 -7.79
C LEU A 224 -3.94 1.30 -9.13
N ALA A 225 -3.05 0.80 -9.97
CA ALA A 225 -2.84 1.39 -11.29
C ALA A 225 -4.16 1.56 -12.04
N ALA A 226 -5.08 0.65 -11.81
CA ALA A 226 -6.39 0.69 -12.46
C ALA A 226 -7.09 2.02 -12.19
N ILE A 227 -6.83 2.58 -11.01
CA ILE A 227 -7.44 3.85 -10.63
C ILE A 227 -6.74 5.02 -11.31
N GLY A 228 -5.54 4.78 -11.82
CA GLY A 228 -4.79 5.82 -12.50
C GLY A 228 -3.90 6.60 -11.55
N ARG A 229 -3.35 5.91 -10.56
CA ARG A 229 -2.47 6.54 -9.58
C ARG A 229 -1.03 6.57 -10.08
N GLU A 230 -0.67 7.63 -10.79
CA GLU A 230 0.68 7.77 -11.33
C GLU A 230 1.62 8.35 -10.29
N ASP A 231 1.08 9.22 -9.43
CA ASP A 231 1.87 9.86 -8.38
C ASP A 231 2.66 8.82 -7.59
N VAL A 232 1.95 7.85 -7.02
CA VAL A 232 2.58 6.80 -6.24
C VAL A 232 3.58 6.01 -7.07
N VAL A 233 3.26 5.83 -8.35
CA VAL A 233 4.12 5.09 -9.26
C VAL A 233 5.44 5.83 -9.48
N GLN A 234 5.35 7.14 -9.70
CA GLN A 234 6.52 7.96 -9.91
C GLN A 234 7.43 7.95 -8.69
N VAL A 235 6.84 7.97 -7.52
CA VAL A 235 7.59 7.97 -6.27
C VAL A 235 8.22 6.60 -6.02
N LEU A 236 7.40 5.56 -6.09
CA LEU A 236 7.88 4.19 -5.86
C LEU A 236 8.94 3.81 -6.90
N SER A 237 8.85 4.42 -8.08
CA SER A 237 9.81 4.15 -9.14
C SER A 237 11.00 5.09 -9.07
N SER A 238 11.56 5.24 -7.87
CA SER A 238 12.70 6.11 -7.65
C SER A 238 13.98 5.47 -8.18
N PRO A 239 15.01 6.31 -8.41
CA PRO A 239 16.31 5.85 -8.91
C PRO A 239 17.08 5.04 -7.88
N ALA A 240 17.27 3.76 -8.16
CA ALA A 240 17.99 2.88 -7.25
C ALA A 240 19.49 2.98 -7.46
N GLU A 241 20.05 4.16 -7.14
CA GLU A 241 21.48 4.39 -7.30
C GLU A 241 22.26 3.81 -6.12
N SER A 242 22.67 2.56 -6.24
CA SER A 242 23.42 1.89 -5.18
C SER A 242 24.79 2.55 -4.99
N SER A 243 25.29 2.48 -3.76
CA SER A 243 26.60 3.06 -3.44
C SER A 243 27.71 2.03 -3.58
N SER A 244 27.42 0.80 -3.16
CA SER A 244 28.39 -0.28 -3.23
C SER A 244 28.95 -0.42 -4.64
N VAL A 245 30.12 -1.04 -4.75
CA VAL A 245 30.76 -1.24 -6.04
C VAL A 245 31.22 -2.68 -6.21
N VAL A 246 31.22 -3.16 -7.46
CA VAL A 246 31.64 -4.53 -7.76
C VAL A 246 33.01 -4.83 -7.15
N PRO A 145 11.62 -7.12 19.42
CA PRO A 145 10.41 -7.73 18.88
C PRO A 145 10.58 -9.22 18.61
N ASP A 146 9.61 -9.81 17.92
CA ASP A 146 9.65 -11.22 17.60
C ASP A 146 10.31 -11.46 16.24
N LEU A 147 11.04 -10.45 15.77
CA LEU A 147 11.73 -10.55 14.48
C LEU A 147 12.74 -11.68 14.48
N GLY A 148 13.34 -11.94 13.32
CA GLY A 148 14.32 -13.00 13.22
C GLY A 148 15.44 -12.66 12.25
N CYS A 149 15.14 -12.73 10.96
CA CYS A 149 16.13 -12.43 9.92
C CYS A 149 15.45 -11.96 8.64
N GLN A 150 14.74 -12.88 7.99
CA GLN A 150 14.05 -12.57 6.74
C GLN A 150 12.59 -12.21 7.01
N LEU A 151 12.28 -10.92 6.94
CA LEU A 151 10.92 -10.44 7.18
C LEU A 151 10.60 -9.25 6.28
N TYR A 152 9.42 -9.29 5.65
CA TYR A 152 9.00 -8.22 4.77
C TYR A 152 8.56 -6.99 5.57
N LEU A 153 8.22 -7.21 6.84
CA LEU A 153 7.79 -6.13 7.71
C LEU A 153 8.98 -5.37 8.29
N HIS A 154 10.18 -5.77 7.88
CA HIS A 154 11.40 -5.14 8.36
C HIS A 154 11.81 -3.99 7.45
N ILE A 155 10.83 -3.43 6.72
CA ILE A 155 11.09 -2.32 5.82
C ILE A 155 11.84 -1.20 6.53
N PRO A 156 12.84 -0.63 5.83
CA PRO A 156 13.65 0.47 6.37
C PRO A 156 12.86 1.77 6.51
N GLN A 157 13.29 2.62 7.44
CA GLN A 157 12.61 3.89 7.66
C GLN A 157 12.45 4.66 6.35
N GLN A 158 13.45 4.56 5.48
CA GLN A 158 13.42 5.24 4.20
C GLN A 158 12.10 4.96 3.47
N GLN A 159 11.81 3.68 3.25
CA GLN A 159 10.59 3.29 2.55
C GLN A 159 9.36 3.53 3.43
N GLN A 160 9.49 3.20 4.71
CA GLN A 160 8.40 3.38 5.66
C GLN A 160 7.88 4.81 5.62
N GLU A 161 8.80 5.77 5.54
CA GLU A 161 8.43 7.18 5.50
C GLU A 161 7.80 7.55 4.17
N GLU A 162 8.49 7.23 3.08
CA GLU A 162 8.00 7.52 1.74
C GLU A 162 6.58 6.98 1.56
N VAL A 163 6.43 5.67 1.69
CA VAL A 163 5.14 5.02 1.53
C VAL A 163 4.09 5.68 2.44
N GLN A 164 4.38 5.71 3.74
CA GLN A 164 3.46 6.30 4.70
C GLN A 164 3.04 7.70 4.27
N ARG A 165 4.01 8.49 3.81
CA ARG A 165 3.74 9.86 3.36
C ARG A 165 2.72 9.86 2.22
N LEU A 166 2.81 8.84 1.36
CA LEU A 166 1.89 8.74 0.22
C LEU A 166 0.53 8.21 0.67
N LEU A 167 0.53 7.05 1.33
CA LEU A 167 -0.70 6.45 1.81
C LEU A 167 -1.48 7.42 2.69
N MET A 168 -0.75 8.19 3.50
CA MET A 168 -1.37 9.15 4.40
C MET A 168 -1.13 10.58 3.90
N MET A 169 -1.00 10.73 2.59
CA MET A 169 -0.77 12.04 1.99
C MET A 169 -1.85 13.03 2.42
N GLY A 170 -1.53 14.32 2.31
CA GLY A 170 -2.48 15.34 2.69
C GLY A 170 -3.76 15.29 1.88
N GLU A 171 -3.66 15.64 0.59
CA GLU A 171 -4.82 15.64 -0.28
C GLU A 171 -5.41 14.22 -0.40
N PRO A 172 -6.68 14.08 0.01
CA PRO A 172 -7.38 12.79 -0.03
C PRO A 172 -7.68 12.34 -1.46
N ALA A 173 -7.15 11.18 -1.83
CA ALA A 173 -7.36 10.64 -3.17
C ALA A 173 -8.75 10.01 -3.30
N LYS A 174 -9.22 9.89 -4.53
CA LYS A 174 -10.54 9.31 -4.79
C LYS A 174 -10.47 7.78 -4.78
N GLY A 175 -9.28 7.25 -5.10
CA GLY A 175 -9.11 5.81 -5.12
C GLY A 175 -9.22 5.19 -3.74
N TRP A 176 -9.03 6.00 -2.71
CA TRP A 176 -9.11 5.53 -1.33
C TRP A 176 -10.39 4.73 -1.10
N GLN A 177 -11.53 5.38 -1.30
CA GLN A 177 -12.82 4.73 -1.12
C GLN A 177 -12.97 3.53 -2.06
N GLU A 178 -12.41 3.67 -3.26
CA GLU A 178 -12.48 2.60 -4.26
C GLU A 178 -11.79 1.34 -3.76
N LEU A 179 -10.59 1.51 -3.22
CA LEU A 179 -9.82 0.38 -2.70
C LEU A 179 -10.54 -0.28 -1.53
N ALA A 180 -10.88 0.52 -0.53
CA ALA A 180 -11.58 0.01 0.66
C ALA A 180 -12.81 -0.78 0.25
N GLY A 181 -13.68 -0.16 -0.51
CA GLY A 181 -14.90 -0.83 -0.95
C GLY A 181 -14.62 -2.05 -1.81
N HIS A 182 -13.76 -1.89 -2.81
CA HIS A 182 -13.41 -2.98 -3.70
C HIS A 182 -12.87 -4.16 -2.92
N LEU A 183 -12.13 -3.88 -1.85
CA LEU A 183 -11.55 -4.91 -1.01
C LEU A 183 -12.65 -5.69 -0.27
N GLY A 184 -13.80 -5.07 -0.12
CA GLY A 184 -14.91 -5.71 0.57
C GLY A 184 -15.27 -5.01 1.87
N TYR A 185 -14.77 -3.80 2.05
CA TYR A 185 -15.04 -3.03 3.25
C TYR A 185 -16.25 -2.12 3.07
N GLN A 186 -17.15 -2.15 4.04
CA GLN A 186 -18.36 -1.33 3.98
C GLN A 186 -18.10 0.08 4.49
N ALA A 187 -19.09 0.95 4.35
CA ALA A 187 -18.96 2.33 4.79
C ALA A 187 -18.71 2.41 6.30
N GLU A 188 -19.58 1.75 7.07
CA GLU A 188 -19.45 1.75 8.52
C GLU A 188 -18.19 1.02 8.96
N ALA A 189 -17.81 0.00 8.19
CA ALA A 189 -16.61 -0.78 8.49
C ALA A 189 -15.35 0.04 8.25
N VAL A 190 -15.15 0.48 7.01
CA VAL A 190 -13.98 1.26 6.66
C VAL A 190 -13.86 2.50 7.53
N GLU A 191 -15.01 3.01 8.00
CA GLU A 191 -15.04 4.19 8.85
C GLU A 191 -14.65 3.83 10.28
N THR A 192 -15.30 2.80 10.82
CA THR A 192 -15.02 2.36 12.18
C THR A 192 -13.56 1.99 12.36
N MET A 193 -12.99 1.33 11.37
CA MET A 193 -11.59 0.93 11.41
C MET A 193 -10.67 2.12 11.19
N ALA A 194 -11.04 2.98 10.25
CA ALA A 194 -10.24 4.17 9.94
C ALA A 194 -10.08 5.05 11.16
N CYS A 195 -11.07 5.00 12.06
CA CYS A 195 -11.04 5.79 13.28
C CYS A 195 -9.77 5.52 14.08
N ASP A 196 -9.73 4.36 14.73
CA ASP A 196 -8.57 3.98 15.53
C ASP A 196 -7.78 2.86 14.86
N GLN A 197 -7.50 3.05 13.57
CA GLN A 197 -6.75 2.05 12.81
C GLN A 197 -6.57 2.49 11.36
N MET A 198 -5.43 3.11 11.08
CA MET A 198 -5.13 3.59 9.73
C MET A 198 -5.40 2.49 8.70
N PRO A 199 -5.69 2.91 7.46
CA PRO A 199 -5.97 1.99 6.35
C PRO A 199 -4.73 1.22 5.91
N ALA A 200 -3.61 1.93 5.78
CA ALA A 200 -2.36 1.30 5.37
C ALA A 200 -2.03 0.10 6.25
N TYR A 201 -2.11 0.29 7.55
CA TYR A 201 -1.81 -0.79 8.50
C TYR A 201 -2.92 -1.83 8.51
N THR A 202 -4.15 -1.37 8.70
CA THR A 202 -5.30 -2.26 8.72
C THR A 202 -5.32 -3.18 7.50
N LEU A 203 -4.94 -2.62 6.35
CA LEU A 203 -4.90 -3.39 5.11
C LEU A 203 -3.81 -4.46 5.15
N LEU A 204 -2.57 -4.01 5.35
CA LEU A 204 -1.43 -4.92 5.41
C LEU A 204 -1.67 -6.02 6.44
N ARG A 205 -2.02 -5.61 7.66
CA ARG A 205 -2.29 -6.56 8.74
C ARG A 205 -3.25 -7.65 8.29
N ASN A 206 -4.45 -7.24 7.86
CA ASN A 206 -5.45 -8.19 7.41
C ASN A 206 -4.94 -9.01 6.22
N TRP A 207 -4.14 -8.38 5.37
CA TRP A 207 -3.57 -9.05 4.21
C TRP A 207 -2.69 -10.22 4.63
N ALA A 208 -1.61 -9.92 5.34
CA ALA A 208 -0.69 -10.95 5.80
C ALA A 208 -1.37 -11.91 6.77
N ALA A 209 -2.31 -11.38 7.55
CA ALA A 209 -3.04 -12.20 8.51
C ALA A 209 -3.82 -13.31 7.81
N GLN A 210 -4.33 -13.01 6.62
CA GLN A 210 -5.09 -13.98 5.85
C GLN A 210 -4.17 -14.98 5.16
N GLU A 211 -3.19 -14.46 4.43
CA GLU A 211 -2.24 -15.30 3.72
C GLU A 211 -0.84 -15.21 4.35
N GLY A 212 -0.29 -13.99 4.34
CA GLY A 212 1.04 -13.79 4.91
C GLY A 212 2.07 -14.74 4.33
N ASN A 213 1.79 -15.25 3.14
CA ASN A 213 2.71 -16.17 2.47
C ASN A 213 3.45 -15.48 1.33
N ARG A 214 2.76 -15.28 0.22
CA ARG A 214 3.35 -14.63 -0.95
C ARG A 214 2.84 -13.19 -1.08
N ALA A 215 2.23 -12.69 -0.02
CA ALA A 215 1.70 -11.33 -0.03
C ALA A 215 2.82 -10.31 -0.22
N THR A 216 3.05 -9.93 -1.47
CA THR A 216 4.10 -8.96 -1.80
C THR A 216 3.50 -7.72 -2.45
N LEU A 217 4.23 -6.62 -2.36
CA LEU A 217 3.78 -5.36 -2.95
C LEU A 217 3.31 -5.56 -4.39
N ARG A 218 3.90 -6.54 -5.06
CA ARG A 218 3.55 -6.84 -6.44
C ARG A 218 2.04 -6.94 -6.60
N VAL A 219 1.39 -7.68 -5.70
CA VAL A 219 -0.05 -7.86 -5.74
C VAL A 219 -0.77 -6.54 -5.49
N LEU A 220 -0.14 -5.65 -4.72
CA LEU A 220 -0.72 -4.36 -4.40
C LEU A 220 -0.55 -3.38 -5.57
N GLU A 221 0.57 -3.49 -6.27
CA GLU A 221 0.85 -2.63 -7.41
C GLU A 221 -0.11 -2.91 -8.55
N ASP A 222 -0.38 -4.19 -8.79
CA ASP A 222 -1.29 -4.59 -9.86
C ASP A 222 -2.73 -4.28 -9.50
N ALA A 223 -3.19 -4.84 -8.38
CA ALA A 223 -4.55 -4.60 -7.93
C ALA A 223 -4.88 -3.12 -7.87
N LEU A 224 -3.88 -2.31 -7.52
CA LEU A 224 -4.06 -0.87 -7.43
C LEU A 224 -3.92 -0.21 -8.80
N ALA A 225 -3.00 -0.76 -9.61
CA ALA A 225 -2.78 -0.23 -10.94
C ALA A 225 -4.06 -0.20 -11.76
N ALA A 226 -4.83 -1.28 -11.69
CA ALA A 226 -6.09 -1.38 -12.43
C ALA A 226 -7.03 -0.25 -12.04
N ILE A 227 -6.84 0.31 -10.85
CA ILE A 227 -7.67 1.40 -10.36
C ILE A 227 -7.26 2.72 -11.00
N GLY A 228 -6.07 2.76 -11.58
CA GLY A 228 -5.59 3.97 -12.21
C GLY A 228 -4.71 4.81 -11.29
N ARG A 229 -3.86 4.13 -10.52
CA ARG A 229 -2.97 4.82 -9.58
C ARG A 229 -1.86 5.55 -10.34
N GLU A 230 -2.22 6.63 -11.01
CA GLU A 230 -1.25 7.42 -11.77
C GLU A 230 -0.55 8.44 -10.87
N ASP A 231 -1.27 8.93 -9.86
CA ASP A 231 -0.73 9.91 -8.93
C ASP A 231 0.44 9.33 -8.16
N VAL A 232 0.19 8.23 -7.46
CA VAL A 232 1.23 7.57 -6.66
C VAL A 232 2.47 7.29 -7.51
N VAL A 233 2.26 7.03 -8.80
CA VAL A 233 3.36 6.75 -9.71
C VAL A 233 4.22 8.00 -9.93
N GLN A 234 3.55 9.13 -10.16
CA GLN A 234 4.25 10.38 -10.38
C GLN A 234 5.06 10.80 -9.15
N VAL A 235 4.54 10.47 -7.98
CA VAL A 235 5.20 10.79 -6.73
C VAL A 235 6.39 9.88 -6.48
N LEU A 236 6.14 8.58 -6.53
CA LEU A 236 7.20 7.59 -6.31
C LEU A 236 8.29 7.70 -7.38
N SER A 237 7.88 8.02 -8.60
CA SER A 237 8.82 8.16 -9.71
C SER A 237 9.54 9.51 -9.64
N SER A 238 8.86 10.51 -9.09
CA SER A 238 9.43 11.85 -8.96
C SER A 238 10.82 11.79 -8.34
N PRO A 239 11.61 12.85 -8.55
CA PRO A 239 12.97 12.95 -8.01
C PRO A 239 12.99 13.10 -6.49
N ALA A 240 13.81 12.28 -5.84
CA ALA A 240 13.93 12.32 -4.39
C ALA A 240 15.17 11.58 -3.91
N GLU A 241 15.50 11.74 -2.64
CA GLU A 241 16.67 11.09 -2.06
C GLU A 241 17.90 11.32 -2.93
N SER A 242 18.18 12.59 -3.23
CA SER A 242 19.33 12.95 -4.05
C SER A 242 20.49 13.40 -3.18
N SER A 243 20.69 12.71 -2.06
CA SER A 243 21.78 13.04 -1.14
C SER A 243 21.73 14.51 -0.75
N SER A 244 20.52 15.05 -0.62
CA SER A 244 20.34 16.45 -0.27
C SER A 244 20.87 16.73 1.14
N VAL A 245 20.55 15.83 2.07
CA VAL A 245 20.99 15.97 3.45
C VAL A 245 21.79 14.76 3.90
N VAL A 246 23.11 14.91 3.98
CA VAL A 246 23.98 13.83 4.39
C VAL A 246 24.02 13.71 5.92
N PRO A 145 21.92 -16.98 16.33
CA PRO A 145 21.32 -15.98 15.46
C PRO A 145 20.29 -16.57 14.51
N ASP A 146 19.01 -16.33 14.80
CA ASP A 146 17.92 -16.84 13.99
C ASP A 146 16.86 -15.77 13.76
N LEU A 147 16.34 -15.70 12.54
CA LEU A 147 15.32 -14.73 12.19
C LEU A 147 13.96 -15.39 11.99
N GLY A 148 12.95 -14.60 11.67
CA GLY A 148 11.62 -15.14 11.45
C GLY A 148 11.24 -15.19 9.98
N CYS A 149 12.23 -15.43 9.12
CA CYS A 149 11.99 -15.49 7.69
C CYS A 149 11.25 -14.26 7.20
N GLN A 150 11.59 -13.11 7.77
CA GLN A 150 10.95 -11.86 7.39
C GLN A 150 11.77 -11.12 6.33
N LEU A 151 11.30 -11.16 5.09
CA LEU A 151 12.00 -10.50 3.99
C LEU A 151 11.05 -9.59 3.23
N TYR A 152 9.84 -10.08 2.99
CA TYR A 152 8.83 -9.30 2.26
C TYR A 152 8.27 -8.17 3.14
N LEU A 153 8.01 -8.49 4.39
CA LEU A 153 7.48 -7.51 5.34
C LEU A 153 8.60 -6.75 6.03
N HIS A 154 9.84 -7.03 5.63
CA HIS A 154 11.00 -6.37 6.21
C HIS A 154 11.43 -5.17 5.37
N ILE A 155 10.49 -4.63 4.60
CA ILE A 155 10.76 -3.48 3.75
C ILE A 155 11.42 -2.36 4.54
N PRO A 156 12.17 -1.49 3.83
CA PRO A 156 12.86 -0.36 4.45
C PRO A 156 11.89 0.72 4.95
N GLN A 157 12.11 1.20 6.16
CA GLN A 157 11.26 2.23 6.75
C GLN A 157 11.12 3.41 5.81
N GLN A 158 12.19 3.72 5.07
CA GLN A 158 12.18 4.83 4.14
C GLN A 158 10.99 4.74 3.20
N GLN A 159 10.88 3.63 2.50
CA GLN A 159 9.77 3.42 1.56
C GLN A 159 8.44 3.34 2.30
N GLN A 160 8.44 2.66 3.44
CA GLN A 160 7.24 2.50 4.24
C GLN A 160 6.63 3.86 4.58
N GLU A 161 7.45 4.75 5.13
CA GLU A 161 7.00 6.08 5.50
C GLU A 161 6.53 6.87 4.27
N GLU A 162 7.26 6.70 3.17
CA GLU A 162 6.92 7.39 1.93
C GLU A 162 5.53 6.99 1.45
N VAL A 163 5.21 5.70 1.57
CA VAL A 163 3.90 5.20 1.14
C VAL A 163 2.81 5.62 2.12
N GLN A 164 3.15 5.66 3.41
CA GLN A 164 2.20 6.05 4.43
C GLN A 164 1.84 7.53 4.33
N ARG A 165 2.87 8.36 4.11
CA ARG A 165 2.67 9.80 3.99
C ARG A 165 1.97 10.14 2.68
N LEU A 166 2.26 9.39 1.64
CA LEU A 166 1.66 9.61 0.33
C LEU A 166 0.14 9.41 0.38
N LEU A 167 -0.27 8.23 0.85
CA LEU A 167 -1.69 7.92 0.96
C LEU A 167 -2.42 8.97 1.78
N MET A 168 -1.77 9.46 2.83
CA MET A 168 -2.35 10.48 3.69
C MET A 168 -1.90 11.87 3.27
N MET A 169 -1.62 12.04 1.98
CA MET A 169 -1.19 13.33 1.46
C MET A 169 -2.15 14.43 1.85
N GLY A 170 -1.65 15.67 1.89
CA GLY A 170 -2.49 16.80 2.26
C GLY A 170 -3.75 16.89 1.42
N GLU A 171 -3.63 16.55 0.13
CA GLU A 171 -4.77 16.60 -0.76
C GLU A 171 -5.93 15.76 -0.22
N PRO A 172 -7.15 16.31 -0.34
CA PRO A 172 -8.37 15.64 0.14
C PRO A 172 -8.72 14.43 -0.71
N ALA A 173 -8.80 13.26 -0.08
CA ALA A 173 -9.14 12.03 -0.77
C ALA A 173 -10.65 11.80 -0.77
N LYS A 174 -11.13 11.09 -1.79
CA LYS A 174 -12.55 10.79 -1.90
C LYS A 174 -12.99 9.80 -0.83
N GLY A 175 -14.27 9.44 -0.85
CA GLY A 175 -14.79 8.50 0.13
C GLY A 175 -13.98 7.22 0.19
N TRP A 176 -13.42 6.94 1.36
CA TRP A 176 -12.60 5.74 1.54
C TRP A 176 -13.39 4.49 1.16
N GLN A 177 -14.70 4.53 1.40
CA GLN A 177 -15.56 3.40 1.08
C GLN A 177 -15.35 2.93 -0.36
N GLU A 178 -15.09 3.89 -1.25
CA GLU A 178 -14.87 3.59 -2.66
C GLU A 178 -13.69 2.63 -2.82
N LEU A 179 -12.56 2.99 -2.24
CA LEU A 179 -11.36 2.16 -2.33
C LEU A 179 -11.60 0.79 -1.72
N ALA A 180 -12.16 0.77 -0.51
CA ALA A 180 -12.45 -0.48 0.18
C ALA A 180 -13.26 -1.42 -0.71
N GLY A 181 -14.30 -0.88 -1.34
CA GLY A 181 -15.15 -1.68 -2.20
C GLY A 181 -14.42 -2.14 -3.45
N HIS A 182 -13.73 -1.22 -4.10
CA HIS A 182 -12.98 -1.54 -5.32
C HIS A 182 -12.03 -2.71 -5.08
N LEU A 183 -11.38 -2.72 -3.93
CA LEU A 183 -10.44 -3.78 -3.59
C LEU A 183 -11.19 -5.09 -3.33
N GLY A 184 -12.47 -5.00 -3.01
CA GLY A 184 -13.26 -6.18 -2.75
C GLY A 184 -13.40 -6.48 -1.28
N TYR A 185 -13.39 -5.43 -0.46
CA TYR A 185 -13.51 -5.58 0.98
C TYR A 185 -14.96 -5.48 1.41
N GLN A 186 -15.28 -6.11 2.55
CA GLN A 186 -16.64 -6.09 3.07
C GLN A 186 -16.82 -4.97 4.10
N ALA A 187 -18.07 -4.56 4.30
CA ALA A 187 -18.37 -3.50 5.25
C ALA A 187 -17.77 -3.79 6.62
N GLU A 188 -17.82 -5.06 7.02
CA GLU A 188 -17.28 -5.48 8.30
C GLU A 188 -15.76 -5.30 8.35
N ALA A 189 -15.11 -5.61 7.23
CA ALA A 189 -13.66 -5.48 7.14
C ALA A 189 -13.23 -4.02 7.19
N VAL A 190 -13.73 -3.23 6.23
CA VAL A 190 -13.40 -1.81 6.16
C VAL A 190 -13.64 -1.13 7.50
N GLU A 191 -14.69 -1.55 8.20
CA GLU A 191 -15.03 -0.98 9.49
C GLU A 191 -14.02 -1.42 10.56
N THR A 192 -13.56 -2.66 10.44
CA THR A 192 -12.60 -3.21 11.40
C THR A 192 -11.28 -2.45 11.36
N MET A 193 -10.84 -2.12 10.14
CA MET A 193 -9.60 -1.38 9.95
C MET A 193 -9.80 0.11 10.16
N ALA A 194 -10.97 0.60 9.75
CA ALA A 194 -11.29 2.02 9.88
C ALA A 194 -11.27 2.44 11.34
N CYS A 195 -11.82 1.60 12.21
CA CYS A 195 -11.87 1.90 13.64
C CYS A 195 -10.48 2.17 14.18
N ASP A 196 -9.49 1.44 13.66
CA ASP A 196 -8.11 1.60 14.11
C ASP A 196 -7.52 2.91 13.56
N GLN A 197 -6.77 3.61 14.41
CA GLN A 197 -6.14 4.86 14.02
C GLN A 197 -5.24 4.66 12.81
N MET A 198 -4.61 3.49 12.73
CA MET A 198 -3.71 3.17 11.62
C MET A 198 -4.30 2.08 10.74
N PRO A 199 -5.26 2.46 9.88
CA PRO A 199 -5.92 1.53 8.97
C PRO A 199 -5.00 1.05 7.86
N ALA A 200 -4.09 1.92 7.42
CA ALA A 200 -3.14 1.58 6.37
C ALA A 200 -2.23 0.43 6.81
N TYR A 201 -1.62 0.58 7.98
CA TYR A 201 -0.73 -0.44 8.50
C TYR A 201 -1.50 -1.68 8.94
N THR A 202 -2.64 -1.45 9.61
CA THR A 202 -3.47 -2.54 10.09
C THR A 202 -4.01 -3.38 8.92
N LEU A 203 -4.30 -2.71 7.82
CA LEU A 203 -4.82 -3.38 6.63
C LEU A 203 -3.76 -4.27 5.99
N LEU A 204 -2.61 -3.67 5.68
CA LEU A 204 -1.50 -4.40 5.07
C LEU A 204 -0.97 -5.47 6.01
N ARG A 205 -0.98 -5.17 7.31
CA ARG A 205 -0.50 -6.12 8.30
C ARG A 205 -1.36 -7.39 8.32
N ASN A 206 -2.65 -7.21 8.51
CA ASN A 206 -3.59 -8.33 8.55
C ASN A 206 -3.52 -9.12 7.24
N TRP A 207 -3.41 -8.41 6.13
CA TRP A 207 -3.35 -9.04 4.82
C TRP A 207 -2.21 -10.06 4.76
N ALA A 208 -0.98 -9.58 4.92
CA ALA A 208 0.19 -10.44 4.89
C ALA A 208 0.16 -11.46 6.04
N ALA A 209 -0.39 -11.03 7.18
CA ALA A 209 -0.48 -11.90 8.34
C ALA A 209 -1.43 -13.07 8.09
N GLN A 210 -2.43 -12.84 7.24
CA GLN A 210 -3.40 -13.87 6.91
C GLN A 210 -2.83 -14.86 5.90
N GLU A 211 -2.29 -14.33 4.80
CA GLU A 211 -1.72 -15.16 3.76
C GLU A 211 -0.19 -15.02 3.73
N GLY A 212 0.27 -13.81 3.45
CA GLY A 212 1.70 -13.55 3.40
C GLY A 212 2.42 -14.55 2.52
N ASN A 213 1.76 -15.03 1.49
CA ASN A 213 2.36 -16.00 0.57
C ASN A 213 2.78 -15.33 -0.73
N ARG A 214 1.80 -15.01 -1.58
CA ARG A 214 2.08 -14.36 -2.86
C ARG A 214 1.67 -12.89 -2.82
N ALA A 215 0.65 -12.59 -2.02
CA ALA A 215 0.17 -11.22 -1.91
C ALA A 215 1.30 -10.25 -1.56
N THR A 216 1.77 -9.53 -2.57
CA THR A 216 2.86 -8.58 -2.38
C THR A 216 2.41 -7.16 -2.72
N LEU A 217 3.32 -6.20 -2.56
CA LEU A 217 3.01 -4.80 -2.85
C LEU A 217 2.39 -4.65 -4.24
N ARG A 218 2.75 -5.56 -5.13
CA ARG A 218 2.22 -5.52 -6.50
C ARG A 218 0.70 -5.42 -6.49
N VAL A 219 0.07 -6.15 -5.59
CA VAL A 219 -1.38 -6.15 -5.48
C VAL A 219 -1.92 -4.73 -5.26
N LEU A 220 -1.11 -3.91 -4.59
CA LEU A 220 -1.49 -2.53 -4.30
C LEU A 220 -1.27 -1.64 -5.51
N GLU A 221 -0.07 -1.70 -6.07
CA GLU A 221 0.26 -0.88 -7.24
C GLU A 221 -0.75 -1.10 -8.35
N ASP A 222 -1.15 -2.34 -8.56
CA ASP A 222 -2.12 -2.68 -9.60
C ASP A 222 -3.52 -2.20 -9.20
N ALA A 223 -3.99 -2.64 -8.05
CA ALA A 223 -5.31 -2.25 -7.55
C ALA A 223 -5.48 -0.73 -7.58
N LEU A 224 -4.41 -0.02 -7.27
CA LEU A 224 -4.43 1.44 -7.26
C LEU A 224 -4.32 2.00 -8.67
N ALA A 225 -3.46 1.38 -9.48
CA ALA A 225 -3.27 1.82 -10.86
C ALA A 225 -4.58 1.83 -11.62
N ALA A 226 -5.47 0.90 -11.30
CA ALA A 226 -6.77 0.81 -11.95
C ALA A 226 -7.53 2.13 -11.83
N ILE A 227 -7.30 2.85 -10.74
CA ILE A 227 -7.96 4.12 -10.50
C ILE A 227 -7.34 5.23 -11.33
N GLY A 228 -6.12 4.99 -11.83
CA GLY A 228 -5.44 5.97 -12.63
C GLY A 228 -4.43 6.79 -11.84
N ARG A 229 -3.77 6.14 -10.90
CA ARG A 229 -2.78 6.80 -10.05
C ARG A 229 -1.36 6.42 -10.47
N GLU A 230 -0.88 7.04 -11.55
CA GLU A 230 0.46 6.76 -12.04
C GLU A 230 1.51 7.53 -11.25
N ASP A 231 1.12 8.69 -10.73
CA ASP A 231 2.02 9.51 -9.95
C ASP A 231 2.75 8.69 -8.89
N VAL A 232 1.97 8.05 -8.02
CA VAL A 232 2.53 7.22 -6.96
C VAL A 232 3.49 6.17 -7.53
N VAL A 233 3.07 5.51 -8.59
CA VAL A 233 3.89 4.49 -9.24
C VAL A 233 5.28 5.02 -9.55
N GLN A 234 5.35 6.28 -9.99
CA GLN A 234 6.63 6.89 -10.32
C GLN A 234 7.33 7.39 -9.06
N VAL A 235 6.54 7.74 -8.04
CA VAL A 235 7.10 8.22 -6.78
C VAL A 235 7.99 7.17 -6.12
N LEU A 236 7.46 5.96 -5.99
CA LEU A 236 8.21 4.87 -5.38
C LEU A 236 8.95 4.06 -6.44
N SER A 237 8.30 3.81 -7.57
CA SER A 237 8.90 3.05 -8.65
C SER A 237 8.98 3.89 -9.92
N SER A 238 8.83 3.24 -11.07
CA SER A 238 8.90 3.93 -12.35
C SER A 238 7.50 4.38 -12.80
N PRO A 239 7.47 5.37 -13.70
CA PRO A 239 6.21 5.91 -14.24
C PRO A 239 5.50 4.93 -15.15
N ALA A 240 4.45 4.29 -14.63
CA ALA A 240 3.69 3.32 -15.40
C ALA A 240 2.46 2.85 -14.63
N GLU A 241 1.69 1.95 -15.24
CA GLU A 241 0.48 1.43 -14.60
C GLU A 241 0.23 -0.01 -15.04
N SER A 242 -0.88 -0.58 -14.57
CA SER A 242 -1.24 -1.95 -14.90
C SER A 242 -2.74 -2.11 -14.99
N SER A 243 -3.19 -3.03 -15.84
CA SER A 243 -4.61 -3.28 -16.04
C SER A 243 -5.11 -4.35 -15.07
N SER A 244 -6.35 -4.79 -15.28
CA SER A 244 -6.95 -5.81 -14.43
C SER A 244 -8.13 -6.49 -15.13
N VAL A 245 -8.76 -7.43 -14.44
CA VAL A 245 -9.90 -8.14 -14.99
C VAL A 245 -11.18 -7.80 -14.24
N VAL A 246 -11.04 -7.54 -12.94
CA VAL A 246 -12.20 -7.20 -12.10
C VAL A 246 -12.49 -5.70 -12.15
#